data_4U38
# 
_entry.id   4U38 
# 
_audit_conform.dict_name       mmcif_pdbx.dic 
_audit_conform.dict_version    5.379 
_audit_conform.dict_location   http://mmcif.pdb.org/dictionaries/ascii/mmcif_pdbx.dic 
# 
loop_
_database_2.database_id 
_database_2.database_code 
_database_2.pdbx_database_accession 
_database_2.pdbx_DOI 
PDB   4U38         pdb_00004u38 10.2210/pdb4u38/pdb 
WWPDB D_1000202731 ?            ?                   
# 
loop_
_pdbx_database_related.db_name 
_pdbx_database_related.details 
_pdbx_database_related.db_id 
_pdbx_database_related.content_type 
PDB . 4U34 unspecified 
PDB . 4U35 unspecified 
PDB . 4U37 unspecified 
# 
_pdbx_database_status.status_code                     REL 
_pdbx_database_status.status_code_sf                  REL 
_pdbx_database_status.status_code_mr                  ? 
_pdbx_database_status.entry_id                        4U38 
_pdbx_database_status.recvd_initial_deposition_date   2014-07-18 
_pdbx_database_status.SG_entry                        N 
_pdbx_database_status.deposit_site                    RCSB 
_pdbx_database_status.process_site                    RCSB 
_pdbx_database_status.status_code_cs                  ? 
_pdbx_database_status.methods_development_category    ? 
_pdbx_database_status.pdb_format_compatible           Y 
_pdbx_database_status.status_code_nmr_data            ? 
# 
loop_
_audit_author.name 
_audit_author.pdbx_ordinal 
'Sheng, J.'     1 
'Larsen, A.'    2 
'Heuberger, B.' 3 
'Blain, J.C.'   4 
'Szostak, J.W.' 5 
# 
_citation.abstract                  ? 
_citation.abstract_id_CAS           ? 
_citation.book_id_ISBN              ? 
_citation.book_publisher            ? 
_citation.book_publisher_city       ? 
_citation.book_title                ? 
_citation.coordinate_linkage        ? 
_citation.country                   US 
_citation.database_id_Medline       ? 
_citation.details                   ? 
_citation.id                        primary 
_citation.journal_abbrev            J.Am.Chem.Soc. 
_citation.journal_id_ASTM           JACSAT 
_citation.journal_id_CSD            ? 
_citation.journal_id_ISSN           1520-5126 
_citation.journal_full              ? 
_citation.journal_issue             ? 
_citation.journal_volume            136 
_citation.language                  ? 
_citation.page_first                13916 
_citation.page_last                 13924 
_citation.title                     'Crystal Structure Studies of RNA Duplexes Containing s(2)U:A and s(2)U:U Base Pairs.' 
_citation.year                      2014 
_citation.database_id_CSD           ? 
_citation.pdbx_database_id_DOI      10.1021/ja508015a 
_citation.pdbx_database_id_PubMed   25188906 
_citation.unpublished_flag          ? 
# 
loop_
_citation_author.citation_id 
_citation_author.name 
_citation_author.ordinal 
_citation_author.identifier_ORCID 
primary 'Sheng, J.'       1 ? 
primary 'Larsen, A.'      2 ? 
primary 'Heuberger, B.D.' 3 ? 
primary 'Blain, J.C.'     4 ? 
primary 'Szostak, J.W.'   5 ? 
# 
_cell.entry_id           4U38 
_cell.length_a           29.028 
_cell.length_b           81.309 
_cell.length_c           36.669 
_cell.angle_alpha        90.00 
_cell.angle_beta         113.08 
_cell.angle_gamma        90.00 
_cell.Z_PDB              8 
_cell.pdbx_unique_axis   ? 
# 
_symmetry.entry_id                         4U38 
_symmetry.cell_setting                     ? 
_symmetry.Int_Tables_number                4 
_symmetry.space_group_name_Hall            ? 
_symmetry.space_group_name_H-M             'P 1 21 1' 
_symmetry.pdbx_full_space_group_name_H-M   ? 
# 
loop_
_entity.id 
_entity.type 
_entity.src_method 
_entity.pdbx_description 
_entity.formula_weight 
_entity.pdbx_number_of_molecules 
_entity.pdbx_ec 
_entity.pdbx_mutation 
_entity.pdbx_fragment 
_entity.details 
1 polymer syn 
;RNA (5'-R(*UP*AP*GP*CP*UP*CP*C)-3')
;
2157.331 4  ? ? ? ? 
2 polymer syn 
;RNA (5'-R(*GP*GP*UP*GP*CP*UP*A)-3')
;
2237.379 4  ? ? ? ? 
3 water   nat water                                 18.015   41 ? ? ? ? 
# 
loop_
_entity_poly.entity_id 
_entity_poly.type 
_entity_poly.nstd_linkage 
_entity_poly.nstd_monomer 
_entity_poly.pdbx_seq_one_letter_code 
_entity_poly.pdbx_seq_one_letter_code_can 
_entity_poly.pdbx_strand_id 
_entity_poly.pdbx_target_identifier 
1 polyribonucleotide no no UAGCUCC UAGCUCC A,C,E,G ? 
2 polyribonucleotide no no GGUGCUA GGUGCUA B,D,F,H ? 
# 
loop_
_entity_poly_seq.entity_id 
_entity_poly_seq.num 
_entity_poly_seq.mon_id 
_entity_poly_seq.hetero 
1 1 U n 
1 2 A n 
1 3 G n 
1 4 C n 
1 5 U n 
1 6 C n 
1 7 C n 
2 1 G n 
2 2 G n 
2 3 U n 
2 4 G n 
2 5 C n 
2 6 U n 
2 7 A n 
# 
loop_
_pdbx_entity_src_syn.entity_id 
_pdbx_entity_src_syn.pdbx_src_id 
_pdbx_entity_src_syn.pdbx_alt_source_flag 
_pdbx_entity_src_syn.pdbx_beg_seq_num 
_pdbx_entity_src_syn.pdbx_end_seq_num 
_pdbx_entity_src_syn.organism_scientific 
_pdbx_entity_src_syn.organism_common_name 
_pdbx_entity_src_syn.ncbi_taxonomy_id 
_pdbx_entity_src_syn.details 
1 1 sample 1 7 'synthetic construct' ? 32630 ? 
2 1 sample 1 7 'synthetic construct' ? 32630 ? 
# 
loop_
_struct_ref.id 
_struct_ref.db_name 
_struct_ref.db_code 
_struct_ref.pdbx_db_accession 
_struct_ref.pdbx_db_isoform 
_struct_ref.entity_id 
_struct_ref.pdbx_seq_one_letter_code 
_struct_ref.pdbx_align_begin 
1 PDB 4U38 4U38 ? 1 ? 1 
2 PDB 4U38 4U38 ? 2 ? 1 
# 
loop_
_struct_ref_seq.align_id 
_struct_ref_seq.ref_id 
_struct_ref_seq.pdbx_PDB_id_code 
_struct_ref_seq.pdbx_strand_id 
_struct_ref_seq.seq_align_beg 
_struct_ref_seq.pdbx_seq_align_beg_ins_code 
_struct_ref_seq.seq_align_end 
_struct_ref_seq.pdbx_seq_align_end_ins_code 
_struct_ref_seq.pdbx_db_accession 
_struct_ref_seq.db_align_beg 
_struct_ref_seq.pdbx_db_align_beg_ins_code 
_struct_ref_seq.db_align_end 
_struct_ref_seq.pdbx_db_align_end_ins_code 
_struct_ref_seq.pdbx_auth_seq_align_beg 
_struct_ref_seq.pdbx_auth_seq_align_end 
1 1 4U38 A 1 ? 7 ? 4U38 1 ? 7  ? 1 7  
2 2 4U38 B 1 ? 7 ? 4U38 8 ? 14 ? 8 14 
3 1 4U38 C 1 ? 7 ? 4U38 1 ? 7  ? 1 7  
4 2 4U38 D 1 ? 7 ? 4U38 8 ? 14 ? 8 14 
5 1 4U38 E 1 ? 7 ? 4U38 1 ? 7  ? 1 7  
6 2 4U38 F 1 ? 7 ? 4U38 8 ? 14 ? 8 14 
7 1 4U38 G 1 ? 7 ? 4U38 1 ? 7  ? 1 7  
8 2 4U38 H 1 ? 7 ? 4U38 8 ? 14 ? 8 14 
# 
loop_
_chem_comp.id 
_chem_comp.type 
_chem_comp.mon_nstd_flag 
_chem_comp.name 
_chem_comp.pdbx_synonyms 
_chem_comp.formula 
_chem_comp.formula_weight 
A   'RNA linking' y "ADENOSINE-5'-MONOPHOSPHATE" ? 'C10 H14 N5 O7 P' 347.221 
C   'RNA linking' y "CYTIDINE-5'-MONOPHOSPHATE"  ? 'C9 H14 N3 O8 P'  323.197 
G   'RNA linking' y "GUANOSINE-5'-MONOPHOSPHATE" ? 'C10 H14 N5 O8 P' 363.221 
HOH non-polymer   . WATER                        ? 'H2 O'            18.015  
U   'RNA linking' y "URIDINE-5'-MONOPHOSPHATE"   ? 'C9 H13 N2 O9 P'  324.181 
# 
_exptl.absorpt_coefficient_mu     ? 
_exptl.absorpt_correction_T_max   ? 
_exptl.absorpt_correction_T_min   ? 
_exptl.absorpt_correction_type    ? 
_exptl.absorpt_process_details    ? 
_exptl.entry_id                   4U38 
_exptl.crystals_number            ? 
_exptl.details                    ? 
_exptl.method                     'X-RAY DIFFRACTION' 
_exptl.method_details             ? 
# 
_exptl_crystal.colour                      ? 
_exptl_crystal.density_diffrn              ? 
_exptl_crystal.density_Matthews            2.37 
_exptl_crystal.density_method              ? 
_exptl_crystal.density_percent_sol         48.09 
_exptl_crystal.description                 ? 
_exptl_crystal.F_000                       ? 
_exptl_crystal.id                          1 
_exptl_crystal.preparation                 ? 
_exptl_crystal.size_max                    ? 
_exptl_crystal.size_mid                    ? 
_exptl_crystal.size_min                    ? 
_exptl_crystal.size_rad                    ? 
_exptl_crystal.colour_lustre               ? 
_exptl_crystal.colour_modifier             ? 
_exptl_crystal.colour_primary              ? 
_exptl_crystal.density_meas                ? 
_exptl_crystal.density_meas_esd            ? 
_exptl_crystal.density_meas_gt             ? 
_exptl_crystal.density_meas_lt             ? 
_exptl_crystal.density_meas_temp           ? 
_exptl_crystal.density_meas_temp_esd       ? 
_exptl_crystal.density_meas_temp_gt        ? 
_exptl_crystal.density_meas_temp_lt        ? 
_exptl_crystal.pdbx_crystal_image_url      ? 
_exptl_crystal.pdbx_crystal_image_format   ? 
_exptl_crystal.pdbx_mosaicity              ? 
_exptl_crystal.pdbx_mosaicity_esd          ? 
# 
_exptl_crystal_grow.apparatus       ? 
_exptl_crystal_grow.atmosphere      ? 
_exptl_crystal_grow.crystal_id      1 
_exptl_crystal_grow.details         ? 
_exptl_crystal_grow.method          'VAPOR DIFFUSION, HANGING DROP' 
_exptl_crystal_grow.method_ref      ? 
_exptl_crystal_grow.pH              7.0 
_exptl_crystal_grow.pressure        ? 
_exptl_crystal_grow.pressure_esd    ? 
_exptl_crystal_grow.seeding         ? 
_exptl_crystal_grow.seeding_ref     ? 
_exptl_crystal_grow.temp            293 
_exptl_crystal_grow.temp_details    ? 
_exptl_crystal_grow.temp_esd        ? 
_exptl_crystal_grow.time            ? 
_exptl_crystal_grow.pdbx_details    '10% MPD, 40 mM Na cacodylate pH 7.0, 12 mM spermine tetra-HCl, 80 mM KCl and 20 mM BaCl2' 
_exptl_crystal_grow.pdbx_pH_range   ? 
# 
_diffrn.ambient_environment    ? 
_diffrn.ambient_temp           99 
_diffrn.ambient_temp_details   ? 
_diffrn.ambient_temp_esd       ? 
_diffrn.crystal_id             1 
_diffrn.crystal_support        ? 
_diffrn.crystal_treatment      ? 
_diffrn.details                ? 
_diffrn.id                     1 
_diffrn.ambient_pressure       ? 
_diffrn.ambient_pressure_esd   ? 
_diffrn.ambient_pressure_gt    ? 
_diffrn.ambient_pressure_lt    ? 
_diffrn.ambient_temp_gt        ? 
_diffrn.ambient_temp_lt        ? 
# 
_diffrn_detector.details                      ? 
_diffrn_detector.detector                     CCD 
_diffrn_detector.diffrn_id                    1 
_diffrn_detector.type                         'ADSC QUANTUM 315' 
_diffrn_detector.area_resol_mean              ? 
_diffrn_detector.dtime                        ? 
_diffrn_detector.pdbx_frames_total            ? 
_diffrn_detector.pdbx_collection_time_total   ? 
_diffrn_detector.pdbx_collection_date         2012-05-06 
# 
_diffrn_radiation.collimation                      ? 
_diffrn_radiation.diffrn_id                        1 
_diffrn_radiation.filter_edge                      ? 
_diffrn_radiation.inhomogeneity                    ? 
_diffrn_radiation.monochromator                    'Double crystal, Si(111)' 
_diffrn_radiation.polarisn_norm                    ? 
_diffrn_radiation.polarisn_ratio                   ? 
_diffrn_radiation.probe                            ? 
_diffrn_radiation.type                             ? 
_diffrn_radiation.xray_symbol                      ? 
_diffrn_radiation.wavelength_id                    1 
_diffrn_radiation.pdbx_monochromatic_or_laue_m_l   M 
_diffrn_radiation.pdbx_wavelength_list             ? 
_diffrn_radiation.pdbx_wavelength                  ? 
_diffrn_radiation.pdbx_diffrn_protocol             'SINGLE WAVELENGTH' 
_diffrn_radiation.pdbx_analyzer                    ? 
_diffrn_radiation.pdbx_scattering_type             x-ray 
# 
_diffrn_radiation_wavelength.id           1 
_diffrn_radiation_wavelength.wavelength   1.0 
_diffrn_radiation_wavelength.wt           1.0 
# 
_diffrn_source.current                     ? 
_diffrn_source.details                     ? 
_diffrn_source.diffrn_id                   1 
_diffrn_source.power                       ? 
_diffrn_source.size                        ? 
_diffrn_source.source                      SYNCHROTRON 
_diffrn_source.target                      ? 
_diffrn_source.type                        'ALS BEAMLINE 8.2.2' 
_diffrn_source.voltage                     ? 
_diffrn_source.take-off_angle              ? 
_diffrn_source.pdbx_wavelength_list        1.0 
_diffrn_source.pdbx_wavelength             ? 
_diffrn_source.pdbx_synchrotron_beamline   8.2.2 
_diffrn_source.pdbx_synchrotron_site       ALS 
# 
_reflns.B_iso_Wilson_estimate            ? 
_reflns.entry_id                         4U38 
_reflns.data_reduction_details           ? 
_reflns.data_reduction_method            ? 
_reflns.d_resolution_high                1.8 
_reflns.d_resolution_low                 30 
_reflns.details                          ? 
_reflns.limit_h_max                      ? 
_reflns.limit_h_min                      ? 
_reflns.limit_k_max                      ? 
_reflns.limit_k_min                      ? 
_reflns.limit_l_max                      ? 
_reflns.limit_l_min                      ? 
_reflns.number_all                       13573 
_reflns.number_obs                       12816 
_reflns.observed_criterion               ? 
_reflns.observed_criterion_F_max         ? 
_reflns.observed_criterion_F_min         ? 
_reflns.observed_criterion_I_max         ? 
_reflns.observed_criterion_I_min         ? 
_reflns.observed_criterion_sigma_F       ? 
_reflns.observed_criterion_sigma_I       ? 
_reflns.percent_possible_obs             93.1 
_reflns.R_free_details                   ? 
_reflns.Rmerge_F_all                     ? 
_reflns.Rmerge_F_obs                     ? 
_reflns.Friedel_coverage                 ? 
_reflns.number_gt                        ? 
_reflns.threshold_expression             ? 
_reflns.pdbx_redundancy                  6.5 
_reflns.pdbx_Rmerge_I_obs                0.166 
_reflns.pdbx_Rmerge_I_all                ? 
_reflns.pdbx_Rsym_value                  0.148 
_reflns.pdbx_netI_over_av_sigmaI         ? 
_reflns.pdbx_netI_over_sigmaI            10.2 
_reflns.pdbx_res_netI_over_av_sigmaI_2   ? 
_reflns.pdbx_res_netI_over_sigmaI_2      ? 
_reflns.pdbx_chi_squared                 ? 
_reflns.pdbx_scaling_rejects             ? 
_reflns.pdbx_d_res_high_opt              ? 
_reflns.pdbx_d_res_low_opt               ? 
_reflns.pdbx_d_res_opt_method            ? 
_reflns.phase_calculation_details        ? 
_reflns.pdbx_Rrim_I_all                  ? 
_reflns.pdbx_Rpim_I_all                  ? 
_reflns.pdbx_d_opt                       ? 
_reflns.pdbx_number_measured_all         ? 
_reflns.pdbx_diffrn_id                   1 
_reflns.pdbx_ordinal                     1 
_reflns.pdbx_CC_half                     ? 
_reflns.pdbx_R_split                     ? 
# 
_reflns_shell.d_res_high                  1.80 
_reflns_shell.d_res_low                   1.86 
_reflns_shell.meanI_over_sigI_all         ? 
_reflns_shell.meanI_over_sigI_obs         2 
_reflns_shell.number_measured_all         ? 
_reflns_shell.number_measured_obs         ? 
_reflns_shell.number_possible             ? 
_reflns_shell.number_unique_all           ? 
_reflns_shell.number_unique_obs           ? 
_reflns_shell.percent_possible_all        76.6 
_reflns_shell.percent_possible_obs        ? 
_reflns_shell.Rmerge_F_all                ? 
_reflns_shell.Rmerge_F_obs                ? 
_reflns_shell.Rmerge_I_all                ? 
_reflns_shell.Rmerge_I_obs                0.355 
_reflns_shell.meanI_over_sigI_gt          ? 
_reflns_shell.meanI_over_uI_all           ? 
_reflns_shell.meanI_over_uI_gt            ? 
_reflns_shell.number_measured_gt          ? 
_reflns_shell.number_unique_gt            ? 
_reflns_shell.percent_possible_gt         ? 
_reflns_shell.Rmerge_F_gt                 ? 
_reflns_shell.Rmerge_I_gt                 ? 
_reflns_shell.pdbx_redundancy             3.5 
_reflns_shell.pdbx_Rsym_value             ? 
_reflns_shell.pdbx_chi_squared            ? 
_reflns_shell.pdbx_netI_over_sigmaI_all   ? 
_reflns_shell.pdbx_netI_over_sigmaI_obs   ? 
_reflns_shell.pdbx_Rrim_I_all             ? 
_reflns_shell.pdbx_Rpim_I_all             ? 
_reflns_shell.pdbx_rejects                ? 
_reflns_shell.pdbx_ordinal                1 
_reflns_shell.pdbx_diffrn_id              1 
_reflns_shell.pdbx_CC_half                ? 
_reflns_shell.pdbx_R_split                ? 
# 
_refine.aniso_B[1][1]                            6.07 
_refine.aniso_B[1][2]                            0.00 
_refine.aniso_B[1][3]                            -2.76 
_refine.aniso_B[2][2]                            6.69 
_refine.aniso_B[2][3]                            0.00 
_refine.aniso_B[3][3]                            -12.75 
_refine.B_iso_max                                ? 
_refine.B_iso_mean                               37.696 
_refine.B_iso_min                                ? 
_refine.correlation_coeff_Fo_to_Fc               0.963 
_refine.correlation_coeff_Fo_to_Fc_free          0.946 
_refine.details                                  'HYDROGENS HAVE BEEN USED IF PRESENT IN THE INPUT' 
_refine.diff_density_max                         ? 
_refine.diff_density_max_esd                     ? 
_refine.diff_density_min                         ? 
_refine.diff_density_min_esd                     ? 
_refine.diff_density_rms                         ? 
_refine.diff_density_rms_esd                     ? 
_refine.entry_id                                 4U38 
_refine.pdbx_refine_id                           'X-RAY DIFFRACTION' 
_refine.ls_abs_structure_details                 ? 
_refine.ls_abs_structure_Flack                   ? 
_refine.ls_abs_structure_Flack_esd               ? 
_refine.ls_abs_structure_Rogers                  ? 
_refine.ls_abs_structure_Rogers_esd              ? 
_refine.ls_d_res_high                            1.80 
_refine.ls_d_res_low                             30.00 
_refine.ls_extinction_coef                       ? 
_refine.ls_extinction_coef_esd                   ? 
_refine.ls_extinction_expression                 ? 
_refine.ls_extinction_method                     ? 
_refine.ls_goodness_of_fit_all                   ? 
_refine.ls_goodness_of_fit_all_esd               ? 
_refine.ls_goodness_of_fit_obs                   ? 
_refine.ls_goodness_of_fit_obs_esd               ? 
_refine.ls_hydrogen_treatment                    ? 
_refine.ls_matrix_type                           ? 
_refine.ls_number_constraints                    ? 
_refine.ls_number_parameters                     ? 
_refine.ls_number_reflns_all                     ? 
_refine.ls_number_reflns_obs                     12816 
_refine.ls_number_reflns_R_free                  732 
_refine.ls_number_reflns_R_work                  ? 
_refine.ls_number_restraints                     ? 
_refine.ls_percent_reflns_obs                    92.09 
_refine.ls_percent_reflns_R_free                 5.4 
_refine.ls_R_factor_all                          ? 
_refine.ls_R_factor_obs                          0.21345 
_refine.ls_R_factor_R_free                       0.25198 
_refine.ls_R_factor_R_free_error                 ? 
_refine.ls_R_factor_R_free_error_details         ? 
_refine.ls_R_factor_R_work                       0.21083 
_refine.ls_R_Fsqd_factor_obs                     ? 
_refine.ls_R_I_factor_obs                        ? 
_refine.ls_redundancy_reflns_all                 ? 
_refine.ls_redundancy_reflns_obs                 ? 
_refine.ls_restrained_S_all                      ? 
_refine.ls_restrained_S_obs                      ? 
_refine.ls_shift_over_esd_max                    ? 
_refine.ls_shift_over_esd_mean                   ? 
_refine.ls_structure_factor_coef                 ? 
_refine.ls_weighting_details                     ? 
_refine.ls_weighting_scheme                      ? 
_refine.ls_wR_factor_all                         ? 
_refine.ls_wR_factor_obs                         ? 
_refine.ls_wR_factor_R_free                      ? 
_refine.ls_wR_factor_R_work                      ? 
_refine.occupancy_max                            ? 
_refine.occupancy_min                            ? 
_refine.solvent_model_details                    MASK 
_refine.solvent_model_param_bsol                 ? 
_refine.solvent_model_param_ksol                 ? 
_refine.ls_R_factor_gt                           ? 
_refine.ls_goodness_of_fit_gt                    ? 
_refine.ls_goodness_of_fit_ref                   ? 
_refine.ls_shift_over_su_max                     ? 
_refine.ls_shift_over_su_max_lt                  ? 
_refine.ls_shift_over_su_mean                    ? 
_refine.ls_shift_over_su_mean_lt                 ? 
_refine.pdbx_ls_sigma_I                          ? 
_refine.pdbx_ls_sigma_F                          ? 
_refine.pdbx_ls_sigma_Fsqd                       ? 
_refine.pdbx_data_cutoff_high_absF               ? 
_refine.pdbx_data_cutoff_high_rms_absF           ? 
_refine.pdbx_data_cutoff_low_absF                ? 
_refine.pdbx_isotropic_thermal_model             ? 
_refine.pdbx_ls_cross_valid_method               THROUGHOUT 
_refine.pdbx_method_to_determine_struct          'MOLECULAR REPLACEMENT' 
_refine.pdbx_starting_model                      434D 
_refine.pdbx_stereochemistry_target_values       'MAXIMUM LIKELIHOOD' 
_refine.pdbx_R_Free_selection_details            RANDOM 
_refine.pdbx_stereochem_target_val_spec_case     ? 
_refine.pdbx_overall_ESU_R                       0.032 
_refine.pdbx_overall_ESU_R_Free                  0.031 
_refine.pdbx_solvent_vdw_probe_radii             1.20 
_refine.pdbx_solvent_ion_probe_radii             0.80 
_refine.pdbx_solvent_shrinkage_radii             0.80 
_refine.pdbx_real_space_R                        ? 
_refine.pdbx_density_correlation                 ? 
_refine.pdbx_pd_number_of_powder_patterns        ? 
_refine.pdbx_pd_number_of_points                 ? 
_refine.pdbx_pd_meas_number_of_points            ? 
_refine.pdbx_pd_proc_ls_prof_R_factor            ? 
_refine.pdbx_pd_proc_ls_prof_wR_factor           ? 
_refine.pdbx_pd_Marquardt_correlation_coeff      ? 
_refine.pdbx_pd_Fsqrd_R_factor                   ? 
_refine.pdbx_pd_ls_matrix_band_width             ? 
_refine.pdbx_overall_phase_error                 ? 
_refine.pdbx_overall_SU_R_free_Cruickshank_DPI   ? 
_refine.pdbx_overall_SU_R_free_Blow_DPI          ? 
_refine.pdbx_overall_SU_R_Blow_DPI               ? 
_refine.pdbx_TLS_residual_ADP_flag               ? 
_refine.pdbx_diffrn_id                           1 
_refine.overall_SU_B                             4.906 
_refine.overall_SU_ML                            0.124 
_refine.overall_SU_R_Cruickshank_DPI             ? 
_refine.overall_SU_R_free                        ? 
_refine.overall_FOM_free_R_set                   ? 
_refine.overall_FOM_work_R_set                   ? 
# 
_refine_hist.pdbx_refine_id                   'X-RAY DIFFRACTION' 
_refine_hist.cycle_id                         1 
_refine_hist.pdbx_number_atoms_protein        0 
_refine_hist.pdbx_number_atoms_nucleic_acid   1160 
_refine_hist.pdbx_number_atoms_ligand         0 
_refine_hist.number_atoms_solvent             41 
_refine_hist.number_atoms_total               1201 
_refine_hist.d_res_high                       1.80 
_refine_hist.d_res_low                        30.00 
# 
loop_
_refine_ls_restr.pdbx_refine_id 
_refine_ls_restr.criterion 
_refine_ls_restr.dev_ideal 
_refine_ls_restr.dev_ideal_target 
_refine_ls_restr.number 
_refine_ls_restr.rejects 
_refine_ls_restr.type 
_refine_ls_restr.weight 
_refine_ls_restr.pdbx_restraint_function 
'X-RAY DIFFRACTION' ? 0.011 0.011 1288 ? r_bond_refined_d             ? ? 
'X-RAY DIFFRACTION' ? ?     ?     ?    ? r_bond_other_d               ? ? 
'X-RAY DIFFRACTION' ? 1.842 1.449 1992 ? r_angle_refined_deg          ? ? 
'X-RAY DIFFRACTION' ? ?     ?     ?    ? r_angle_other_deg            ? ? 
'X-RAY DIFFRACTION' ? ?     ?     ?    ? r_dihedral_angle_1_deg       ? ? 
'X-RAY DIFFRACTION' ? ?     ?     ?    ? r_dihedral_angle_2_deg       ? ? 
'X-RAY DIFFRACTION' ? ?     ?     ?    ? r_dihedral_angle_3_deg       ? ? 
'X-RAY DIFFRACTION' ? ?     ?     ?    ? r_dihedral_angle_4_deg       ? ? 
'X-RAY DIFFRACTION' ? 0.088 0.200 224  ? r_chiral_restr               ? ? 
'X-RAY DIFFRACTION' ? 0.018 0.020 568  ? r_gen_planes_refined         ? ? 
'X-RAY DIFFRACTION' ? ?     ?     ?    ? r_gen_planes_other           ? ? 
'X-RAY DIFFRACTION' ? ?     ?     ?    ? r_nbd_refined                ? ? 
'X-RAY DIFFRACTION' ? ?     ?     ?    ? r_nbd_other                  ? ? 
'X-RAY DIFFRACTION' ? ?     ?     ?    ? r_nbtor_refined              ? ? 
'X-RAY DIFFRACTION' ? ?     ?     ?    ? r_nbtor_other                ? ? 
'X-RAY DIFFRACTION' ? ?     ?     ?    ? r_xyhbond_nbd_refined        ? ? 
'X-RAY DIFFRACTION' ? ?     ?     ?    ? r_xyhbond_nbd_other          ? ? 
'X-RAY DIFFRACTION' ? ?     ?     ?    ? r_metal_ion_refined          ? ? 
'X-RAY DIFFRACTION' ? ?     ?     ?    ? r_metal_ion_other            ? ? 
'X-RAY DIFFRACTION' ? ?     ?     ?    ? r_symmetry_vdw_refined       ? ? 
'X-RAY DIFFRACTION' ? ?     ?     ?    ? r_symmetry_vdw_other         ? ? 
'X-RAY DIFFRACTION' ? ?     ?     ?    ? r_symmetry_hbond_refined     ? ? 
'X-RAY DIFFRACTION' ? ?     ?     ?    ? r_symmetry_hbond_other       ? ? 
'X-RAY DIFFRACTION' ? ?     ?     ?    ? r_symmetry_metal_ion_refined ? ? 
'X-RAY DIFFRACTION' ? ?     ?     ?    ? r_symmetry_metal_ion_other   ? ? 
'X-RAY DIFFRACTION' ? ?     ?     ?    ? r_mcbond_it                  ? ? 
'X-RAY DIFFRACTION' ? ?     ?     ?    ? r_mcbond_other               ? ? 
'X-RAY DIFFRACTION' ? ?     ?     ?    ? r_mcangle_it                 ? ? 
'X-RAY DIFFRACTION' ? ?     ?     ?    ? r_mcangle_other              ? ? 
'X-RAY DIFFRACTION' ? ?     ?     ?    ? r_scbond_it                  ? ? 
'X-RAY DIFFRACTION' ? ?     ?     ?    ? r_scbond_other               ? ? 
'X-RAY DIFFRACTION' ? ?     ?     ?    ? r_scangle_it                 ? ? 
'X-RAY DIFFRACTION' ? ?     ?     ?    ? r_scangle_other              ? ? 
'X-RAY DIFFRACTION' ? ?     ?     ?    ? r_long_range_B_refined       ? ? 
'X-RAY DIFFRACTION' ? ?     ?     ?    ? r_long_range_B_other         ? ? 
'X-RAY DIFFRACTION' ? ?     ?     ?    ? r_rigid_bond_restr           ? ? 
'X-RAY DIFFRACTION' ? ?     ?     ?    ? r_sphericity_free            ? ? 
'X-RAY DIFFRACTION' ? ?     ?     ?    ? r_sphericity_bonded          ? ? 
# 
_refine_ls_shell.pdbx_refine_id                   'X-RAY DIFFRACTION' 
_refine_ls_shell.d_res_high                       1.793 
_refine_ls_shell.d_res_low                        1.839 
_refine_ls_shell.number_reflns_all                ? 
_refine_ls_shell.number_reflns_obs                ? 
_refine_ls_shell.number_reflns_R_free             35 
_refine_ls_shell.number_reflns_R_work             629 
_refine_ls_shell.percent_reflns_obs               60.64 
_refine_ls_shell.percent_reflns_R_free            ? 
_refine_ls_shell.R_factor_all                     ? 
_refine_ls_shell.R_factor_obs                     ? 
_refine_ls_shell.R_factor_R_free                  0.343 
_refine_ls_shell.R_factor_R_free_error            ? 
_refine_ls_shell.R_factor_R_work                  0.275 
_refine_ls_shell.redundancy_reflns_all            ? 
_refine_ls_shell.redundancy_reflns_obs            ? 
_refine_ls_shell.wR_factor_all                    ? 
_refine_ls_shell.wR_factor_obs                    ? 
_refine_ls_shell.wR_factor_R_free                 ? 
_refine_ls_shell.wR_factor_R_work                 ? 
_refine_ls_shell.pdbx_total_number_of_bins_used   20 
_refine_ls_shell.pdbx_phase_error                 ? 
# 
_struct.entry_id                     4U38 
_struct.title                        'RNA duplex containing UU mispair' 
_struct.pdbx_model_details           ? 
_struct.pdbx_formula_weight          ? 
_struct.pdbx_formula_weight_method   ? 
_struct.pdbx_model_type_details      ? 
_struct.pdbx_CASP_flag               ? 
# 
_struct_keywords.entry_id        4U38 
_struct_keywords.text            'RNA Duplex, UU mispair, RNA' 
_struct_keywords.pdbx_keywords   RNA 
# 
loop_
_struct_asym.id 
_struct_asym.pdbx_blank_PDB_chainid_flag 
_struct_asym.pdbx_modified 
_struct_asym.entity_id 
_struct_asym.details 
A N N 1 ? 
B N N 2 ? 
C N N 1 ? 
D N N 2 ? 
E N N 1 ? 
F N N 2 ? 
G N N 1 ? 
H N N 2 ? 
I N N 3 ? 
J N N 3 ? 
K N N 3 ? 
L N N 3 ? 
M N N 3 ? 
N N N 3 ? 
O N N 3 ? 
P N N 3 ? 
# 
loop_
_struct_conn.id 
_struct_conn.conn_type_id 
_struct_conn.pdbx_leaving_atom_flag 
_struct_conn.pdbx_PDB_id 
_struct_conn.ptnr1_label_asym_id 
_struct_conn.ptnr1_label_comp_id 
_struct_conn.ptnr1_label_seq_id 
_struct_conn.ptnr1_label_atom_id 
_struct_conn.pdbx_ptnr1_label_alt_id 
_struct_conn.pdbx_ptnr1_PDB_ins_code 
_struct_conn.pdbx_ptnr1_standard_comp_id 
_struct_conn.ptnr1_symmetry 
_struct_conn.ptnr2_label_asym_id 
_struct_conn.ptnr2_label_comp_id 
_struct_conn.ptnr2_label_seq_id 
_struct_conn.ptnr2_label_atom_id 
_struct_conn.pdbx_ptnr2_label_alt_id 
_struct_conn.pdbx_ptnr2_PDB_ins_code 
_struct_conn.ptnr1_auth_asym_id 
_struct_conn.ptnr1_auth_comp_id 
_struct_conn.ptnr1_auth_seq_id 
_struct_conn.ptnr2_auth_asym_id 
_struct_conn.ptnr2_auth_comp_id 
_struct_conn.ptnr2_auth_seq_id 
_struct_conn.ptnr2_symmetry 
_struct_conn.pdbx_ptnr3_label_atom_id 
_struct_conn.pdbx_ptnr3_label_seq_id 
_struct_conn.pdbx_ptnr3_label_comp_id 
_struct_conn.pdbx_ptnr3_label_asym_id 
_struct_conn.pdbx_ptnr3_label_alt_id 
_struct_conn.pdbx_ptnr3_PDB_ins_code 
_struct_conn.details 
_struct_conn.pdbx_dist_value 
_struct_conn.pdbx_value_order 
_struct_conn.pdbx_role 
hydrog1  hydrog ? ? A U 1 N3 ? ? ? 1_555 B A 7 N1 ? ? A U 1 B A 14 1_555 ? ? ? ? ? ? WATSON-CRICK  ? ? ? 
hydrog2  hydrog ? ? A U 1 O4 ? ? ? 1_555 B A 7 N6 ? ? A U 1 B A 14 1_555 ? ? ? ? ? ? WATSON-CRICK  ? ? ? 
hydrog3  hydrog ? ? A A 2 N1 ? ? ? 1_555 B U 6 N3 ? ? A A 2 B U 13 1_555 ? ? ? ? ? ? WATSON-CRICK  ? ? ? 
hydrog4  hydrog ? ? A A 2 N6 ? ? ? 1_555 B U 6 O4 ? ? A A 2 B U 13 1_555 ? ? ? ? ? ? WATSON-CRICK  ? ? ? 
hydrog5  hydrog ? ? A G 3 N1 ? ? ? 1_555 B C 5 N3 ? ? A G 3 B C 12 1_555 ? ? ? ? ? ? WATSON-CRICK  ? ? ? 
hydrog6  hydrog ? ? A G 3 N2 ? ? ? 1_555 B C 5 O2 ? ? A G 3 B C 12 1_555 ? ? ? ? ? ? WATSON-CRICK  ? ? ? 
hydrog7  hydrog ? ? A G 3 O6 ? ? ? 1_555 B C 5 N4 ? ? A G 3 B C 12 1_555 ? ? ? ? ? ? WATSON-CRICK  ? ? ? 
hydrog8  hydrog ? ? A C 4 N3 ? ? ? 1_555 B G 4 N1 ? ? A C 4 B G 11 1_555 ? ? ? ? ? ? WATSON-CRICK  ? ? ? 
hydrog9  hydrog ? ? A C 4 N4 ? ? ? 1_555 B G 4 O6 ? ? A C 4 B G 11 1_555 ? ? ? ? ? ? WATSON-CRICK  ? ? ? 
hydrog10 hydrog ? ? A C 4 O2 ? ? ? 1_555 B G 4 N2 ? ? A C 4 B G 11 1_555 ? ? ? ? ? ? WATSON-CRICK  ? ? ? 
hydrog11 hydrog ? ? A U 5 N3 ? ? ? 1_555 B U 3 O2 ? ? A U 5 B U 10 1_555 ? ? ? ? ? ? TYPE_16_PAIR  ? ? ? 
hydrog12 hydrog ? ? A U 5 O4 ? ? ? 1_555 B U 3 N3 ? ? A U 5 B U 10 1_555 ? ? ? ? ? ? TYPE_16_PAIR  ? ? ? 
hydrog13 hydrog ? ? A C 6 N3 ? ? ? 1_555 B G 2 N1 ? ? A C 6 B G 9  1_555 ? ? ? ? ? ? WATSON-CRICK  ? ? ? 
hydrog14 hydrog ? ? A C 6 N4 ? ? ? 1_555 B G 2 O6 ? ? A C 6 B G 9  1_555 ? ? ? ? ? ? WATSON-CRICK  ? ? ? 
hydrog15 hydrog ? ? A C 6 O2 ? ? ? 1_555 B G 2 N2 ? ? A C 6 B G 9  1_555 ? ? ? ? ? ? WATSON-CRICK  ? ? ? 
hydrog16 hydrog ? ? A C 7 N3 ? ? ? 1_555 B G 1 N1 ? ? A C 7 B G 8  1_555 ? ? ? ? ? ? WATSON-CRICK  ? ? ? 
hydrog17 hydrog ? ? A C 7 N4 ? ? ? 1_555 B G 1 O6 ? ? A C 7 B G 8  1_555 ? ? ? ? ? ? WATSON-CRICK  ? ? ? 
hydrog18 hydrog ? ? A C 7 O2 ? ? ? 1_555 B G 1 N2 ? ? A C 7 B G 8  1_555 ? ? ? ? ? ? WATSON-CRICK  ? ? ? 
hydrog19 hydrog ? ? C U 1 N3 ? ? ? 1_555 D A 7 N1 ? ? C U 1 D A 14 1_555 ? ? ? ? ? ? WATSON-CRICK  ? ? ? 
hydrog20 hydrog ? ? C U 1 O4 ? ? ? 1_555 D A 7 N6 ? ? C U 1 D A 14 1_555 ? ? ? ? ? ? WATSON-CRICK  ? ? ? 
hydrog21 hydrog ? ? C A 2 N1 ? ? ? 1_555 D U 6 N3 ? ? C A 2 D U 13 1_555 ? ? ? ? ? ? WATSON-CRICK  ? ? ? 
hydrog22 hydrog ? ? C A 2 N6 ? ? ? 1_555 D U 6 O4 ? ? C A 2 D U 13 1_555 ? ? ? ? ? ? WATSON-CRICK  ? ? ? 
hydrog23 hydrog ? ? C G 3 N1 ? ? ? 1_555 D C 5 N3 ? ? C G 3 D C 12 1_555 ? ? ? ? ? ? WATSON-CRICK  ? ? ? 
hydrog24 hydrog ? ? C G 3 N2 ? ? ? 1_555 D C 5 O2 ? ? C G 3 D C 12 1_555 ? ? ? ? ? ? WATSON-CRICK  ? ? ? 
hydrog25 hydrog ? ? C G 3 O6 ? ? ? 1_555 D C 5 N4 ? ? C G 3 D C 12 1_555 ? ? ? ? ? ? WATSON-CRICK  ? ? ? 
hydrog26 hydrog ? ? C C 4 N3 ? ? ? 1_555 D G 4 N1 ? ? C C 4 D G 11 1_555 ? ? ? ? ? ? WATSON-CRICK  ? ? ? 
hydrog27 hydrog ? ? C C 4 N4 ? ? ? 1_555 D G 4 O6 ? ? C C 4 D G 11 1_555 ? ? ? ? ? ? WATSON-CRICK  ? ? ? 
hydrog28 hydrog ? ? C C 4 O2 ? ? ? 1_555 D G 4 N2 ? ? C C 4 D G 11 1_555 ? ? ? ? ? ? WATSON-CRICK  ? ? ? 
hydrog29 hydrog ? ? C U 5 N3 ? ? ? 1_555 D U 3 O4 ? ? C U 5 D U 10 1_555 ? ? ? ? ? ? TYPE_16_PAIR  ? ? ? 
hydrog30 hydrog ? ? C U 5 O2 ? ? ? 1_555 D U 3 N3 ? ? C U 5 D U 10 1_555 ? ? ? ? ? ? TYPE_16_PAIR  ? ? ? 
hydrog31 hydrog ? ? C C 6 N3 ? ? ? 1_555 D G 2 N1 ? ? C C 6 D G 9  1_555 ? ? ? ? ? ? WATSON-CRICK  ? ? ? 
hydrog32 hydrog ? ? C C 6 N4 ? ? ? 1_555 D G 2 O6 ? ? C C 6 D G 9  1_555 ? ? ? ? ? ? WATSON-CRICK  ? ? ? 
hydrog33 hydrog ? ? C C 6 O2 ? ? ? 1_555 D G 2 N2 ? ? C C 6 D G 9  1_555 ? ? ? ? ? ? WATSON-CRICK  ? ? ? 
hydrog34 hydrog ? ? C C 7 N3 ? ? ? 1_555 D G 1 N1 ? ? C C 7 D G 8  1_555 ? ? ? ? ? ? WATSON-CRICK  ? ? ? 
hydrog35 hydrog ? ? C C 7 N4 ? ? ? 1_555 D G 1 O6 ? ? C C 7 D G 8  1_555 ? ? ? ? ? ? WATSON-CRICK  ? ? ? 
hydrog36 hydrog ? ? C C 7 O2 ? ? ? 1_555 D G 1 N2 ? ? C C 7 D G 8  1_555 ? ? ? ? ? ? WATSON-CRICK  ? ? ? 
hydrog37 hydrog ? ? E U 1 N3 ? ? ? 1_555 F A 7 N1 ? ? E U 1 F A 14 1_555 ? ? ? ? ? ? WATSON-CRICK  ? ? ? 
hydrog38 hydrog ? ? E U 1 O4 ? ? ? 1_555 F A 7 N6 ? ? E U 1 F A 14 1_555 ? ? ? ? ? ? WATSON-CRICK  ? ? ? 
hydrog39 hydrog ? ? E A 2 N1 ? ? ? 1_555 F U 6 N3 ? ? E A 2 F U 13 1_555 ? ? ? ? ? ? WATSON-CRICK  ? ? ? 
hydrog40 hydrog ? ? E A 2 N6 ? ? ? 1_555 F U 6 O4 ? ? E A 2 F U 13 1_555 ? ? ? ? ? ? WATSON-CRICK  ? ? ? 
hydrog41 hydrog ? ? E G 3 N1 ? ? ? 1_555 F C 5 N3 ? ? E G 3 F C 12 1_555 ? ? ? ? ? ? WATSON-CRICK  ? ? ? 
hydrog42 hydrog ? ? E G 3 N2 ? ? ? 1_555 F C 5 O2 ? ? E G 3 F C 12 1_555 ? ? ? ? ? ? WATSON-CRICK  ? ? ? 
hydrog43 hydrog ? ? E G 3 O6 ? ? ? 1_555 F C 5 N4 ? ? E G 3 F C 12 1_555 ? ? ? ? ? ? WATSON-CRICK  ? ? ? 
hydrog44 hydrog ? ? E C 4 N3 ? ? ? 1_555 F G 4 N1 ? ? E C 4 F G 11 1_555 ? ? ? ? ? ? WATSON-CRICK  ? ? ? 
hydrog45 hydrog ? ? E C 4 N4 ? ? ? 1_555 F G 4 O6 ? ? E C 4 F G 11 1_555 ? ? ? ? ? ? WATSON-CRICK  ? ? ? 
hydrog46 hydrog ? ? E C 4 O2 ? ? ? 1_555 F G 4 N2 ? ? E C 4 F G 11 1_555 ? ? ? ? ? ? WATSON-CRICK  ? ? ? 
hydrog47 hydrog ? ? E U 5 N3 ? ? ? 1_555 F U 3 O4 ? ? E U 5 F U 10 1_555 ? ? ? ? ? ? 'U-U MISPAIR' ? ? ? 
hydrog48 hydrog ? ? E C 6 N3 ? ? ? 1_555 F G 2 N1 ? ? E C 6 F G 9  1_555 ? ? ? ? ? ? WATSON-CRICK  ? ? ? 
hydrog49 hydrog ? ? E C 6 N4 ? ? ? 1_555 F G 2 O6 ? ? E C 6 F G 9  1_555 ? ? ? ? ? ? WATSON-CRICK  ? ? ? 
hydrog50 hydrog ? ? E C 6 O2 ? ? ? 1_555 F G 2 N2 ? ? E C 6 F G 9  1_555 ? ? ? ? ? ? WATSON-CRICK  ? ? ? 
hydrog51 hydrog ? ? E C 7 N3 ? ? ? 1_555 F G 1 N1 ? ? E C 7 F G 8  1_555 ? ? ? ? ? ? WATSON-CRICK  ? ? ? 
hydrog52 hydrog ? ? E C 7 N4 ? ? ? 1_555 F G 1 O6 ? ? E C 7 F G 8  1_555 ? ? ? ? ? ? WATSON-CRICK  ? ? ? 
hydrog53 hydrog ? ? E C 7 O2 ? ? ? 1_555 F G 1 N2 ? ? E C 7 F G 8  1_555 ? ? ? ? ? ? WATSON-CRICK  ? ? ? 
hydrog54 hydrog ? ? G U 1 N3 ? ? ? 1_555 H A 7 N1 ? ? G U 1 H A 14 1_555 ? ? ? ? ? ? WATSON-CRICK  ? ? ? 
hydrog55 hydrog ? ? G U 1 O4 ? ? ? 1_555 H A 7 N6 ? ? G U 1 H A 14 1_555 ? ? ? ? ? ? WATSON-CRICK  ? ? ? 
hydrog56 hydrog ? ? G A 2 N1 ? ? ? 1_555 H U 6 N3 ? ? G A 2 H U 13 1_555 ? ? ? ? ? ? WATSON-CRICK  ? ? ? 
hydrog57 hydrog ? ? G A 2 N6 ? ? ? 1_555 H U 6 O4 ? ? G A 2 H U 13 1_555 ? ? ? ? ? ? WATSON-CRICK  ? ? ? 
hydrog58 hydrog ? ? G G 3 N1 ? ? ? 1_555 H C 5 N3 ? ? G G 3 H C 12 1_555 ? ? ? ? ? ? WATSON-CRICK  ? ? ? 
hydrog59 hydrog ? ? G G 3 N2 ? ? ? 1_555 H C 5 O2 ? ? G G 3 H C 12 1_555 ? ? ? ? ? ? WATSON-CRICK  ? ? ? 
hydrog60 hydrog ? ? G G 3 O6 ? ? ? 1_555 H C 5 N4 ? ? G G 3 H C 12 1_555 ? ? ? ? ? ? WATSON-CRICK  ? ? ? 
hydrog61 hydrog ? ? G C 4 N3 ? ? ? 1_555 H G 4 N1 ? ? G C 4 H G 11 1_555 ? ? ? ? ? ? WATSON-CRICK  ? ? ? 
hydrog62 hydrog ? ? G C 4 N4 ? ? ? 1_555 H G 4 O6 ? ? G C 4 H G 11 1_555 ? ? ? ? ? ? WATSON-CRICK  ? ? ? 
hydrog63 hydrog ? ? G C 4 O2 ? ? ? 1_555 H G 4 N2 ? ? G C 4 H G 11 1_555 ? ? ? ? ? ? WATSON-CRICK  ? ? ? 
hydrog64 hydrog ? ? G C 6 N3 ? ? ? 1_555 H G 2 N1 ? ? G C 6 H G 9  1_555 ? ? ? ? ? ? WATSON-CRICK  ? ? ? 
hydrog65 hydrog ? ? G C 6 N4 ? ? ? 1_555 H G 2 O6 ? ? G C 6 H G 9  1_555 ? ? ? ? ? ? WATSON-CRICK  ? ? ? 
hydrog66 hydrog ? ? G C 6 O2 ? ? ? 1_555 H G 2 N2 ? ? G C 6 H G 9  1_555 ? ? ? ? ? ? WATSON-CRICK  ? ? ? 
hydrog67 hydrog ? ? G C 7 N3 ? ? ? 1_555 H G 1 N1 ? ? G C 7 H G 8  1_555 ? ? ? ? ? ? WATSON-CRICK  ? ? ? 
hydrog68 hydrog ? ? G C 7 N4 ? ? ? 1_555 H G 1 O6 ? ? G C 7 H G 8  1_555 ? ? ? ? ? ? WATSON-CRICK  ? ? ? 
hydrog69 hydrog ? ? G C 7 O2 ? ? ? 1_555 H G 1 N2 ? ? G C 7 H G 8  1_555 ? ? ? ? ? ? WATSON-CRICK  ? ? ? 
# 
_struct_conn_type.id          hydrog 
_struct_conn_type.criteria    ? 
_struct_conn_type.reference   ? 
# 
_atom_sites.entry_id                    4U38 
_atom_sites.fract_transf_matrix[1][1]   0.01807211 
_atom_sites.fract_transf_matrix[1][2]   0.01639435 
_atom_sites.fract_transf_matrix[1][3]   0.02840529 
_atom_sites.fract_transf_matrix[2][1]   -0.01039083 
_atom_sites.fract_transf_matrix[2][2]   0.00005394 
_atom_sites.fract_transf_matrix[2][3]   0.00657976 
_atom_sites.fract_transf_matrix[3][1]   0.01190526 
_atom_sites.fract_transf_matrix[3][2]   -0.01943044 
_atom_sites.fract_transf_matrix[3][3]   0.01896021 
_atom_sites.fract_transf_vector[1]      0.276413 
_atom_sites.fract_transf_vector[2]      0.082383 
_atom_sites.fract_transf_vector[3]      0.082690 
# 
loop_
_atom_type.symbol 
C 
N 
O 
P 
# 
loop_
_atom_site.group_PDB 
_atom_site.id 
_atom_site.type_symbol 
_atom_site.label_atom_id 
_atom_site.label_alt_id 
_atom_site.label_comp_id 
_atom_site.label_asym_id 
_atom_site.label_entity_id 
_atom_site.label_seq_id 
_atom_site.pdbx_PDB_ins_code 
_atom_site.Cartn_x 
_atom_site.Cartn_y 
_atom_site.Cartn_z 
_atom_site.occupancy 
_atom_site.B_iso_or_equiv 
_atom_site.pdbx_formal_charge 
_atom_site.auth_seq_id 
_atom_site.auth_comp_id 
_atom_site.auth_asym_id 
_atom_site.auth_atom_id 
_atom_site.pdbx_PDB_model_num 
ATOM   1    O "O5'" . U   A 1 1 ? -5.004  3.353   5.593   1.00 39.55 ? 1   U   A "O5'" 1 
ATOM   2    C "C5'" . U   A 1 1 ? -3.695  3.906   5.614   1.00 46.19 ? 1   U   A "C5'" 1 
ATOM   3    C "C4'" . U   A 1 1 ? -2.920  3.461   4.396   1.00 39.54 ? 1   U   A "C4'" 1 
ATOM   4    O "O4'" . U   A 1 1 ? -2.935  2.023   4.323   1.00 39.16 ? 1   U   A "O4'" 1 
ATOM   5    C "C3'" . U   A 1 1 ? -3.476  3.918   3.057   1.00 39.11 ? 1   U   A "C3'" 1 
ATOM   6    O "O3'" . U   A 1 1 ? -3.184  5.268   2.735   1.00 37.81 ? 1   U   A "O3'" 1 
ATOM   7    C "C2'" . U   A 1 1 ? -2.906  2.868   2.127   1.00 37.14 ? 1   U   A "C2'" 1 
ATOM   8    O "O2'" . U   A 1 1 ? -1.533  3.046   1.940   1.00 40.80 ? 1   U   A "O2'" 1 
ATOM   9    C "C1'" . U   A 1 1 ? -3.061  1.616   2.984   1.00 40.36 ? 1   U   A "C1'" 1 
ATOM   10   N N1    . U   A 1 1 ? -4.339  0.910   2.830   1.00 34.99 ? 1   U   A N1    1 
ATOM   11   C C2    . U   A 1 1 ? -4.428  -0.003  1.807   1.00 32.64 ? 1   U   A C2    1 
ATOM   12   O O2    . U   A 1 1 ? -3.509  -0.235  1.056   1.00 35.73 ? 1   U   A O2    1 
ATOM   13   N N3    . U   A 1 1 ? -5.627  -0.650  1.714   1.00 29.66 ? 1   U   A N3    1 
ATOM   14   C C4    . U   A 1 1 ? -6.730  -0.475  2.503   1.00 32.48 ? 1   U   A C4    1 
ATOM   15   O O4    . U   A 1 1 ? -7.740  -1.128  2.281   1.00 34.44 ? 1   U   A O4    1 
ATOM   16   C C5    . U   A 1 1 ? -6.573  0.512   3.521   1.00 32.57 ? 1   U   A C5    1 
ATOM   17   C C6    . U   A 1 1 ? -5.408  1.154   3.646   1.00 34.59 ? 1   U   A C6    1 
ATOM   18   P P     . A   A 1 2 ? -4.183  6.168   1.879   1.00 44.45 ? 2   A   A P     1 
ATOM   19   O OP1   . A   A 1 2 ? -3.632  7.547   1.852   1.00 50.23 ? 2   A   A OP1   1 
ATOM   20   O OP2   . A   A 1 2 ? -5.604  5.952   2.293   1.00 38.45 ? 2   A   A OP2   1 
ATOM   21   O "O5'" . A   A 1 2 ? -3.990  5.513   0.427   1.00 42.04 ? 2   A   A "O5'" 1 
ATOM   22   C "C5'" . A   A 1 2 ? -2.718  5.587   -0.294  1.00 40.13 ? 2   A   A "C5'" 1 
ATOM   23   C "C4'" . A   A 1 2 ? -2.765  4.732   -1.541  1.00 35.65 ? 2   A   A "C4'" 1 
ATOM   24   O "O4'" . A   A 1 2 ? -2.990  3.343   -1.166  1.00 37.96 ? 2   A   A "O4'" 1 
ATOM   25   C "C3'" . A   A 1 2 ? -3.906  5.049   -2.514  1.00 36.88 ? 2   A   A "C3'" 1 
ATOM   26   O "O3'" . A   A 1 2 ? -3.617  6.160   -3.366  1.00 40.80 ? 2   A   A "O3'" 1 
ATOM   27   C "C2'" . A   A 1 2 ? -4.099  3.714   -3.235  1.00 37.56 ? 2   A   A "C2'" 1 
ATOM   28   O "O2'" . A   A 1 2 ? -3.046  3.362   -4.124  1.00 37.36 ? 2   A   A "O2'" 1 
ATOM   29   C "C1'" . A   A 1 2 ? -3.919  2.742   -2.077  1.00 34.89 ? 2   A   A "C1'" 1 
ATOM   30   N N9    . A   A 1 2 ? -5.168  2.424   -1.376  1.00 30.06 ? 2   A   A N9    1 
ATOM   31   C C8    . A   A 1 2 ? -5.638  2.859   -0.163  1.00 33.95 ? 2   A   A C8    1 
ATOM   32   N N7    . A   A 1 2 ? -6.781  2.317   0.185   1.00 33.06 ? 2   A   A N7    1 
ATOM   33   C C5    . A   A 1 2 ? -7.072  1.453   -0.863  1.00 28.32 ? 2   A   A C5    1 
ATOM   34   C C6    . A   A 1 2 ? -8.137  0.574   -1.095  1.00 30.95 ? 2   A   A C6    1 
ATOM   35   N N6    . A   A 1 2 ? -9.173  0.441   -0.274  1.00 33.82 ? 2   A   A N6    1 
ATOM   36   N N1    . A   A 1 2 ? -8.141  -0.120  -2.250  1.00 33.42 ? 2   A   A N1    1 
ATOM   37   C C2    . A   A 1 2 ? -7.084  -0.016  -3.062  1.00 29.60 ? 2   A   A C2    1 
ATOM   38   N N3    . A   A 1 2 ? -6.020  0.772   -2.953  1.00 31.19 ? 2   A   A N3    1 
ATOM   39   C C4    . A   A 1 2 ? -6.079  1.495   -1.820  1.00 29.59 ? 2   A   A C4    1 
ATOM   40   P P     . G   A 1 3 ? -4.820  6.957   -4.110  1.00 35.40 ? 3   G   A P     1 
ATOM   41   O OP1   . G   A 1 3 ? -4.195  8.134   -4.811  1.00 38.74 ? 3   G   A OP1   1 
ATOM   42   O OP2   . G   A 1 3 ? -5.962  7.224   -3.175  1.00 35.26 ? 3   G   A OP2   1 
ATOM   43   O "O5'" . G   A 1 3 ? -5.447  5.869   -5.092  1.00 34.06 ? 3   G   A "O5'" 1 
ATOM   44   C "C5'" . G   A 1 3 ? -4.644  5.519   -6.271  1.00 32.73 ? 3   G   A "C5'" 1 
ATOM   45   C "C4'" . G   A 1 3 ? -5.376  4.522   -7.128  1.00 31.43 ? 3   G   A "C4'" 1 
ATOM   46   O "O4'" . G   A 1 3 ? -5.597  3.301   -6.379  1.00 37.68 ? 3   G   A "O4'" 1 
ATOM   47   C "C3'" . G   A 1 3 ? -6.776  4.926   -7.575  1.00 32.56 ? 3   G   A "C3'" 1 
ATOM   48   O "O3'" . G   A 1 3 ? -6.763  5.705   -8.756  1.00 38.01 ? 3   G   A "O3'" 1 
ATOM   49   C "C2'" . G   A 1 3 ? -7.388  3.577   -7.894  1.00 29.72 ? 3   G   A "C2'" 1 
ATOM   50   O "O2'" . G   A 1 3 ? -6.926  2.986   -9.087  1.00 33.93 ? 3   G   A "O2'" 1 
ATOM   51   C "C1'" . G   A 1 3 ? -6.848  2.738   -6.750  1.00 33.07 ? 3   G   A "C1'" 1 
ATOM   52   N N9    . G   A 1 3 ? -7.750  2.757   -5.597  1.00 32.33 ? 3   G   A N9    1 
ATOM   53   C C8    . G   A 1 3 ? -7.647  3.536   -4.468  1.00 34.35 ? 3   G   A C8    1 
ATOM   54   N N7    . G   A 1 3 ? -8.616  3.330   -3.613  1.00 32.63 ? 3   G   A N7    1 
ATOM   55   C C5    . G   A 1 3 ? -9.409  2.368   -4.217  1.00 30.00 ? 3   G   A C5    1 
ATOM   56   C C6    . G   A 1 3 ? -10.601 1.736   -3.759  1.00 33.49 ? 3   G   A C6    1 
ATOM   57   O O6    . G   A 1 3 ? -11.200 1.896   -2.689  1.00 34.27 ? 3   G   A O6    1 
ATOM   58   N N1    . G   A 1 3 ? -11.118 0.871   -4.712  1.00 37.32 ? 3   G   A N1    1 
ATOM   59   C C2    . G   A 1 3 ? -10.557 0.620   -5.936  1.00 29.92 ? 3   G   A C2    1 
ATOM   60   N N2    . G   A 1 3 ? -11.227 -0.247  -6.712  1.00 31.76 ? 3   G   A N2    1 
ATOM   61   N N3    . G   A 1 3 ? -9.405  1.139   -6.346  1.00 32.02 ? 3   G   A N3    1 
ATOM   62   C C4    . G   A 1 3 ? -8.911  2.032   -5.460  1.00 29.65 ? 3   G   A C4    1 
ATOM   63   P P     . C   A 1 4 ? -7.825  6.892   -8.913  1.00 37.67 ? 4   C   A P     1 
ATOM   64   O OP1   . C   A 1 4 ? -7.285  7.771   -10.021 1.00 31.90 ? 4   C   A OP1   1 
ATOM   65   O OP2   . C   A 1 4 ? -8.195  7.496   -7.620  1.00 31.84 ? 4   C   A OP2   1 
ATOM   66   O "O5'" . C   A 1 4 ? -9.139  6.090   -9.358  1.00 32.03 ? 4   C   A "O5'" 1 
ATOM   67   C "C5'" . C   A 1 4 ? -9.210  5.411   -10.634 1.00 33.15 ? 4   C   A "C5'" 1 
ATOM   68   C "C4'" . C   A 1 4 ? -10.366 4.432   -10.647 1.00 31.01 ? 4   C   A "C4'" 1 
ATOM   69   O "O4'" . C   A 1 4 ? -10.285 3.521   -9.518  1.00 29.60 ? 4   C   A "O4'" 1 
ATOM   70   C "C3'" . C   A 1 4 ? -11.739 5.050   -10.478 1.00 32.33 ? 4   C   A "C3'" 1 
ATOM   71   O "O3'" . C   A 1 4 ? -12.164 5.657   -11.686 1.00 33.65 ? 4   C   A "O3'" 1 
ATOM   72   C "C2'" . C   A 1 4 ? -12.572 3.859   -10.057 1.00 32.59 ? 4   C   A "C2'" 1 
ATOM   73   O "O2'" . C   A 1 4 ? -12.929 2.972   -11.096 1.00 32.04 ? 4   C   A "O2'" 1 
ATOM   74   C "C1'" . C   A 1 4 ? -11.598 3.152   -9.107  1.00 32.21 ? 4   C   A "C1'" 1 
ATOM   75   N N1    . C   A 1 4 ? -11.794 3.587   -7.718  1.00 30.63 ? 4   C   A N1    1 
ATOM   76   C C2    . C   A 1 4 ? -12.844 3.009   -6.989  1.00 32.33 ? 4   C   A C2    1 
ATOM   77   O O2    . C   A 1 4 ? -13.534 2.129   -7.527  1.00 35.90 ? 4   C   A O2    1 
ATOM   78   N N3    . C   A 1 4 ? -13.069 3.412   -5.715  1.00 40.38 ? 4   C   A N3    1 
ATOM   79   C C4    . C   A 1 4 ? -12.300 4.357   -5.172  1.00 36.11 ? 4   C   A C4    1 
ATOM   80   N N4    . C   A 1 4 ? -12.554 4.718   -3.914  1.00 41.67 ? 4   C   A N4    1 
ATOM   81   C C5    . C   A 1 4 ? -11.230 4.970   -5.895  1.00 37.04 ? 4   C   A C5    1 
ATOM   82   C C6    . C   A 1 4 ? -11.037 4.584   -7.167  1.00 29.99 ? 4   C   A C6    1 
ATOM   83   P P     . U   A 1 5 ? -13.206 6.832   -11.659 1.00 34.59 ? 5   U   A P     1 
ATOM   84   O OP1   . U   A 1 5 ? -13.310 7.426   -13.051 1.00 39.11 ? 5   U   A OP1   1 
ATOM   85   O OP2   . U   A 1 5 ? -12.998 7.767   -10.555 1.00 33.39 ? 5   U   A OP2   1 
ATOM   86   O "O5'" . U   A 1 5 ? -14.605 6.160   -11.314 1.00 27.75 ? 5   U   A "O5'" 1 
ATOM   87   C "C5'" . U   A 1 5 ? -15.192 5.244   -12.247 1.00 32.63 ? 5   U   A "C5'" 1 
ATOM   88   C "C4'" . U   A 1 5 ? -16.582 4.904   -11.807 1.00 27.78 ? 5   U   A "C4'" 1 
ATOM   89   O "O4'" . U   A 1 5 ? -16.515 4.078   -10.619 1.00 39.60 ? 5   U   A "O4'" 1 
ATOM   90   C "C3'" . U   A 1 5 ? -17.414 6.098   -11.373 1.00 31.58 ? 5   U   A "C3'" 1 
ATOM   91   O "O3'" . U   A 1 5 ? -17.948 6.832   -12.477 1.00 32.12 ? 5   U   A "O3'" 1 
ATOM   92   C "C2'" . U   A 1 5 ? -18.478 5.448   -10.489 1.00 34.24 ? 5   U   A "C2'" 1 
ATOM   93   O "O2'" . U   A 1 5 ? -19.617 4.917   -11.157 1.00 34.39 ? 5   U   A "O2'" 1 
ATOM   94   C "C1'" . U   A 1 5 ? -17.666 4.332   -9.810  1.00 35.82 ? 5   U   A "C1'" 1 
ATOM   95   N N1    . U   A 1 5 ? -17.230 4.674   -8.451  1.00 35.85 ? 5   U   A N1    1 
ATOM   96   C C2    . U   A 1 5 ? -18.128 4.460   -7.413  1.00 42.41 ? 5   U   A C2    1 
ATOM   97   O O2    . U   A 1 5 ? -19.248 4.010   -7.589  1.00 38.84 ? 5   U   A O2    1 
ATOM   98   N N3    . U   A 1 5 ? -17.652 4.782   -6.164  1.00 41.49 ? 5   U   A N3    1 
ATOM   99   C C4    . U   A 1 5 ? -16.394 5.267   -5.848  1.00 38.65 ? 5   U   A C4    1 
ATOM   100  O O4    . U   A 1 5 ? -16.116 5.516   -4.677  1.00 33.94 ? 5   U   A O4    1 
ATOM   101  C C5    . U   A 1 5 ? -15.538 5.479   -6.978  1.00 42.90 ? 5   U   A C5    1 
ATOM   102  C C6    . U   A 1 5 ? -15.970 5.172   -8.207  1.00 39.90 ? 5   U   A C6    1 
ATOM   103  P P     . C   A 1 6 ? -18.219 8.361   -12.308 1.00 37.40 ? 6   C   A P     1 
ATOM   104  O OP1   . C   A 1 6 ? -18.674 8.917   -13.632 1.00 40.22 ? 6   C   A OP1   1 
ATOM   105  O OP2   . C   A 1 6 ? -17.046 9.030   -11.664 1.00 39.79 ? 6   C   A OP2   1 
ATOM   106  O "O5'" . C   A 1 6 ? -19.437 8.612   -11.328 1.00 34.44 ? 6   C   A "O5'" 1 
ATOM   107  C "C5'" . C   A 1 6 ? -20.735 8.286   -11.738 1.00 31.12 ? 6   C   A "C5'" 1 
ATOM   108  C "C4'" . C   A 1 6 ? -21.618 8.251   -10.534 1.00 28.67 ? 6   C   A "C4'" 1 
ATOM   109  O "O4'" . C   A 1 6 ? -21.136 7.239   -9.584  1.00 31.73 ? 6   C   A "O4'" 1 
ATOM   110  C "C3'" . C   A 1 6 ? -21.699 9.518   -9.707  1.00 30.40 ? 6   C   A "C3'" 1 
ATOM   111  O "O3'" . C   A 1 6 ? -22.745 10.378  -10.216 1.00 37.12 ? 6   C   A "O3'" 1 
ATOM   112  C "C2'" . C   A 1 6 ? -22.219 8.987   -8.387  1.00 31.46 ? 6   C   A "C2'" 1 
ATOM   113  O "O2'" . C   A 1 6 ? -23.595 8.688   -8.352  1.00 33.83 ? 6   C   A "O2'" 1 
ATOM   114  C "C1'" . C   A 1 6 ? -21.409 7.693   -8.262  1.00 30.58 ? 6   C   A "C1'" 1 
ATOM   115  N N1    . C   A 1 6 ? -20.149 7.949   -7.558  1.00 32.36 ? 6   C   A N1    1 
ATOM   116  C C2    . C   A 1 6 ? -20.104 7.739   -6.173  1.00 28.09 ? 6   C   A C2    1 
ATOM   117  O O2    . C   A 1 6 ? -21.147 7.423   -5.586  1.00 28.74 ? 6   C   A O2    1 
ATOM   118  N N3    . C   A 1 6 ? -18.964 8.029   -5.495  1.00 26.26 ? 6   C   A N3    1 
ATOM   119  C C4    . C   A 1 6 ? -17.869 8.409   -6.165  1.00 31.25 ? 6   C   A C4    1 
ATOM   120  N N4    . C   A 1 6 ? -16.741 8.597   -5.472  1.00 22.33 ? 6   C   A N4    1 
ATOM   121  C C5    . C   A 1 6 ? -17.864 8.543   -7.586  1.00 32.90 ? 6   C   A C5    1 
ATOM   122  C C6    . C   A 1 6 ? -19.025 8.343   -8.234  1.00 32.15 ? 6   C   A C6    1 
ATOM   123  P P     . C   A 1 7 ? -22.560 11.885  -10.111 1.00 38.09 ? 7   C   A P     1 
ATOM   124  O OP1   . C   A 1 7 ? -23.591 12.537  -10.976 1.00 45.91 ? 7   C   A OP1   1 
ATOM   125  O OP2   . C   A 1 7 ? -21.173 12.277  -10.339 1.00 31.32 ? 7   C   A OP2   1 
ATOM   126  O "O5'" . C   A 1 7 ? -22.914 12.147  -8.573  1.00 33.61 ? 7   C   A "O5'" 1 
ATOM   127  C "C5'" . C   A 1 7 ? -24.238 11.872  -8.097  1.00 32.06 ? 7   C   A "C5'" 1 
ATOM   128  C "C4'" . C   A 1 7 ? -24.361 12.106  -6.616  1.00 36.64 ? 7   C   A "C4'" 1 
ATOM   129  O "O4'" . C   A 1 7 ? -23.595 11.092  -5.920  1.00 35.54 ? 7   C   A "O4'" 1 
ATOM   130  C "C3'" . C   A 1 7 ? -23.863 13.438  -6.060  1.00 35.66 ? 7   C   A "C3'" 1 
ATOM   131  O "O3'" . C   A 1 7 ? -24.800 14.518  -6.160  1.00 39.07 ? 7   C   A "O3'" 1 
ATOM   132  C "C2'" . C   A 1 7 ? -23.623 13.061  -4.602  1.00 35.16 ? 7   C   A "C2'" 1 
ATOM   133  O "O2'" . C   A 1 7 ? -24.817 13.054  -3.837  1.00 34.83 ? 7   C   A "O2'" 1 
ATOM   134  C "C1'" . C   A 1 7 ? -23.064 11.637  -4.732  1.00 35.54 ? 7   C   A "C1'" 1 
ATOM   135  N N1    . C   A 1 7 ? -21.579 11.580  -4.810  1.00 30.40 ? 7   C   A N1    1 
ATOM   136  C C2    . C   A 1 7 ? -20.853 11.646  -3.607  1.00 28.77 ? 7   C   A C2    1 
ATOM   137  O O2    . C   A 1 7 ? -21.469 11.787  -2.546  1.00 27.87 ? 7   C   A O2    1 
ATOM   138  N N3    . C   A 1 7 ? -19.503 11.625  -3.645  1.00 24.53 ? 7   C   A N3    1 
ATOM   139  C C4    . C   A 1 7 ? -18.873 11.505  -4.824  1.00 28.45 ? 7   C   A C4    1 
ATOM   140  N N4    . C   A 1 7 ? -17.538 11.544  -4.821  1.00 24.01 ? 7   C   A N4    1 
ATOM   141  C C5    . C   A 1 7 ? -19.585 11.444  -6.063  1.00 31.26 ? 7   C   A C5    1 
ATOM   142  C C6    . C   A 1 7 ? -20.924 11.460  -6.008  1.00 35.46 ? 7   C   A C6    1 
ATOM   143  O "O5'" . G   B 2 1 ? -13.042 12.382  5.365   1.00 64.61 ? 8   G   B "O5'" 1 
ATOM   144  C "C5'" . G   B 2 1 ? -13.899 11.254  5.173   1.00 47.15 ? 8   G   B "C5'" 1 
ATOM   145  C "C4'" . G   B 2 1 ? -15.338 11.681  5.307   1.00 35.12 ? 8   G   B "C4'" 1 
ATOM   146  O "O4'" . G   B 2 1 ? -15.576 12.908  4.518   1.00 37.40 ? 8   G   B "O4'" 1 
ATOM   147  C "C3'" . G   B 2 1 ? -16.357 10.674  4.796   1.00 35.14 ? 8   G   B "C3'" 1 
ATOM   148  O "O3'" . G   B 2 1 ? -16.857 9.816   5.834   1.00 32.88 ? 8   G   B "O3'" 1 
ATOM   149  C "C2'" . G   B 2 1 ? -17.494 11.560  4.305   1.00 29.35 ? 8   G   B "C2'" 1 
ATOM   150  O "O2'" . G   B 2 1 ? -18.265 12.049  5.388   1.00 35.67 ? 8   G   B "O2'" 1 
ATOM   151  C "C1'" . G   B 2 1 ? -16.725 12.738  3.713   1.00 32.19 ? 8   G   B "C1'" 1 
ATOM   152  N N9    . G   B 2 1 ? -16.326 12.558  2.312   1.00 32.63 ? 8   G   B N9    1 
ATOM   153  C C8    . G   B 2 1 ? -15.042 12.468  1.833   1.00 31.30 ? 8   G   B C8    1 
ATOM   154  N N7    . G   B 2 1 ? -14.988 12.278  0.548   1.00 29.37 ? 8   G   B N7    1 
ATOM   155  C C5    . G   B 2 1 ? -16.315 12.245  0.144   1.00 30.03 ? 8   G   B C5    1 
ATOM   156  C C6    . G   B 2 1 ? -16.881 12.090  -1.167  1.00 28.70 ? 8   G   B C6    1 
ATOM   157  O O6    . G   B 2 1 ? -16.294 11.934  -2.248  1.00 30.01 ? 8   G   B O6    1 
ATOM   158  N N1    . G   B 2 1 ? -18.272 12.103  -1.128  1.00 30.42 ? 8   G   B N1    1 
ATOM   159  C C2    . G   B 2 1 ? -19.026 12.280  0.016   1.00 27.65 ? 8   G   B C2    1 
ATOM   160  N N2    . G   B 2 1 ? -20.352 12.245  -0.148  1.00 33.57 ? 8   G   B N2    1 
ATOM   161  N N3    . G   B 2 1 ? -18.512 12.381  1.244   1.00 29.56 ? 8   G   B N3    1 
ATOM   162  C C4    . G   B 2 1 ? -17.158 12.385  1.225   1.00 29.24 ? 8   G   B C4    1 
ATOM   163  P P     . G   B 2 2 ? -17.005 8.314   5.518   1.00 33.30 ? 9   G   B P     1 
ATOM   164  O OP1   . G   B 2 2 ? -17.220 7.501   6.788   1.00 36.73 ? 9   G   B OP1   1 
ATOM   165  O OP2   . G   B 2 2 ? -15.913 7.894   4.561   1.00 30.33 ? 9   G   B OP2   1 
ATOM   166  O "O5'" . G   B 2 2 ? -18.320 8.266   4.657   1.00 34.88 ? 9   G   B "O5'" 1 
ATOM   167  C "C5'" . G   B 2 2 ? -19.547 8.599   5.293   1.00 38.51 ? 9   G   B "C5'" 1 
ATOM   168  C "C4'" . G   B 2 2 ? -20.623 8.666   4.270   1.00 35.95 ? 9   G   B "C4'" 1 
ATOM   169  O "O4'" . G   B 2 2 ? -20.244 9.652   3.294   1.00 34.45 ? 9   G   B "O4'" 1 
ATOM   170  C "C3'" . G   B 2 2 ? -20.848 7.417   3.432   1.00 39.14 ? 9   G   B "C3'" 1 
ATOM   171  O "O3'" . G   B 2 2 ? -21.719 6.473   4.048   1.00 43.02 ? 9   G   B "O3'" 1 
ATOM   172  C "C2'" . G   B 2 2 ? -21.533 8.005   2.210   1.00 32.04 ? 9   G   B "C2'" 1 
ATOM   173  O "O2'" . G   B 2 2 ? -22.884 8.450   2.432   1.00 34.12 ? 9   G   B "O2'" 1 
ATOM   174  C "C1'" . G   B 2 2 ? -20.704 9.263   2.032   1.00 32.09 ? 9   G   B "C1'" 1 
ATOM   175  N N9    . G   B 2 2 ? -19.558 9.059   1.155   1.00 31.06 ? 9   G   B N9    1 
ATOM   176  C C8    . G   B 2 2 ? -18.224 9.060   1.466   1.00 34.53 ? 9   G   B C8    1 
ATOM   177  N N7    . G   B 2 2 ? -17.455 8.941   0.416   1.00 28.38 ? 9   G   B N7    1 
ATOM   178  C C5    . G   B 2 2 ? -18.342 8.754   -0.636  1.00 28.58 ? 9   G   B C5    1 
ATOM   179  C C6    . G   B 2 2 ? -18.096 8.557   -2.021  1.00 28.30 ? 9   G   B C6    1 
ATOM   180  O O6    . G   B 2 2 ? -16.994 8.494   -2.608  1.00 22.40 ? 9   G   B O6    1 
ATOM   181  N N1    . G   B 2 2 ? -19.291 8.448   -2.745  1.00 27.72 ? 9   G   B N1    1 
ATOM   182  C C2    . G   B 2 2 ? -20.552 8.556   -2.202  1.00 32.93 ? 9   G   B C2    1 
ATOM   183  N N2    . G   B 2 2 ? -21.598 8.473   -3.054  1.00 30.37 ? 9   G   B N2    1 
ATOM   184  N N3    . G   B 2 2 ? -20.781 8.778   -0.915  1.00 33.31 ? 9   G   B N3    1 
ATOM   185  C C4    . G   B 2 2 ? -19.642 8.872   -0.202  1.00 27.73 ? 9   G   B C4    1 
ATOM   186  P P     . U   B 2 3 ? -21.373 4.939   3.783   1.00 45.64 ? 10  U   B P     1 
ATOM   187  O OP1   . U   B 2 3 ? -22.382 4.137   4.552   1.00 47.74 ? 10  U   B OP1   1 
ATOM   188  O OP2   . U   B 2 3 ? -19.911 4.748   4.012   1.00 42.28 ? 10  U   B OP2   1 
ATOM   189  O "O5'" . U   B 2 3 ? -21.637 4.797   2.210   1.00 34.29 ? 10  U   B "O5'" 1 
ATOM   190  C "C5'" . U   B 2 3 ? -22.954 4.771   1.630   1.00 36.25 ? 10  U   B "C5'" 1 
ATOM   191  C "C4'" . U   B 2 3 ? -22.842 4.467   0.163   1.00 35.76 ? 10  U   B "C4'" 1 
ATOM   192  O "O4'" . U   B 2 3 ? -22.018 5.484   -0.471  1.00 37.52 ? 10  U   B "O4'" 1 
ATOM   193  C "C3'" . U   B 2 3 ? -22.107 3.182   -0.180  1.00 41.09 ? 10  U   B "C3'" 1 
ATOM   194  O "O3'" . U   B 2 3 ? -22.878 1.986   -0.009  1.00 40.54 ? 10  U   B "O3'" 1 
ATOM   195  C "C2'" . U   B 2 3 ? -21.734 3.441   -1.633  1.00 35.78 ? 10  U   B "C2'" 1 
ATOM   196  O "O2'" . U   B 2 3 ? -22.835 3.246   -2.516  1.00 43.93 ? 10  U   B "O2'" 1 
ATOM   197  C "C1'" . U   B 2 3 ? -21.317 4.913   -1.574  1.00 37.00 ? 10  U   B "C1'" 1 
ATOM   198  N N1    . U   B 2 3 ? -19.862 5.119   -1.386  1.00 31.98 ? 10  U   B N1    1 
ATOM   199  C C2    . U   B 2 3 ? -19.035 5.009   -2.501  1.00 30.10 ? 10  U   B C2    1 
ATOM   200  O O2    . U   B 2 3 ? -19.445 4.763   -3.626  1.00 37.32 ? 10  U   B O2    1 
ATOM   201  N N3    . U   B 2 3 ? -17.701 5.191   -2.248  1.00 33.49 ? 10  U   B N3    1 
ATOM   202  C C4    . U   B 2 3 ? -17.107 5.447   -1.034  1.00 33.86 ? 10  U   B C4    1 
ATOM   203  O O4    . U   B 2 3 ? -15.885 5.612   -0.988  1.00 33.43 ? 10  U   B O4    1 
ATOM   204  C C5    . U   B 2 3 ? -18.019 5.538   0.072   1.00 34.56 ? 10  U   B C5    1 
ATOM   205  C C6    . U   B 2 3 ? -19.334 5.363   -0.137  1.00 35.53 ? 10  U   B C6    1 
ATOM   206  P P     . G   B 2 4 ? -22.494 0.807   1.034   1.00 46.55 ? 11  G   B P     1 
ATOM   207  O OP1   . G   B 2 4 ? -23.508 -0.266  0.955   1.00 58.21 ? 11  G   B OP1   1 
ATOM   208  O OP2   . G   B 2 4 ? -22.197 1.454   2.340   1.00 47.13 ? 11  G   B OP2   1 
ATOM   209  O "O5'" . G   B 2 4 ? -21.097 0.185   0.585   1.00 45.35 ? 11  G   B "O5'" 1 
ATOM   210  C "C5'" . G   B 2 4 ? -21.034 -1.139  0.045   1.00 47.92 ? 11  G   B "C5'" 1 
ATOM   211  C "C4'" . G   B 2 4 ? -21.217 -1.121  -1.457  1.00 51.18 ? 11  G   B "C4'" 1 
ATOM   212  O "O4'" . G   B 2 4 ? -21.134 0.237   -1.996  1.00 55.79 ? 11  G   B "O4'" 1 
ATOM   213  C "C3'" . G   B 2 4 ? -20.173 -1.914  -2.236  1.00 55.87 ? 11  G   B "C3'" 1 
ATOM   214  O "O3'" . G   B 2 4 ? -20.557 -3.283  -2.365  1.00 53.26 ? 11  G   B "O3'" 1 
ATOM   215  C "C2'" . G   B 2 4 ? -20.162 -1.206  -3.588  1.00 56.40 ? 11  G   B "C2'" 1 
ATOM   216  O "O2'" . G   B 2 4 ? -21.267 -1.630  -4.371  1.00 51.91 ? 11  G   B "O2'" 1 
ATOM   217  C "C1'" . G   B 2 4 ? -20.288 0.255   -3.156  1.00 56.16 ? 11  G   B "C1'" 1 
ATOM   218  N N9    . G   B 2 4 ? -19.022 0.922   -2.814  1.00 52.32 ? 11  G   B N9    1 
ATOM   219  C C8    . G   B 2 4 ? -18.650 1.311   -1.549  1.00 52.05 ? 11  G   B C8    1 
ATOM   220  N N7    . G   B 2 4 ? -17.480 1.893   -1.510  1.00 46.71 ? 11  G   B N7    1 
ATOM   221  C C5    . G   B 2 4 ? -17.053 1.903   -2.831  1.00 42.47 ? 11  G   B C5    1 
ATOM   222  C C6    . G   B 2 4 ? -15.863 2.426   -3.405  1.00 44.79 ? 11  G   B C6    1 
ATOM   223  O O6    . G   B 2 4 ? -14.924 3.002   -2.837  1.00 41.55 ? 11  G   B O6    1 
ATOM   224  N N1    . G   B 2 4 ? -15.828 2.230   -4.785  1.00 37.48 ? 11  G   B N1    1 
ATOM   225  C C2    . G   B 2 4 ? -16.817 1.616   -5.521  1.00 44.65 ? 11  G   B C2    1 
ATOM   226  N N2    . G   B 2 4 ? -16.594 1.523   -6.845  1.00 44.77 ? 11  G   B N2    1 
ATOM   227  N N3    . G   B 2 4 ? -17.941 1.132   -4.997  1.00 46.84 ? 11  G   B N3    1 
ATOM   228  C C4    . G   B 2 4 ? -17.995 1.315   -3.656  1.00 47.33 ? 11  G   B C4    1 
ATOM   229  P P     . C   B 2 5 ? -19.528 -4.322  -1.778  1.00 50.78 ? 12  C   B P     1 
ATOM   230  O OP1   . C   B 2 5 ? -20.237 -5.631  -1.738  1.00 63.12 ? 12  C   B OP1   1 
ATOM   231  O OP2   . C   B 2 5 ? -18.953 -3.727  -0.548  1.00 55.63 ? 12  C   B OP2   1 
ATOM   232  O "O5'" . C   B 2 5 ? -18.325 -4.382  -2.840  1.00 49.58 ? 12  C   B "O5'" 1 
ATOM   233  C "C5'" . C   B 2 5 ? -18.576 -4.885  -4.174  1.00 48.64 ? 12  C   B "C5'" 1 
ATOM   234  C "C4'" . C   B 2 5 ? -17.558 -4.373  -5.163  1.00 33.53 ? 12  C   B "C4'" 1 
ATOM   235  O "O4'" . C   B 2 5 ? -17.407 -2.940  -5.064  1.00 36.27 ? 12  C   B "O4'" 1 
ATOM   236  C "C3'" . C   B 2 5 ? -16.148 -4.871  -4.987  1.00 37.24 ? 12  C   B "C3'" 1 
ATOM   237  O "O3'" . C   B 2 5 ? -15.961 -6.164  -5.545  1.00 40.01 ? 12  C   B "O3'" 1 
ATOM   238  C "C2'" . C   B 2 5 ? -15.394 -3.865  -5.859  1.00 37.98 ? 12  C   B "C2'" 1 
ATOM   239  O "O2'" . C   B 2 5 ? -15.593 -4.077  -7.241  1.00 37.69 ? 12  C   B "O2'" 1 
ATOM   240  C "C1'" . C   B 2 5 ? -16.117 -2.561  -5.521  1.00 32.26 ? 12  C   B "C1'" 1 
ATOM   241  N N1    . C   B 2 5 ? -15.445 -1.731  -4.481  1.00 28.23 ? 12  C   B N1    1 
ATOM   242  C C2    . C   B 2 5 ? -14.285 -1.027  -4.829  1.00 33.70 ? 12  C   B C2    1 
ATOM   243  O O2    . C   B 2 5 ? -13.859 -1.105  -5.999  1.00 33.68 ? 12  C   B O2    1 
ATOM   244  N N3    . C   B 2 5 ? -13.660 -0.283  -3.888  1.00 31.62 ? 12  C   B N3    1 
ATOM   245  C C4    . C   B 2 5 ? -14.076 -0.321  -2.622  1.00 29.95 ? 12  C   B C4    1 
ATOM   246  N N4    . C   B 2 5 ? -13.405 0.395   -1.722  1.00 37.44 ? 12  C   B N4    1 
ATOM   247  C C5    . C   B 2 5 ? -15.265 -1.014  -2.240  1.00 32.40 ? 12  C   B C5    1 
ATOM   248  C C6    . C   B 2 5 ? -15.892 -1.725  -3.186  1.00 33.86 ? 12  C   B C6    1 
ATOM   249  P P     . U   B 2 6 ? -14.815 -7.172  -4.953  1.00 36.76 ? 13  U   B P     1 
ATOM   250  O OP1   . U   B 2 6 ? -14.936 -8.507  -5.564  1.00 46.49 ? 13  U   B OP1   1 
ATOM   251  O OP2   . U   B 2 6 ? -14.880 -6.992  -3.481  1.00 42.32 ? 13  U   B OP2   1 
ATOM   252  O "O5'" . U   B 2 6 ? -13.451 -6.571  -5.479  1.00 33.84 ? 13  U   B "O5'" 1 
ATOM   253  C "C5'" . U   B 2 6 ? -13.159 -6.594  -6.873  1.00 39.64 ? 13  U   B "C5'" 1 
ATOM   254  C "C4'" . U   B 2 6 ? -11.946 -5.755  -7.126  1.00 45.31 ? 13  U   B "C4'" 1 
ATOM   255  O "O4'" . U   B 2 6 ? -12.171 -4.406  -6.646  1.00 45.16 ? 13  U   B "O4'" 1 
ATOM   256  C "C3'" . U   B 2 6 ? -10.678 -6.166  -6.391  1.00 43.85 ? 13  U   B "C3'" 1 
ATOM   257  O "O3'" . U   B 2 6 ? -10.075 -7.254  -7.064  1.00 48.42 ? 13  U   B "O3'" 1 
ATOM   258  C "C2'" . U   B 2 6 ? -9.847  -4.890  -6.488  1.00 43.92 ? 13  U   B "C2'" 1 
ATOM   259  O "O2'" . U   B 2 6 ? -9.179  -4.631  -7.715  1.00 44.69 ? 13  U   B "O2'" 1 
ATOM   260  C "C1'" . U   B 2 6 ? -10.925 -3.816  -6.302  1.00 42.08 ? 13  U   B "C1'" 1 
ATOM   261  N N1    . U   B 2 6 ? -11.014 -3.279  -4.935  1.00 28.22 ? 13  U   B N1    1 
ATOM   262  C C2    . U   B 2 6 ? -10.033 -2.391  -4.531  1.00 27.69 ? 13  U   B C2    1 
ATOM   263  O O2    . U   B 2 6 ? -9.113  -2.037  -5.257  1.00 36.21 ? 13  U   B O2    1 
ATOM   264  N N3    . U   B 2 6 ? -10.192 -1.892  -3.265  1.00 34.14 ? 13  U   B N3    1 
ATOM   265  C C4    . U   B 2 6 ? -11.174 -2.218  -2.359  1.00 37.26 ? 13  U   B C4    1 
ATOM   266  O O4    . U   B 2 6 ? -11.172 -1.689  -1.249  1.00 47.67 ? 13  U   B O4    1 
ATOM   267  C C5    . U   B 2 6 ? -12.151 -3.152  -2.849  1.00 35.12 ? 13  U   B C5    1 
ATOM   268  C C6    . U   B 2 6 ? -12.025 -3.655  -4.080  1.00 35.48 ? 13  U   B C6    1 
ATOM   269  P P     . A   B 2 7 ? -9.173  -8.239  -6.225  1.00 48.00 ? 14  A   B P     1 
ATOM   270  O OP1   . A   B 2 7 ? -8.936  -9.373  -7.163  1.00 60.27 ? 14  A   B OP1   1 
ATOM   271  O OP2   . A   B 2 7 ? -9.730  -8.513  -4.881  1.00 40.04 ? 14  A   B OP2   1 
ATOM   272  O "O5'" . A   B 2 7 ? -7.806  -7.443  -6.038  1.00 49.67 ? 14  A   B "O5'" 1 
ATOM   273  C "C5'" . A   B 2 7 ? -7.013  -7.058  -7.180  1.00 46.13 ? 14  A   B "C5'" 1 
ATOM   274  C "C4'" . A   B 2 7 ? -5.856  -6.202  -6.718  1.00 42.81 ? 14  A   B "C4'" 1 
ATOM   275  O "O4'" . A   B 2 7 ? -6.387  -4.951  -6.220  1.00 43.54 ? 14  A   B "O4'" 1 
ATOM   276  C "C3'" . A   B 2 7 ? -5.041  -6.750  -5.547  1.00 46.27 ? 14  A   B "C3'" 1 
ATOM   277  O "O3'" . A   B 2 7 ? -4.084  -7.713  -6.002  1.00 51.83 ? 14  A   B "O3'" 1 
ATOM   278  C "C2'" . A   B 2 7 ? -4.444  -5.469  -4.959  1.00 42.77 ? 14  A   B "C2'" 1 
ATOM   279  O "O2'" . A   B 2 7 ? -3.350  -4.948  -5.690  1.00 38.43 ? 14  A   B "O2'" 1 
ATOM   280  C "C1'" . A   B 2 7 ? -5.609  -4.485  -5.132  1.00 38.01 ? 14  A   B "C1'" 1 
ATOM   281  N N9    . A   B 2 7 ? -6.477  -4.377  -3.957  1.00 38.50 ? 14  A   B N9    1 
ATOM   282  C C8    . A   B 2 7 ? -7.622  -5.081  -3.680  1.00 37.38 ? 14  A   B C8    1 
ATOM   283  N N7    . A   B 2 7 ? -8.165  -4.770  -2.529  1.00 36.26 ? 14  A   B N7    1 
ATOM   284  C C5    . A   B 2 7 ? -7.289  -3.841  -1.988  1.00 30.84 ? 14  A   B C5    1 
ATOM   285  C C6    . A   B 2 7 ? -7.300  -3.119  -0.780  1.00 32.90 ? 14  A   B C6    1 
ATOM   286  N N6    . A   B 2 7 ? -8.268  -3.217  0.127   1.00 36.51 ? 14  A   B N6    1 
ATOM   287  N N1    . A   B 2 7 ? -6.307  -2.230  -0.571  1.00 32.54 ? 14  A   B N1    1 
ATOM   288  C C2    . A   B 2 7 ? -5.364  -2.087  -1.507  1.00 35.44 ? 14  A   B C2    1 
ATOM   289  N N3    . A   B 2 7 ? -5.238  -2.714  -2.672  1.00 37.43 ? 14  A   B N3    1 
ATOM   290  C C4    . A   B 2 7 ? -6.253  -3.577  -2.862  1.00 33.42 ? 14  A   B C4    1 
ATOM   291  O "O5'" . U   C 1 1 ? -8.097  -8.934  -1.404  1.00 54.06 ? 1   U   C "O5'" 1 
ATOM   292  C "C5'" . U   C 1 1 ? -7.270  -9.229  -2.539  1.00 52.70 ? 1   U   C "C5'" 1 
ATOM   293  C "C4'" . U   C 1 1 ? -5.915  -8.579  -2.387  1.00 51.39 ? 1   U   C "C4'" 1 
ATOM   294  O "O4'" . U   C 1 1 ? -6.074  -7.162  -2.118  1.00 46.63 ? 1   U   C "O4'" 1 
ATOM   295  C "C3'" . U   C 1 1 ? -5.104  -9.041  -1.191  1.00 47.91 ? 1   U   C "C3'" 1 
ATOM   296  O "O3'" . U   C 1 1 ? -4.522  -10.305 -1.448  1.00 56.48 ? 1   U   C "O3'" 1 
ATOM   297  C "C2'" . U   C 1 1 ? -4.101  -7.908  -1.049  1.00 45.01 ? 1   U   C "C2'" 1 
ATOM   298  O "O2'" . U   C 1 1 ? -3.096  -7.872  -2.045  1.00 53.02 ? 1   U   C "O2'" 1 
ATOM   299  C "C1'" . U   C 1 1 ? -4.982  -6.699  -1.341  1.00 40.68 ? 1   U   C "C1'" 1 
ATOM   300  N N1    . U   C 1 1 ? -5.497  -6.092  -0.111  1.00 42.81 ? 1   U   C N1    1 
ATOM   301  C C2    . U   C 1 1 ? -4.669  -5.204  0.556   1.00 34.86 ? 1   U   C C2    1 
ATOM   302  O O2    . U   C 1 1 ? -3.561  -4.881  0.150   1.00 34.07 ? 1   U   C O2    1 
ATOM   303  N N3    . U   C 1 1 ? -5.209  -4.663  1.695   1.00 35.03 ? 1   U   C N3    1 
ATOM   304  C C4    . U   C 1 1 ? -6.420  -4.961  2.269   1.00 34.19 ? 1   U   C C4    1 
ATOM   305  O O4    . U   C 1 1 ? -6.735  -4.407  3.322   1.00 37.07 ? 1   U   C O4    1 
ATOM   306  C C5    . U   C 1 1 ? -7.217  -5.899  1.533   1.00 35.83 ? 1   U   C C5    1 
ATOM   307  C C6    . U   C 1 1 ? -6.721  -6.455  0.419   1.00 33.76 ? 1   U   C C6    1 
ATOM   308  P P     . A   C 1 2 ? -4.311  -11.306 -0.221  1.00 64.19 ? 2   A   C P     1 
ATOM   309  O OP1   . A   C 1 2 ? -3.996  -12.605 -0.881  1.00 79.66 ? 2   A   C OP1   1 
ATOM   310  O OP2   . A   C 1 2 ? -5.336  -11.253 0.875   1.00 51.01 ? 2   A   C OP2   1 
ATOM   311  O "O5'" . A   C 1 2 ? -2.961  -10.729 0.388   1.00 60.93 ? 2   A   C "O5'" 1 
ATOM   312  C "C5'" . A   C 1 2 ? -1.736  -10.710 -0.398  1.00 65.75 ? 2   A   C "C5'" 1 
ATOM   313  C "C4'" . A   C 1 2 ? -0.697  -9.842  0.273   1.00 57.57 ? 2   A   C "C4'" 1 
ATOM   314  O "O4'" . A   C 1 2 ? -1.227  -8.499  0.428   1.00 52.86 ? 2   A   C "O4'" 1 
ATOM   315  C "C3'" . A   C 1 2 ? -0.320  -10.267 1.688   1.00 52.70 ? 2   A   C "C3'" 1 
ATOM   316  O "O3'" . A   C 1 2 ? 0.680   -11.278 1.641   1.00 59.09 ? 2   A   C "O3'" 1 
ATOM   317  C "C2'" . A   C 1 2 ? 0.160   -8.959  2.309   1.00 47.15 ? 2   A   C "C2'" 1 
ATOM   318  O "O2'" . A   C 1 2 ? 1.511   -8.633  2.024   1.00 52.84 ? 2   A   C "O2'" 1 
ATOM   319  C "C1'" . A   C 1 2 ? -0.781  -7.950  1.655   1.00 44.73 ? 2   A   C "C1'" 1 
ATOM   320  N N9    . A   C 1 2 ? -1.942  -7.638  2.480   1.00 37.92 ? 2   A   C N9    1 
ATOM   321  C C8    . A   C 1 2 ? -3.211  -8.157  2.408   1.00 38.71 ? 2   A   C C8    1 
ATOM   322  N N7    . A   C 1 2 ? -4.043  -7.640  3.281   1.00 36.51 ? 2   A   C N7    1 
ATOM   323  C C5    . A   C 1 2 ? -3.249  -6.775  4.024   1.00 29.81 ? 2   A   C C5    1 
ATOM   324  C C6    . A   C 1 2 ? -3.549  -5.885  5.065   1.00 30.81 ? 2   A   C C6    1 
ATOM   325  N N6    . A   C 1 2 ? -4.737  -5.830  5.661   1.00 34.98 ? 2   A   C N6    1 
ATOM   326  N N1    . A   C 1 2 ? -2.548  -5.123  5.550   1.00 27.38 ? 2   A   C N1    1 
ATOM   327  C C2    . A   C 1 2 ? -1.339  -5.229  4.993   1.00 32.09 ? 2   A   C C2    1 
ATOM   328  N N3    . A   C 1 2 ? -0.950  -5.966  3.952   1.00 37.88 ? 2   A   C N3    1 
ATOM   329  C C4    . A   C 1 2 ? -1.968  -6.727  3.508   1.00 36.08 ? 2   A   C C4    1 
ATOM   330  P P     . G   C 1 3 ? 0.752   -12.271 2.901   1.00 62.46 ? 3   G   C P     1 
ATOM   331  O OP1   . G   C 1 3 ? 1.594   -13.409 2.428   1.00 62.65 ? 3   G   C OP1   1 
ATOM   332  O OP2   . G   C 1 3 ? -0.585  -12.519 3.531   1.00 60.37 ? 3   G   C OP2   1 
ATOM   333  O "O5'" . G   C 1 3 ? 1.566   -11.380 3.949   1.00 55.56 ? 3   G   C "O5'" 1 
ATOM   334  C "C5'" . G   C 1 3 ? 0.993   -10.994 5.184   1.00 39.17 ? 3   G   C "C5'" 1 
ATOM   335  C "C4'" . G   C 1 3 ? 1.807   -9.875  5.739   1.00 33.98 ? 3   G   C "C4'" 1 
ATOM   336  O "O4'" . G   C 1 3 ? 1.138   -8.642  5.377   1.00 33.33 ? 3   G   C "O4'" 1 
ATOM   337  C "C3'" . G   C 1 3 ? 1.967   -9.850  7.258   1.00 31.17 ? 3   G   C "C3'" 1 
ATOM   338  O "O3'" . G   C 1 3 ? 3.164   -10.407 7.788   1.00 32.85 ? 3   G   C "O3'" 1 
ATOM   339  C "C2'" . G   C 1 3 ? 1.967   -8.368  7.569   1.00 29.69 ? 3   G   C "C2'" 1 
ATOM   340  O "O2'" . G   C 1 3 ? 3.162   -7.653  7.400   1.00 34.12 ? 3   G   C "O2'" 1 
ATOM   341  C "C1'" . G   C 1 3 ? 0.987   -7.827  6.531   1.00 30.58 ? 3   G   C "C1'" 1 
ATOM   342  N N9    . G   C 1 3 ? -0.404  -7.914  6.947   1.00 27.23 ? 3   G   C N9    1 
ATOM   343  C C8    . G   C 1 3 ? -1.387  -8.646  6.322   1.00 27.21 ? 3   G   C C8    1 
ATOM   344  N N7    . G   C 1 3 ? -2.561  -8.507  6.884   1.00 30.36 ? 3   G   C N7    1 
ATOM   345  C C5    . G   C 1 3 ? -2.343  -7.614  7.924   1.00 28.06 ? 3   G   C C5    1 
ATOM   346  C C6    . G   C 1 3 ? -3.271  -6.996  8.814   1.00 30.76 ? 3   G   C C6    1 
ATOM   347  O O6    . G   C 1 3 ? -4.485  -7.242  8.957   1.00 34.70 ? 3   G   C O6    1 
ATOM   348  N N1    . G   C 1 3 ? -2.629  -6.132  9.702   1.00 27.83 ? 3   G   C N1    1 
ATOM   349  C C2    . G   C 1 3 ? -1.282  -5.872  9.713   1.00 26.73 ? 3   G   C C2    1 
ATOM   350  N N2    . G   C 1 3 ? -0.861  -5.010  10.654  1.00 23.74 ? 3   G   C N2    1 
ATOM   351  N N3    . G   C 1 3 ? -0.424  -6.360  8.823   1.00 26.56 ? 3   G   C N3    1 
ATOM   352  C C4    . G   C 1 3 ? -1.016  -7.241  7.981   1.00 25.17 ? 3   G   C C4    1 
ATOM   353  P P     . C   C 1 4 ? 3.215   -11.577 8.882   1.00 30.80 ? 4   C   C P     1 
ATOM   354  O OP1   . C   C 1 4 ? 4.559   -12.220 8.698   1.00 33.14 ? 4   C   C OP1   1 
ATOM   355  O OP2   . C   C 1 4 ? 2.000   -12.419 8.710   1.00 32.07 ? 4   C   C OP2   1 
ATOM   356  O "O5'" . C   C 1 4 ? 3.102   -10.695 10.200  1.00 30.52 ? 4   C   C "O5'" 1 
ATOM   357  C "C5'" . C   C 1 4 ? 4.200   -9.861  10.567  1.00 29.48 ? 4   C   C "C5'" 1 
ATOM   358  C "C4'" . C   C 1 4 ? 3.820   -8.930  11.673  1.00 28.11 ? 4   C   C "C4'" 1 
ATOM   359  O "O4'" . C   C 1 4 ? 2.825   -7.979  11.210  1.00 29.91 ? 4   C   C "O4'" 1 
ATOM   360  C "C3'" . C   C 1 4 ? 3.229   -9.546  12.939  1.00 26.41 ? 4   C   C "C3'" 1 
ATOM   361  O "O3'" . C   C 1 4 ? 4.126   -10.174 13.868  1.00 23.85 ? 4   C   C "O3'" 1 
ATOM   362  C "C2'" . C   C 1 4 ? 2.480   -8.386  13.542  1.00 27.56 ? 4   C   C "C2'" 1 
ATOM   363  O "O2'" . C   C 1 4 ? 3.260   -7.540  14.384  1.00 27.71 ? 4   C   C "O2'" 1 
ATOM   364  C "C1'" . C   C 1 4 ? 1.920   -7.713  12.290  1.00 27.26 ? 4   C   C "C1'" 1 
ATOM   365  N N1    . C   C 1 4 ? 0.593   -8.194  11.910  1.00 24.61 ? 4   C   C N1    1 
ATOM   366  C C2    . C   C 1 4 ? -0.512  -7.642  12.563  1.00 26.83 ? 4   C   C C2    1 
ATOM   367  O O2    . C   C 1 4 ? -0.327  -6.751  13.415  1.00 30.62 ? 4   C   C O2    1 
ATOM   368  N N3    . C   C 1 4 ? -1.755  -8.060  12.230  1.00 27.83 ? 4   C   C N3    1 
ATOM   369  C C4    . C   C 1 4 ? -1.916  -8.999  11.300  1.00 25.94 ? 4   C   C C4    1 
ATOM   370  N N4    . C   C 1 4 ? -3.167  -9.376  11.000  1.00 30.06 ? 4   C   C N4    1 
ATOM   371  C C5    . C   C 1 4 ? -0.806  -9.572  10.609  1.00 32.12 ? 4   C   C C5    1 
ATOM   372  C C6    . C   C 1 4 ? 0.421   -9.195  10.995  1.00 25.48 ? 4   C   C C6    1 
ATOM   373  P P     . U   C 1 5 ? 3.848   -11.444 14.653  1.00 30.10 ? 5   U   C P     1 
ATOM   374  O OP1   . U   C 1 5 ? 4.966   -11.866 15.518  1.00 33.76 ? 5   U   C OP1   1 
ATOM   375  O OP2   . U   C 1 5 ? 3.210   -12.461 13.795  1.00 23.99 ? 5   U   C OP2   1 
ATOM   376  O "O5'" . U   C 1 5 ? 2.637   -11.038 15.653  1.00 23.66 ? 5   U   C "O5'" 1 
ATOM   377  C "C5'" . U   C 1 5 ? 2.813   -10.022 16.663  1.00 23.99 ? 5   U   C "C5'" 1 
ATOM   378  C "C4'" . U   C 1 5 ? 1.500   -9.803  17.386  1.00 25.47 ? 5   U   C "C4'" 1 
ATOM   379  O "O4'" . U   C 1 5 ? 0.571   -9.126  16.468  1.00 29.06 ? 5   U   C "O4'" 1 
ATOM   380  C "C3'" . U   C 1 5 ? 0.728   -11.040 17.831  1.00 29.20 ? 5   U   C "C3'" 1 
ATOM   381  O "O3'" . U   C 1 5 ? 1.249   -11.515 19.066  1.00 31.38 ? 5   U   C "O3'" 1 
ATOM   382  C "C2'" . U   C 1 5 ? -0.704  -10.487 17.946  1.00 27.43 ? 5   U   C "C2'" 1 
ATOM   383  O "O2'" . U   C 1 5 ? -1.030  -9.693  19.090  1.00 32.07 ? 5   U   C "O2'" 1 
ATOM   384  C "C1'" . U   C 1 5 ? -0.765  -9.543  16.754  1.00 27.89 ? 5   U   C "C1'" 1 
ATOM   385  N N1    . U   C 1 5 ? -1.318  -10.213 15.576  1.00 30.95 ? 5   U   C N1    1 
ATOM   386  C C2    . U   C 1 5 ? -2.695  -10.352 15.488  1.00 27.57 ? 5   U   C C2    1 
ATOM   387  O O2    . U   C 1 5 ? -3.469  -9.897  16.324  1.00 24.60 ? 5   U   C O2    1 
ATOM   388  N N3    . U   C 1 5 ? -3.139  -10.978 14.348  1.00 26.66 ? 5   U   C N3    1 
ATOM   389  C C4    . U   C 1 5 ? -2.369  -11.575 13.367  1.00 32.62 ? 5   U   C C4    1 
ATOM   390  O O4    . U   C 1 5 ? -2.924  -12.146 12.420  1.00 33.79 ? 5   U   C O4    1 
ATOM   391  C C5    . U   C 1 5 ? -0.958  -11.376 13.519  1.00 31.76 ? 5   U   C C5    1 
ATOM   392  C C6    . U   C 1 5 ? -0.486  -10.787 14.629  1.00 29.54 ? 5   U   C C6    1 
ATOM   393  P P     . C   C 1 6 ? 1.968   -12.955 19.235  1.00 37.07 ? 6   C   C P     1 
ATOM   394  O OP1   . C   C 1 6 ? 3.148   -12.751 20.115  1.00 58.52 ? 6   C   C OP1   1 
ATOM   395  O OP2   . C   C 1 6 ? 2.093   -13.755 17.979  1.00 40.20 ? 6   C   C OP2   1 
ATOM   396  O "O5'" . C   C 1 6 ? 0.881   -13.899 19.929  1.00 43.89 ? 6   C   C "O5'" 1 
ATOM   397  C "C5'" . C   C 1 6 ? 0.507   -13.733 21.293  1.00 40.94 ? 6   C   C "C5'" 1 
ATOM   398  C "C4'" . C   C 1 6 ? -0.992  -13.553 21.404  1.00 35.39 ? 6   C   C "C4'" 1 
ATOM   399  O "O4'" . C   C 1 6 ? -1.453  -12.645 20.355  1.00 35.85 ? 6   C   C "O4'" 1 
ATOM   400  C "C3'" . C   C 1 6 ? -1.843  -14.787 21.199  1.00 33.86 ? 6   C   C "C3'" 1 
ATOM   401  O "O3'" . C   C 1 6 ? -2.015  -15.516 22.411  1.00 47.03 ? 6   C   C "O3'" 1 
ATOM   402  C "C2'" . C   C 1 6 ? -3.194  -14.173 20.886  1.00 39.01 ? 6   C   C "C2'" 1 
ATOM   403  O "O2'" . C   C 1 6 ? -3.836  -13.795 22.086  1.00 40.26 ? 6   C   C "O2'" 1 
ATOM   404  C "C1'" . C   C 1 6 ? -2.792  -12.991 19.993  1.00 36.60 ? 6   C   C "C1'" 1 
ATOM   405  N N1    . C   C 1 6 ? -2.874  -13.320 18.545  1.00 37.17 ? 6   C   C N1    1 
ATOM   406  C C2    . C   C 1 6 ? -4.127  -13.234 17.918  1.00 32.00 ? 6   C   C C2    1 
ATOM   407  O O2    . C   C 1 6 ? -5.109  -12.878 18.587  1.00 34.75 ? 6   C   C O2    1 
ATOM   408  N N3    . C   C 1 6 ? -4.247  -13.597 16.623  1.00 29.28 ? 6   C   C N3    1 
ATOM   409  C C4    . C   C 1 6 ? -3.173  -13.995 15.939  1.00 33.15 ? 6   C   C C4    1 
ATOM   410  N N4    . C   C 1 6 ? -3.345  -14.327 14.672  1.00 21.32 ? 6   C   C N4    1 
ATOM   411  C C5    . C   C 1 6 ? -1.881  -14.089 16.545  1.00 32.95 ? 6   C   C C5    1 
ATOM   412  C C6    . C   C 1 6 ? -1.779  -13.745 17.840  1.00 36.60 ? 6   C   C C6    1 
ATOM   413  P P     . C   C 1 7 ? -2.251  -17.098 22.271  1.00 47.32 ? 7   C   C P     1 
ATOM   414  O OP1   . C   C 1 7 ? -2.161  -17.644 23.678  1.00 54.74 ? 7   C   C OP1   1 
ATOM   415  O OP2   . C   C 1 7 ? -1.365  -17.682 21.237  1.00 37.60 ? 7   C   C OP2   1 
ATOM   416  O "O5'" . C   C 1 7 ? -3.785  -17.247 21.831  1.00 38.41 ? 7   C   C "O5'" 1 
ATOM   417  C "C5'" . C   C 1 7 ? -4.833  -16.914 22.727  1.00 38.57 ? 7   C   C "C5'" 1 
ATOM   418  C "C4'" . C   C 1 7 ? -6.151  -16.934 22.014  1.00 42.12 ? 7   C   C "C4'" 1 
ATOM   419  O "O4'" . C   C 1 7 ? -6.143  -16.032 20.871  1.00 40.30 ? 7   C   C "O4'" 1 
ATOM   420  C "C3'" . C   C 1 7 ? -6.648  -18.263 21.449  1.00 45.57 ? 7   C   C "C3'" 1 
ATOM   421  O "O3'" . C   C 1 7 ? -7.298  -19.083 22.427  1.00 53.46 ? 7   C   C "O3'" 1 
ATOM   422  C "C2'" . C   C 1 7 ? -7.707  -17.781 20.465  1.00 38.99 ? 7   C   C "C2'" 1 
ATOM   423  O "O2'" . C   C 1 7 ? -8.965  -17.430 21.037  1.00 40.76 ? 7   C   C "O2'" 1 
ATOM   424  C "C1'" . C   C 1 7 ? -7.047  -16.515 19.901  1.00 36.69 ? 7   C   C "C1'" 1 
ATOM   425  N N1    . C   C 1 7 ? -6.301  -16.736 18.648  1.00 33.66 ? 7   C   C N1    1 
ATOM   426  C C2    . C   C 1 7 ? -7.019  -16.866 17.459  1.00 30.80 ? 7   C   C C2    1 
ATOM   427  O O2    . C   C 1 7 ? -8.253  -16.894 17.509  1.00 32.12 ? 7   C   C O2    1 
ATOM   428  N N3    . C   C 1 7 ? -6.351  -17.053 16.300  1.00 32.17 ? 7   C   C N3    1 
ATOM   429  C C4    . C   C 1 7 ? -5.019  -17.122 16.307  1.00 35.51 ? 7   C   C C4    1 
ATOM   430  N N4    . C   C 1 7 ? -4.398  -17.288 15.137  1.00 32.77 ? 7   C   C N4    1 
ATOM   431  C C5    . C   C 1 7 ? -4.260  -16.959 17.504  1.00 34.83 ? 7   C   C C5    1 
ATOM   432  C C6    . C   C 1 7 ? -4.936  -16.765 18.639  1.00 36.85 ? 7   C   C C6    1 
ATOM   433  O "O5'" . G   D 2 1 ? -10.718 -16.708 7.464   1.00 35.50 ? 8   G   D "O5'" 1 
ATOM   434  C "C5'" . G   D 2 1 ? -12.144 -16.814 7.347   1.00 35.22 ? 8   G   D "C5'" 1 
ATOM   435  C "C4'" . G   D 2 1 ? -12.705 -17.019 8.715   1.00 28.74 ? 8   G   D "C4'" 1 
ATOM   436  O "O4'" . G   D 2 1 ? -12.130 -18.201 9.345   1.00 26.89 ? 8   G   D "O4'" 1 
ATOM   437  C "C3'" . G   D 2 1 ? -12.501 -15.902 9.712   1.00 30.40 ? 8   G   D "C3'" 1 
ATOM   438  O "O3'" . G   D 2 1 ? -13.520 -14.914 9.535   1.00 35.76 ? 8   G   D "O3'" 1 
ATOM   439  C "C2'" . G   D 2 1 ? -12.636 -16.627 11.032  1.00 27.19 ? 8   G   D "C2'" 1 
ATOM   440  O "O2'" . G   D 2 1 ? -13.968 -16.959 11.348  1.00 34.35 ? 8   G   D "O2'" 1 
ATOM   441  C "C1'" . G   D 2 1 ? -11.914 -17.942 10.715  1.00 27.96 ? 8   G   D "C1'" 1 
ATOM   442  N N9    . G   D 2 1 ? -10.478 -17.818 10.931  1.00 28.04 ? 8   G   D N9    1 
ATOM   443  C C8    . G   D 2 1 ? -9.489  -17.849 9.978   1.00 29.71 ? 8   G   D C8    1 
ATOM   444  N N7    . G   D 2 1 ? -8.292  -17.685 10.477  1.00 32.79 ? 8   G   D N7    1 
ATOM   445  C C5    . G   D 2 1 ? -8.500  -17.586 11.852  1.00 26.11 ? 8   G   D C5    1 
ATOM   446  C C6    . G   D 2 1 ? -7.564  -17.389 12.927  1.00 29.09 ? 8   G   D C6    1 
ATOM   447  O O6    . G   D 2 1 ? -6.328  -17.294 12.872  1.00 28.18 ? 8   G   D O6    1 
ATOM   448  N N1    . G   D 2 1 ? -8.205  -17.303 14.155  1.00 30.59 ? 8   G   D N1    1 
ATOM   449  C C2    . G   D 2 1 ? -9.564  -17.423 14.342  1.00 29.59 ? 8   G   D C2    1 
ATOM   450  N N2    . G   D 2 1 ? -9.982  -17.311 15.606  1.00 32.33 ? 8   G   D N2    1 
ATOM   451  N N3    . G   D 2 1 ? -10.449 -17.503 13.349  1.00 26.13 ? 8   G   D N3    1 
ATOM   452  C C4    . G   D 2 1 ? -9.846  -17.646 12.146  1.00 31.41 ? 8   G   D C4    1 
ATOM   453  P P     . G   D 2 2 ? -13.222 -13.403 9.902   1.00 37.41 ? 9   G   D P     1 
ATOM   454  O OP1   . G   D 2 2 ? -14.375 -12.501 9.495   1.00 47.37 ? 9   G   D OP1   1 
ATOM   455  O OP2   . G   D 2 2 ? -11.882 -13.146 9.258   1.00 41.77 ? 9   G   D OP2   1 
ATOM   456  O "O5'" . G   D 2 2 ? -13.086 -13.341 11.472  1.00 41.07 ? 9   G   D "O5'" 1 
ATOM   457  C "C5'" . G   D 2 2 ? -14.194 -13.666 12.301  1.00 35.01 ? 9   G   D "C5'" 1 
ATOM   458  C "C4'" . G   D 2 2 ? -13.730 -13.764 13.715  1.00 42.67 ? 9   G   D "C4'" 1 
ATOM   459  O "O4'" . G   D 2 2 ? -12.690 -14.791 13.860  1.00 33.76 ? 9   G   D "O4'" 1 
ATOM   460  C "C3'" . G   D 2 2 ? -13.100 -12.495 14.287  1.00 40.76 ? 9   G   D "C3'" 1 
ATOM   461  O "O3'" . G   D 2 2 ? -14.052 -11.552 14.793  1.00 47.86 ? 9   G   D "O3'" 1 
ATOM   462  C "C2'" . G   D 2 2 ? -12.318 -13.058 15.456  1.00 33.92 ? 9   G   D "C2'" 1 
ATOM   463  O "O2'" . G   D 2 2 ? -13.168 -13.398 16.548  1.00 45.35 ? 9   G   D "O2'" 1 
ATOM   464  C "C1'" . G   D 2 2 ? -11.778 -14.354 14.848  1.00 30.36 ? 9   G   D "C1'" 1 
ATOM   465  N N9    . G   D 2 2 ? -10.476 -14.214 14.209  1.00 29.97 ? 9   G   D N9    1 
ATOM   466  C C8    . G   D 2 2 ? -10.182 -14.337 12.870  1.00 35.30 ? 9   G   D C8    1 
ATOM   467  N N7    . G   D 2 2 ? -8.901  -14.260 12.616  1.00 28.87 ? 9   G   D N7    1 
ATOM   468  C C5    . G   D 2 2 ? -8.315  -14.094 13.863  1.00 29.36 ? 9   G   D C5    1 
ATOM   469  C C6    . G   D 2 2 ? -6.953  -13.959 14.225  1.00 26.08 ? 9   G   D C6    1 
ATOM   470  O O6    . G   D 2 2 ? -5.962  -13.948 13.486  1.00 31.20 ? 9   G   D O6    1 
ATOM   471  N N1    . G   D 2 2 ? -6.804  -13.791 15.598  1.00 28.90 ? 9   G   D N1    1 
ATOM   472  C C2    . G   D 2 2 ? -7.836  -13.759 16.509  1.00 30.52 ? 9   G   D C2    1 
ATOM   473  N N2    . G   D 2 2 ? -7.493  -13.604 17.798  1.00 36.18 ? 9   G   D N2    1 
ATOM   474  N N3    . G   D 2 2 ? -9.102  -13.956 16.189  1.00 30.96 ? 9   G   D N3    1 
ATOM   475  C C4    . G   D 2 2 ? -9.274  -14.071 14.858  1.00 30.19 ? 9   G   D C4    1 
ATOM   476  P P     . U   D 2 3 ? -13.697 -10.002 14.622  1.00 46.00 ? 10  U   D P     1 
ATOM   477  O OP1   . U   D 2 3 ? -14.954 -9.284  14.980  1.00 57.43 ? 10  U   D OP1   1 
ATOM   478  O OP2   . U   D 2 3 ? -13.024 -9.724  13.315  1.00 56.80 ? 10  U   D OP2   1 
ATOM   479  O "O5'" . U   D 2 3 ? -12.676 -9.670  15.810  1.00 46.89 ? 10  U   D "O5'" 1 
ATOM   480  C "C5'" . U   D 2 3 ? -12.916 -10.104 17.152  1.00 44.54 ? 10  U   D "C5'" 1 
ATOM   481  C "C4'" . U   D 2 3 ? -11.667 -9.964  18.002  1.00 44.71 ? 10  U   D "C4'" 1 
ATOM   482  O "O4'" . U   D 2 3 ? -10.648 -10.913 17.584  1.00 40.01 ? 10  U   D "O4'" 1 
ATOM   483  C "C3'" . U   D 2 3 ? -10.921 -8.646  17.910  1.00 42.63 ? 10  U   D "C3'" 1 
ATOM   484  O "O3'" . U   D 2 3 ? -11.530 -7.652  18.722  1.00 37.04 ? 10  U   D "O3'" 1 
ATOM   485  C "C2'" . U   D 2 3 ? -9.589  -9.015  18.548  1.00 42.19 ? 10  U   D "C2'" 1 
ATOM   486  O "O2'" . U   D 2 3 ? -9.632  -9.070  19.975  1.00 41.61 ? 10  U   D "O2'" 1 
ATOM   487  C "C1'" . U   D 2 3 ? -9.368  -10.415 17.965  1.00 39.92 ? 10  U   D "C1'" 1 
ATOM   488  N N1    . U   D 2 3 ? -8.490  -10.431 16.782  1.00 37.34 ? 10  U   D N1    1 
ATOM   489  C C2    . U   D 2 3 ? -7.132  -10.288 17.007  1.00 37.56 ? 10  U   D C2    1 
ATOM   490  O O2    . U   D 2 3 ? -6.656  -10.084 18.110  1.00 40.50 ? 10  U   D O2    1 
ATOM   491  N N3    . U   D 2 3 ? -6.353  -10.398 15.888  1.00 33.00 ? 10  U   D N3    1 
ATOM   492  C C4    . U   D 2 3 ? -6.770  -10.627 14.594  1.00 29.57 ? 10  U   D C4    1 
ATOM   493  O O4    . U   D 2 3 ? -5.930  -10.703 13.694  1.00 30.77 ? 10  U   D O4    1 
ATOM   494  C C5    . U   D 2 3 ? -8.181  -10.820 14.445  1.00 28.53 ? 10  U   D C5    1 
ATOM   495  C C6    . U   D 2 3 ? -8.980  -10.688 15.517  1.00 31.25 ? 10  U   D C6    1 
ATOM   496  P P     . G   D 2 4 ? -11.817 -6.311  18.050  1.00 38.87 ? 11  G   D P     1 
ATOM   497  O OP1   . G   D 2 4 ? -12.755 -5.631  19.018  1.00 41.92 ? 11  G   D OP1   1 
ATOM   498  O OP2   . G   D 2 4 ? -12.178 -6.443  16.585  1.00 36.28 ? 11  G   D OP2   1 
ATOM   499  O "O5'" . G   D 2 4 ? -10.417 -5.550  18.181  1.00 48.72 ? 11  G   D "O5'" 1 
ATOM   500  C "C5'" . G   D 2 4 ? -9.785  -5.411  19.478  1.00 42.87 ? 11  G   D "C5'" 1 
ATOM   501  C "C4'" . G   D 2 4 ? -8.271  -5.319  19.388  1.00 46.84 ? 11  G   D "C4'" 1 
ATOM   502  O "O4'" . G   D 2 4 ? -7.714  -6.533  18.808  1.00 48.97 ? 11  G   D "O4'" 1 
ATOM   503  C "C3'" . G   D 2 4 ? -7.713  -4.216  18.507  1.00 40.29 ? 11  G   D "C3'" 1 
ATOM   504  O "O3'" . G   D 2 4 ? -7.719  -2.960  19.158  1.00 42.76 ? 11  G   D "O3'" 1 
ATOM   505  C "C2'" . G   D 2 4 ? -6.289  -4.698  18.272  1.00 41.42 ? 11  G   D "C2'" 1 
ATOM   506  O "O2'" . G   D 2 4 ? -5.408  -4.637  19.410  1.00 37.39 ? 11  G   D "O2'" 1 
ATOM   507  C "C1'" . G   D 2 4 ? -6.520  -6.195  18.095  1.00 39.84 ? 11  G   D "C1'" 1 
ATOM   508  N N9    . G   D 2 4 ? -6.587  -6.658  16.704  1.00 35.45 ? 11  G   D N9    1 
ATOM   509  C C8    . G   D 2 4 ? -7.672  -6.971  15.910  1.00 28.14 ? 11  G   D C8    1 
ATOM   510  N N7    . G   D 2 4 ? -7.329  -7.388  14.713  1.00 30.33 ? 11  G   D N7    1 
ATOM   511  C C5    . G   D 2 4 ? -5.943  -7.267  14.691  1.00 28.73 ? 11  G   D C5    1 
ATOM   512  C C6    . G   D 2 4 ? -5.001  -7.582  13.666  1.00 28.28 ? 11  G   D C6    1 
ATOM   513  O O6    . G   D 2 4 ? -5.213  -8.049  12.538  1.00 36.28 ? 11  G   D O6    1 
ATOM   514  N N1    . G   D 2 4 ? -3.694  -7.334  14.079  1.00 24.90 ? 11  G   D N1    1 
ATOM   515  C C2    . G   D 2 4 ? -3.326  -6.875  15.329  1.00 27.80 ? 11  G   D C2    1 
ATOM   516  N N2    . G   D 2 4 ? -2.011  -6.738  15.552  1.00 25.64 ? 11  G   D N2    1 
ATOM   517  N N3    . G   D 2 4 ? -4.189  -6.587  16.293  1.00 35.24 ? 11  G   D N3    1 
ATOM   518  C C4    . G   D 2 4 ? -5.469  -6.822  15.913  1.00 31.89 ? 11  G   D C4    1 
ATOM   519  P P     . C   D 2 5 ? -7.957  -1.695  18.198  1.00 41.42 ? 12  C   D P     1 
ATOM   520  O OP1   . C   D 2 5 ? -8.221  -0.479  19.072  1.00 43.91 ? 12  C   D OP1   1 
ATOM   521  O OP2   . C   D 2 5 ? -8.815  -2.024  16.986  1.00 42.08 ? 12  C   D OP2   1 
ATOM   522  O "O5'" . C   D 2 5 ? -6.487  -1.358  17.631  1.00 41.22 ? 12  C   D "O5'" 1 
ATOM   523  C "C5'" . C   D 2 5 ? -6.295  -0.916  16.295  1.00 38.06 ? 12  C   D "C5'" 1 
ATOM   524  C "C4'" . C   D 2 5 ? -4.863  -1.184  15.898  1.00 30.98 ? 12  C   D "C4'" 1 
ATOM   525  O "O4'" . C   D 2 5 ? -4.679  -2.628  15.793  1.00 30.23 ? 12  C   D "O4'" 1 
ATOM   526  C "C3'" . C   D 2 5 ? -4.463  -0.655  14.532  1.00 31.49 ? 12  C   D "C3'" 1 
ATOM   527  O "O3'" . C   D 2 5 ? -3.980  0.698   14.501  1.00 36.19 ? 12  C   D "O3'" 1 
ATOM   528  C "C2'" . C   D 2 5 ? -3.273  -1.560  14.244  1.00 31.58 ? 12  C   D "C2'" 1 
ATOM   529  O "O2'" . C   D 2 5 ? -2.052  -1.160  14.837  1.00 29.46 ? 12  C   D "O2'" 1 
ATOM   530  C "C1'" . C   D 2 5 ? -3.787  -2.916  14.720  1.00 35.06 ? 12  C   D "C1'" 1 
ATOM   531  N N1    . C   D 2 5 ? -4.502  -3.698  13.688  1.00 33.75 ? 12  C   D N1    1 
ATOM   532  C C2    . C   D 2 5 ? -3.766  -4.315  12.667  1.00 32.56 ? 12  C   D C2    1 
ATOM   533  O O2    . C   D 2 5 ? -2.518  -4.276  12.710  1.00 34.03 ? 12  C   D O2    1 
ATOM   534  N N3    . C   D 2 5 ? -4.425  -4.989  11.693  1.00 32.78 ? 12  C   D N3    1 
ATOM   535  C C4    . C   D 2 5 ? -5.762  -5.007  11.673  1.00 37.11 ? 12  C   D C4    1 
ATOM   536  N N4    . C   D 2 5 ? -6.366  -5.704  10.701  1.00 29.00 ? 12  C   D N4    1 
ATOM   537  C C5    . C   D 2 5 ? -6.537  -4.376  12.693  1.00 40.04 ? 12  C   D C5    1 
ATOM   538  C C6    . C   D 2 5 ? -5.874  -3.717  13.657  1.00 36.62 ? 12  C   D C6    1 
ATOM   539  P P     . U   D 2 6 ? -3.860  1.567   13.123  1.00 39.28 ? 13  U   D P     1 
ATOM   540  O OP1   . U   D 2 6 ? -3.502  2.955   13.565  1.00 44.21 ? 13  U   D OP1   1 
ATOM   541  O OP2   . U   D 2 6 ? -5.238  1.280   12.583  1.00 46.19 ? 13  U   D OP2   1 
ATOM   542  O "O5'" . U   D 2 6 ? -2.752  0.956   12.153  1.00 42.94 ? 13  U   D "O5'" 1 
ATOM   543  C "C5'" . U   D 2 6 ? -1.375  0.896   12.552  1.00 35.86 ? 13  U   D "C5'" 1 
ATOM   544  C "C4'" . U   D 2 6 ? -0.552  0.258   11.469  1.00 40.13 ? 13  U   D "C4'" 1 
ATOM   545  O "O4'" . U   D 2 6 ? -0.939  -1.125  11.336  1.00 36.16 ? 13  U   D "O4'" 1 
ATOM   546  C "C3'" . U   D 2 6 ? -0.736  0.800   10.048  1.00 35.78 ? 13  U   D "C3'" 1 
ATOM   547  O "O3'" . U   D 2 6 ? -0.030  2.016   9.847   1.00 35.13 ? 13  U   D "O3'" 1 
ATOM   548  C "C2'" . U   D 2 6 ? -0.157  -0.343  9.227   1.00 42.38 ? 13  U   D "C2'" 1 
ATOM   549  O "O2'" . U   D 2 6 ? 1.256   -0.410  9.252   1.00 38.47 ? 13  U   D "O2'" 1 
ATOM   550  C "C1'" . U   D 2 6 ? -0.667  -1.559  10.007  1.00 39.82 ? 13  U   D "C1'" 1 
ATOM   551  N N1    . U   D 2 6 ? -1.896  -2.140  9.436   1.00 29.85 ? 13  U   D N1    1 
ATOM   552  C C2    . U   D 2 6 ? -1.721  -3.005  8.371   1.00 32.60 ? 13  U   D C2    1 
ATOM   553  O O2    . U   D 2 6 ? -0.626  -3.250  7.889   1.00 34.68 ? 13  U   D O2    1 
ATOM   554  N N3    . U   D 2 6 ? -2.874  -3.587  7.907   1.00 38.35 ? 13  U   D N3    1 
ATOM   555  C C4    . U   D 2 6 ? -4.163  -3.345  8.336   1.00 42.29 ? 13  U   D C4    1 
ATOM   556  O O4    . U   D 2 6 ? -5.103  -3.897  7.762   1.00 45.86 ? 13  U   D O4    1 
ATOM   557  C C5    . U   D 2 6 ? -4.263  -2.447  9.454   1.00 36.71 ? 13  U   D C5    1 
ATOM   558  C C6    . U   D 2 6 ? -3.147  -1.898  9.960   1.00 33.26 ? 13  U   D C6    1 
ATOM   559  P P     . A   D 2 7 ? -0.548  3.101   8.755   1.00 36.22 ? 14  A   D P     1 
ATOM   560  O OP1   . A   D 2 7 ? 0.226   4.331   9.014   1.00 48.57 ? 14  A   D OP1   1 
ATOM   561  O OP2   . A   D 2 7 ? -2.039  3.139   8.832   1.00 41.87 ? 14  A   D OP2   1 
ATOM   562  O "O5'" . A   D 2 7 ? -0.098  2.442   7.379   1.00 40.10 ? 14  A   D "O5'" 1 
ATOM   563  C "C5'" . A   D 2 7 ? 1.322   2.352   7.104   1.00 40.89 ? 14  A   D "C5'" 1 
ATOM   564  C "C4'" . A   D 2 7 ? 1.581   1.426   5.937   1.00 37.37 ? 14  A   D "C4'" 1 
ATOM   565  O "O4'" . A   D 2 7 ? 0.957   0.149   6.204   1.00 38.02 ? 14  A   D "O4'" 1 
ATOM   566  C "C3'" . A   D 2 7 ? 1.002   1.872   4.591   1.00 37.34 ? 14  A   D "C3'" 1 
ATOM   567  O "O3'" . A   D 2 7 ? 1.913   2.728   3.909   1.00 38.94 ? 14  A   D "O3'" 1 
ATOM   568  C "C2'" . A   D 2 7 ? 0.829   0.557   3.844   1.00 35.05 ? 14  A   D "C2'" 1 
ATOM   569  O "O2'" . A   D 2 7 ? 1.967   -0.003  3.197   1.00 35.88 ? 14  A   D "O2'" 1 
ATOM   570  C "C1'" . A   D 2 7 ? 0.472   -0.401  4.983   1.00 36.62 ? 14  A   D "C1'" 1 
ATOM   571  N N9    . A   D 2 7 ? -0.958  -0.648  5.106   1.00 31.78 ? 14  A   D N9    1 
ATOM   572  C C8    . A   D 2 7 ? -1.849  -0.180  6.041   1.00 31.98 ? 14  A   D C8    1 
ATOM   573  N N7    . A   D 2 7 ? -3.045  -0.700  5.933   1.00 30.54 ? 14  A   D N7    1 
ATOM   574  C C5    . A   D 2 7 ? -2.938  -1.572  4.859   1.00 25.82 ? 14  A   D C5    1 
ATOM   575  C C6    . A   D 2 7 ? -3.871  -2.417  4.230   1.00 32.15 ? 14  A   D C6    1 
ATOM   576  N N6    . A   D 2 7 ? -5.161  -2.493  4.583   1.00 29.03 ? 14  A   D N6    1 
ATOM   577  N N1    . A   D 2 7 ? -3.450  -3.132  3.160   1.00 33.54 ? 14  A   D N1    1 
ATOM   578  C C2    . A   D 2 7 ? -2.165  -3.026  2.783   1.00 34.58 ? 14  A   D C2    1 
ATOM   579  N N3    . A   D 2 7 ? -1.205  -2.237  3.271   1.00 29.02 ? 14  A   D N3    1 
ATOM   580  C C4    . A   D 2 7 ? -1.655  -1.557  4.344   1.00 27.52 ? 14  A   D C4    1 
ATOM   581  O "O5'" . U   E 1 1 ? 12.196  6.798   0.627   1.00 54.36 ? 1   U   E "O5'" 1 
ATOM   582  C "C5'" . U   E 1 1 ? 11.758  7.973   1.340   1.00 44.25 ? 1   U   E "C5'" 1 
ATOM   583  C "C4'" . U   E 1 1 ? 10.315  7.817   1.750   1.00 36.75 ? 1   U   E "C4'" 1 
ATOM   584  O "O4'" . U   E 1 1 ? 9.546   7.494   0.567   1.00 47.31 ? 1   U   E "O4'" 1 
ATOM   585  C "C3'" . U   E 1 1 ? 10.010  6.670   2.694   1.00 42.59 ? 1   U   E "C3'" 1 
ATOM   586  O "O3'" . U   E 1 1 ? 10.204  7.023   4.049   1.00 47.93 ? 1   U   E "O3'" 1 
ATOM   587  C "C2'" . U   E 1 1 ? 8.526   6.440   2.427   1.00 40.30 ? 1   U   E "C2'" 1 
ATOM   588  O "O2'" . U   E 1 1 ? 7.672   7.462   2.913   1.00 39.60 ? 1   U   E "O2'" 1 
ATOM   589  C "C1'" . U   E 1 1 ? 8.473   6.623   0.911   1.00 37.09 ? 1   U   E "C1'" 1 
ATOM   590  N N1    . U   E 1 1 ? 8.591   5.380   0.136   1.00 37.10 ? 1   U   E N1    1 
ATOM   591  C C2    . U   E 1 1 ? 7.458   4.597   0.046   1.00 38.22 ? 1   U   E C2    1 
ATOM   592  O O2    . U   E 1 1 ? 6.408   4.893   0.588   1.00 46.75 ? 1   U   E O2    1 
ATOM   593  N N3    . U   E 1 1 ? 7.607   3.451   -0.700  1.00 36.52 ? 1   U   E N3    1 
ATOM   594  C C4    . U   E 1 1 ? 8.743   3.018   -1.355  1.00 30.11 ? 1   U   E C4    1 
ATOM   595  O O4    . U   E 1 1 ? 8.715   1.953   -1.977  1.00 38.01 ? 1   U   E O4    1 
ATOM   596  C C5    . U   E 1 1 ? 9.872   3.886   -1.219  1.00 27.55 ? 1   U   E C5    1 
ATOM   597  C C6    . U   E 1 1 ? 9.752   5.024   -0.528  1.00 26.78 ? 1   U   E C6    1 
ATOM   598  P P     . A   E 1 2 ? 10.654  5.895   5.128   1.00 42.52 ? 2   A   E P     1 
ATOM   599  O OP1   . A   E 1 2 ? 10.954  6.677   6.370   1.00 61.66 ? 2   A   E OP1   1 
ATOM   600  O OP2   . A   E 1 2 ? 11.710  5.004   4.525   1.00 41.70 ? 2   A   E OP2   1 
ATOM   601  O "O5'" . A   E 1 2 ? 9.265   5.120   5.280   1.00 43.71 ? 2   A   E "O5'" 1 
ATOM   602  C "C5'" . A   E 1 2 ? 8.253   5.636   6.142   1.00 42.87 ? 2   A   E "C5'" 1 
ATOM   603  C "C4'" . A   E 1 2 ? 6.990   4.836   5.966   1.00 42.50 ? 2   A   E "C4'" 1 
ATOM   604  O "O4'" . A   E 1 2 ? 6.734   4.646   4.547   1.00 47.45 ? 2   A   E "O4'" 1 
ATOM   605  C "C3'" . A   E 1 2 ? 7.034   3.411   6.496   1.00 37.41 ? 2   A   E "C3'" 1 
ATOM   606  O "O3'" . A   E 1 2 ? 6.925   3.364   7.916   1.00 41.97 ? 2   A   E "O3'" 1 
ATOM   607  C "C2'" . A   E 1 2 ? 5.871   2.778   5.734   1.00 40.22 ? 2   A   E "C2'" 1 
ATOM   608  O "O2'" . A   E 1 2 ? 4.548   3.053   6.195   1.00 45.59 ? 2   A   E "O2'" 1 
ATOM   609  C "C1'" . A   E 1 2 ? 6.066   3.408   4.353   1.00 37.88 ? 2   A   E "C1'" 1 
ATOM   610  N N9    . A   E 1 2 ? 6.874   2.608   3.440   1.00 32.94 ? 2   A   E N9    1 
ATOM   611  C C8    . A   E 1 2 ? 8.166   2.821   3.030   1.00 34.22 ? 2   A   E C8    1 
ATOM   612  N N7    . A   E 1 2 ? 8.601   1.933   2.174   1.00 35.25 ? 2   A   E N7    1 
ATOM   613  C C5    . A   E 1 2 ? 7.525   1.064   2.020   1.00 36.79 ? 2   A   E C5    1 
ATOM   614  C C6    . A   E 1 2 ? 7.341   -0.088  1.230   1.00 39.49 ? 2   A   E C6    1 
ATOM   615  N N6    . A   E 1 2 ? 8.281   -0.592  0.425   1.00 51.61 ? 2   A   E N6    1 
ATOM   616  N N1    . A   E 1 2 ? 6.151   -0.729  1.314   1.00 40.96 ? 2   A   E N1    1 
ATOM   617  C C2    . A   E 1 2 ? 5.195   -0.200  2.095   1.00 44.50 ? 2   A   E C2    1 
ATOM   618  N N3    . A   E 1 2 ? 5.250   0.879   2.880   1.00 39.97 ? 2   A   E N3    1 
ATOM   619  C C4    . A   E 1 2 ? 6.456   1.470   2.794   1.00 32.00 ? 2   A   E C4    1 
ATOM   620  P P     . G   E 1 3 ? 7.724   2.219   8.695   1.00 45.66 ? 3   G   E P     1 
ATOM   621  O OP1   . G   E 1 3 ? 7.641   2.787   10.011  1.00 54.65 ? 3   G   E OP1   1 
ATOM   622  O OP2   . G   E 1 3 ? 9.020   1.902   8.156   1.00 32.70 ? 3   G   E OP2   1 
ATOM   623  O "O5'" . G   E 1 3 ? 6.808   0.934   8.652   1.00 39.70 ? 3   G   E "O5'" 1 
ATOM   624  C "C5'" . G   E 1 3 ? 5.434   1.022   9.036   1.00 43.53 ? 3   G   E "C5'" 1 
ATOM   625  C "C4'" . G   E 1 3 ? 4.655   -0.201  8.615   1.00 40.29 ? 3   G   E "C4'" 1 
ATOM   626  O "O4'" . G   E 1 3 ? 4.418   -0.193  7.187   1.00 41.67 ? 3   G   E "O4'" 1 
ATOM   627  C "C3'" . G   E 1 3 ? 5.310   -1.543  8.867   1.00 39.63 ? 3   G   E "C3'" 1 
ATOM   628  O "O3'" . G   E 1 3 ? 5.238   -1.923  10.234  1.00 43.82 ? 3   G   E "O3'" 1 
ATOM   629  C "C2'" . G   E 1 3 ? 4.561   -2.428  7.882   1.00 33.70 ? 3   G   E "C2'" 1 
ATOM   630  O "O2'" . G   E 1 3 ? 3.230   -2.753  8.192   1.00 38.62 ? 3   G   E "O2'" 1 
ATOM   631  C "C1'" . G   E 1 3 ? 4.506   -1.509  6.675   1.00 34.05 ? 3   G   E "C1'" 1 
ATOM   632  N N9    . G   E 1 3 ? 5.680   -1.579  5.827   1.00 34.82 ? 3   G   E N9    1 
ATOM   633  C C8    . G   E 1 3 ? 6.729   -0.699  5.814   1.00 37.28 ? 3   G   E C8    1 
ATOM   634  N N7    . G   E 1 3 ? 7.636   -0.998  4.929   1.00 38.49 ? 3   G   E N7    1 
ATOM   635  C C5    . G   E 1 3 ? 7.147   -2.137  4.310   1.00 33.97 ? 3   G   E C5    1 
ATOM   636  C C6    . G   E 1 3 ? 7.695   -2.922  3.269   1.00 30.69 ? 3   G   E C6    1 
ATOM   637  O O6    . G   E 1 3 ? 8.729   -2.747  2.643   1.00 36.79 ? 3   G   E O6    1 
ATOM   638  N N1    . G   E 1 3 ? 6.877   -3.990  2.954   1.00 35.10 ? 3   G   E N1    1 
ATOM   639  C C2    . G   E 1 3 ? 5.685   -4.272  3.552   1.00 34.07 ? 3   G   E C2    1 
ATOM   640  N N2    . G   E 1 3 ? 5.059   -5.363  3.116   1.00 31.82 ? 3   G   E N2    1 
ATOM   641  N N3    . G   E 1 3 ? 5.158   -3.548  4.524   1.00 39.50 ? 3   G   E N3    1 
ATOM   642  C C4    . G   E 1 3 ? 5.941   -2.506  4.854   1.00 33.31 ? 3   G   E C4    1 
ATOM   643  P P     . C   E 1 4 ? 6.443   -2.663  10.886  1.00 47.11 ? 4   C   E P     1 
ATOM   644  O OP1   . C   E 1 4 ? 6.003   -2.968  12.271  1.00 54.24 ? 4   C   E OP1   1 
ATOM   645  O OP2   . C   E 1 4 ? 7.747   -1.987  10.608  1.00 45.69 ? 4   C   E OP2   1 
ATOM   646  O "O5'" . C   E 1 4 ? 6.451   -4.069  10.128  1.00 37.55 ? 4   C   E "O5'" 1 
ATOM   647  C "C5'" . C   E 1 4 ? 5.283   -4.928  10.192  1.00 37.88 ? 4   C   E "C5'" 1 
ATOM   648  C "C4'" . C   E 1 4 ? 5.396   -6.020  9.163   1.00 34.64 ? 4   C   E "C4'" 1 
ATOM   649  O "O4'" . C   E 1 4 ? 5.608   -5.379  7.878   1.00 30.49 ? 4   C   E "O4'" 1 
ATOM   650  C "C3'" . C   E 1 4 ? 6.648   -6.874  9.256   1.00 27.44 ? 4   C   E "C3'" 1 
ATOM   651  O "O3'" . C   E 1 4 ? 6.593   -7.801  10.326  1.00 30.38 ? 4   C   E "O3'" 1 
ATOM   652  C "C2'" . C   E 1 4 ? 6.666   -7.486  7.877   1.00 26.55 ? 4   C   E "C2'" 1 
ATOM   653  O "O2'" . C   E 1 4 ? 5.717   -8.490  7.586   1.00 32.28 ? 4   C   E "O2'" 1 
ATOM   654  C "C1'" . C   E 1 4 ? 6.309   -6.258  7.024   1.00 28.03 ? 4   C   E "C1'" 1 
ATOM   655  N N1    . C   E 1 4 ? 7.496   -5.559  6.514   1.00 26.85 ? 4   C   E N1    1 
ATOM   656  C C2    . C   E 1 4 ? 8.117   -6.106  5.379   1.00 27.85 ? 4   C   E C2    1 
ATOM   657  O O2    . C   E 1 4 ? 7.629   -7.120  4.865   1.00 32.10 ? 4   C   E O2    1 
ATOM   658  N N3    . C   E 1 4 ? 9.196   -5.492  4.850   1.00 32.18 ? 4   C   E N3    1 
ATOM   659  C C4    . C   E 1 4 ? 9.700   -4.408  5.437   1.00 35.66 ? 4   C   E C4    1 
ATOM   660  N N4    . C   E 1 4 ? 10.740  -3.814  4.838   1.00 32.51 ? 4   C   E N4    1 
ATOM   661  C C5    . C   E 1 4 ? 9.094   -3.827  6.601   1.00 33.91 ? 4   C   E C5    1 
ATOM   662  C C6    . C   E 1 4 ? 8.019   -4.451  7.117   1.00 26.79 ? 4   C   E C6    1 
ATOM   663  P P     . U   E 1 5 ? 7.926   -8.407  10.982  1.00 34.36 ? 5   U   E P     1 
ATOM   664  O OP1   . U   E 1 5 ? 7.549   -9.272  12.102  1.00 33.63 ? 5   U   E OP1   1 
ATOM   665  O OP2   . U   E 1 5 ? 8.845   -7.269  11.221  1.00 28.62 ? 5   U   E OP2   1 
ATOM   666  O "O5'" . U   E 1 5 ? 8.574   -9.307  9.829   1.00 27.85 ? 5   U   E "O5'" 1 
ATOM   667  C "C5'" . U   E 1 5 ? 7.944   -10.521 9.442   1.00 33.01 ? 5   U   E "C5'" 1 
ATOM   668  C "C4'" . U   E 1 5 ? 8.654   -11.121 8.272   1.00 31.41 ? 5   U   E "C4'" 1 
ATOM   669  O "O4'" . U   E 1 5 ? 8.705   -10.167 7.187   1.00 36.36 ? 5   U   E "O4'" 1 
ATOM   670  C "C3'" . U   E 1 5 ? 10.115  -11.450 8.540   1.00 31.10 ? 5   U   E "C3'" 1 
ATOM   671  O "O3'" . U   E 1 5 ? 10.173  -12.614 9.332   1.00 34.06 ? 5   U   E "O3'" 1 
ATOM   672  C "C2'" . U   E 1 5 ? 10.666  -11.529 7.126   1.00 35.93 ? 5   U   E "C2'" 1 
ATOM   673  O "O2'" . U   E 1 5 ? 10.351  -12.752 6.479   1.00 45.51 ? 5   U   E "O2'" 1 
ATOM   674  C "C1'" . U   E 1 5 ? 9.902   -10.391 6.448   1.00 34.65 ? 5   U   E "C1'" 1 
ATOM   675  N N1    . U   E 1 5 ? 10.654  -9.143  6.378   1.00 27.98 ? 5   U   E N1    1 
ATOM   676  C C2    . U   E 1 5 ? 11.639  -9.093  5.417   1.00 36.27 ? 5   U   E C2    1 
ATOM   677  O O2    . U   E 1 5 ? 11.867  -10.025 4.659   1.00 40.69 ? 5   U   E O2    1 
ATOM   678  N N3    . U   E 1 5 ? 12.320  -7.907  5.352   1.00 29.57 ? 5   U   E N3    1 
ATOM   679  C C4    . U   E 1 5 ? 12.164  -6.808  6.168   1.00 31.38 ? 5   U   E C4    1 
ATOM   680  O O4    . U   E 1 5 ? 12.866  -5.823  5.986   1.00 35.94 ? 5   U   E O4    1 
ATOM   681  C C5    . U   E 1 5 ? 11.128  -6.939  7.163   1.00 32.23 ? 5   U   E C5    1 
ATOM   682  C C6    . U   E 1 5 ? 10.450  -8.089  7.248   1.00 33.31 ? 5   U   E C6    1 
ATOM   683  P P     . C   E 1 6 ? 11.291  -12.760 10.390  1.00 35.86 ? 6   C   E P     1 
ATOM   684  O OP1   . C   E 1 6 ? 11.085  -13.977 11.264  1.00 36.67 ? 6   C   E OP1   1 
ATOM   685  O OP2   . C   E 1 6 ? 11.588  -11.465 11.002  1.00 27.93 ? 6   C   E OP2   1 
ATOM   686  O "O5'" . C   E 1 6 ? 12.581  -13.131 9.541   1.00 28.79 ? 6   C   E "O5'" 1 
ATOM   687  C "C5'" . C   E 1 6 ? 12.744  -14.428 8.927   1.00 29.76 ? 6   C   E "C5'" 1 
ATOM   688  C "C4'" . C   E 1 6 ? 13.732  -14.339 7.793   1.00 31.55 ? 6   C   E "C4'" 1 
ATOM   689  O "O4'" . C   E 1 6 ? 13.375  -13.263 6.890   1.00 33.83 ? 6   C   E "O4'" 1 
ATOM   690  C "C3'" . C   E 1 6 ? 15.133  -13.973 8.221   1.00 29.97 ? 6   C   E "C3'" 1 
ATOM   691  O "O3'" . C   E 1 6 ? 15.705  -15.163 8.761   1.00 42.38 ? 6   C   E "O3'" 1 
ATOM   692  C "C2'" . C   E 1 6 ? 15.727  -13.487 6.911   1.00 38.42 ? 6   C   E "C2'" 1 
ATOM   693  O "O2'" . C   E 1 6 ? 16.037  -14.516 5.993   1.00 44.18 ? 6   C   E "O2'" 1 
ATOM   694  C "C1'" . C   E 1 6 ? 14.560  -12.679 6.346   1.00 32.91 ? 6   C   E "C1'" 1 
ATOM   695  N N1    . C   E 1 6 ? 14.630  -11.242 6.686   1.00 34.27 ? 6   C   E N1    1 
ATOM   696  C C2    . C   E 1 6 ? 15.529  -10.433 5.969   1.00 30.89 ? 6   C   E C2    1 
ATOM   697  O O2    . C   E 1 6 ? 16.203  -10.945 5.059   1.00 35.09 ? 6   C   E O2    1 
ATOM   698  N N3    . C   E 1 6 ? 15.629  -9.121  6.279   1.00 27.51 ? 6   C   E N3    1 
ATOM   699  C C4    . C   E 1 6 ? 14.931  -8.626  7.309   1.00 25.87 ? 6   C   E C4    1 
ATOM   700  N N4    . C   E 1 6 ? 15.076  -7.329  7.592   1.00 25.76 ? 6   C   E N4    1 
ATOM   701  C C5    . C   E 1 6 ? 14.009  -9.420  8.046   1.00 29.33 ? 6   C   E C5    1 
ATOM   702  C C6    . C   E 1 6 ? 13.922  -10.720 7.734   1.00 34.85 ? 6   C   E C6    1 
ATOM   703  P P     . C   E 1 7 ? 16.821  -14.893 9.864   1.00 45.25 ? 7   C   E P     1 
ATOM   704  O OP1   . C   E 1 7 ? 17.328  -16.237 10.329  1.00 58.30 ? 7   C   E OP1   1 
ATOM   705  O OP2   . C   E 1 7 ? 16.270  -13.943 10.881  1.00 42.36 ? 7   C   E OP2   1 
ATOM   706  O "O5'" . C   E 1 7 ? 18.029  -14.206 9.102   1.00 38.61 ? 7   C   E "O5'" 1 
ATOM   707  C "C5'" . C   E 1 7 ? 18.760  -14.939 8.134   1.00 38.58 ? 7   C   E "C5'" 1 
ATOM   708  C "C4'" . C   E 1 7 ? 19.711  -14.008 7.428   1.00 44.43 ? 7   C   E "C4'" 1 
ATOM   709  O "O4'" . C   E 1 7 ? 19.001  -12.827 6.973   1.00 45.33 ? 7   C   E "O4'" 1 
ATOM   710  C "C3'" . C   E 1 7 ? 20.841  -13.440 8.271   1.00 43.10 ? 7   C   E "C3'" 1 
ATOM   711  O "O3'" . C   E 1 7 ? 21.916  -14.382 8.404   1.00 44.28 ? 7   C   E "O3'" 1 
ATOM   712  C "C2'" . C   E 1 7 ? 21.253  -12.224 7.455   1.00 36.38 ? 7   C   E "C2'" 1 
ATOM   713  O "O2'" . C   E 1 7 ? 22.168  -12.546 6.415   1.00 39.59 ? 7   C   E "O2'" 1 
ATOM   714  C "C1'" . C   E 1 7 ? 19.916  -11.759 6.855   1.00 38.85 ? 7   C   E "C1'" 1 
ATOM   715  N N1    . C   E 1 7 ? 19.312  -10.552 7.478   1.00 37.62 ? 7   C   E N1    1 
ATOM   716  C C2    . C   E 1 7 ? 19.737  -9.294  7.039   1.00 37.24 ? 7   C   E C2    1 
ATOM   717  O O2    . C   E 1 7 ? 20.602  -9.225  6.152   1.00 40.36 ? 7   C   E O2    1 
ATOM   718  N N3    . C   E 1 7 ? 19.191  -8.182  7.580   1.00 34.92 ? 7   C   E N3    1 
ATOM   719  C C4    . C   E 1 7 ? 18.298  -8.289  8.561   1.00 37.17 ? 7   C   E C4    1 
ATOM   720  N N4    . C   E 1 7 ? 17.840  -7.160  9.101   1.00 41.69 ? 7   C   E N4    1 
ATOM   721  C C5    . C   E 1 7 ? 17.870  -9.562  9.061   1.00 36.86 ? 7   C   E C5    1 
ATOM   722  C C6    . C   E 1 7 ? 18.416  -10.657 8.505   1.00 36.61 ? 7   C   E C6    1 
ATOM   723  O "O5'" . G   F 2 1 ? 21.018  1.513   5.163   1.00 30.54 ? 8   G   F "O5'" 1 
ATOM   724  C "C5'" . G   F 2 1 ? 22.205  1.729   4.357   1.00 35.88 ? 8   G   F "C5'" 1 
ATOM   725  C "C4'" . G   F 2 1 ? 22.902  0.405   4.070   1.00 30.41 ? 8   G   F "C4'" 1 
ATOM   726  O "O4'" . G   F 2 1 ? 23.203  -0.304  5.308   1.00 34.29 ? 8   G   F "O4'" 1 
ATOM   727  C "C3'" . G   F 2 1 ? 22.095  -0.614  3.273   1.00 32.50 ? 8   G   F "C3'" 1 
ATOM   728  O "O3'" . G   F 2 1 ? 22.109  -0.281  1.899   1.00 37.74 ? 8   G   F "O3'" 1 
ATOM   729  C "C2'" . G   F 2 1 ? 22.775  -1.916  3.640   1.00 36.43 ? 8   G   F "C2'" 1 
ATOM   730  O "O2'" . G   F 2 1 ? 23.977  -2.087  2.899   1.00 38.04 ? 8   G   F "O2'" 1 
ATOM   731  C "C1'" . G   F 2 1 ? 23.040  -1.692  5.126   1.00 29.35 ? 8   G   F "C1'" 1 
ATOM   732  N N9    . G   F 2 1 ? 21.967  -2.161  6.020   1.00 31.57 ? 8   G   F N9    1 
ATOM   733  C C8    . G   F 2 1 ? 21.167  -1.373  6.806   1.00 33.85 ? 8   G   F C8    1 
ATOM   734  N N7    . G   F 2 1 ? 20.235  -2.044  7.425   1.00 27.85 ? 8   G   F N7    1 
ATOM   735  C C5    . G   F 2 1 ? 20.464  -3.362  7.066   1.00 33.36 ? 8   G   F C5    1 
ATOM   736  C C6    . G   F 2 1 ? 19.859  -4.560  7.538   1.00 30.05 ? 8   G   F C6    1 
ATOM   737  O O6    . G   F 2 1 ? 18.878  -4.684  8.279   1.00 34.66 ? 8   G   F O6    1 
ATOM   738  N N1    . G   F 2 1 ? 20.387  -5.681  6.910   1.00 35.85 ? 8   G   F N1    1 
ATOM   739  C C2    . G   F 2 1 ? 21.442  -5.668  6.035   1.00 31.84 ? 8   G   F C2    1 
ATOM   740  N N2    . G   F 2 1 ? 21.813  -6.860  5.560   1.00 42.73 ? 8   G   F N2    1 
ATOM   741  N N3    . G   F 2 1 ? 22.074  -4.566  5.646   1.00 33.87 ? 8   G   F N3    1 
ATOM   742  C C4    . G   F 2 1 ? 21.561  -3.458  6.234   1.00 31.43 ? 8   G   F C4    1 
ATOM   743  P P     . G   F 2 2 ? 20.936  -0.764  1.013   1.00 43.70 ? 9   G   F P     1 
ATOM   744  O OP1   . G   F 2 2 ? 21.196  -0.129  -0.326  1.00 54.06 ? 9   G   F OP1   1 
ATOM   745  O OP2   . G   F 2 2 ? 19.654  -0.412  1.711   1.00 46.12 ? 9   G   F OP2   1 
ATOM   746  O "O5'" . G   F 2 2 ? 21.003  -2.348  0.979   1.00 40.83 ? 9   G   F "O5'" 1 
ATOM   747  C "C5'" . G   F 2 2 ? 22.134  -2.983  0.346   1.00 35.78 ? 9   G   F "C5'" 1 
ATOM   748  C "C4'" . G   F 2 2 ? 22.038  -4.479  0.394   1.00 40.60 ? 9   G   F "C4'" 1 
ATOM   749  O "O4'" . G   F 2 2 ? 22.168  -4.952  1.759   1.00 37.90 ? 9   G   F "O4'" 1 
ATOM   750  C "C3'" . G   F 2 2 ? 20.720  -5.064  -0.089  1.00 44.97 ? 9   G   F "C3'" 1 
ATOM   751  O "O3'" . G   F 2 2 ? 20.641  -5.201  -1.505  1.00 51.01 ? 9   G   F "O3'" 1 
ATOM   752  C "C2'" . G   F 2 2 ? 20.739  -6.425  0.571   1.00 35.10 ? 9   G   F "C2'" 1 
ATOM   753  O "O2'" . G   F 2 2 ? 21.623  -7.327  -0.099  1.00 37.99 ? 9   G   F "O2'" 1 
ATOM   754  C "C1'" . G   F 2 2 ? 21.297  -6.058  1.954   1.00 31.10 ? 9   G   F "C1'" 1 
ATOM   755  N N9    . G   F 2 2 ? 20.223  -5.626  2.842   1.00 30.57 ? 9   G   F N9    1 
ATOM   756  C C8    . G   F 2 2 ? 19.937  -4.357  3.279   1.00 38.60 ? 9   G   F C8    1 
ATOM   757  N N7    . G   F 2 2 ? 18.918  -4.314  4.096   1.00 36.16 ? 9   G   F N7    1 
ATOM   758  C C5    . G   F 2 2 ? 18.550  -5.644  4.253   1.00 35.70 ? 9   G   F C5    1 
ATOM   759  C C6    . G   F 2 2 ? 17.506  -6.222  5.017   1.00 35.78 ? 9   G   F C6    1 
ATOM   760  O O6    . G   F 2 2 ? 16.677  -5.649  5.734   1.00 32.47 ? 9   G   F O6    1 
ATOM   761  N N1    . G   F 2 2 ? 17.445  -7.602  4.840   1.00 32.79 ? 9   G   F N1    1 
ATOM   762  C C2    . G   F 2 2 ? 18.292  -8.333  4.032   1.00 34.58 ? 9   G   F C2    1 
ATOM   763  N N2    . G   F 2 2 ? 18.106  -9.658  4.007   1.00 35.57 ? 9   G   F N2    1 
ATOM   764  N N3    . G   F 2 2 ? 19.296  -7.807  3.356   1.00 34.25 ? 9   G   F N3    1 
ATOM   765  C C4    . G   F 2 2 ? 19.332  -6.464  3.467   1.00 32.33 ? 9   G   F C4    1 
ATOM   766  P P     . U   F 2 3 ? 19.259  -4.995  -2.299  1.00 47.58 ? 10  U   F P     1 
ATOM   767  O OP1   . U   F 2 3 ? 19.636  -4.902  -3.757  1.00 58.86 ? 10  U   F OP1   1 
ATOM   768  O OP2   . U   F 2 3 ? 18.408  -3.926  -1.726  1.00 46.72 ? 10  U   F OP2   1 
ATOM   769  O "O5'" . U   F 2 3 ? 18.493  -6.386  -2.076  1.00 39.79 ? 10  U   F "O5'" 1 
ATOM   770  C "C5'" . U   F 2 3 ? 19.170  -7.656  -2.250  1.00 41.48 ? 10  U   F "C5'" 1 
ATOM   771  C "C4'" . U   F 2 3 ? 18.372  -8.781  -1.632  1.00 38.49 ? 10  U   F "C4'" 1 
ATOM   772  O "O4'" . U   F 2 3 ? 18.314  -8.633  -0.180  1.00 46.31 ? 10  U   F "O4'" 1 
ATOM   773  C "C3'" . U   F 2 3 ? 16.899  -8.788  -2.001  1.00 49.68 ? 10  U   F "C3'" 1 
ATOM   774  O "O3'" . U   F 2 3 ? 16.632  -9.092  -3.384  1.00 39.20 ? 10  U   F "O3'" 1 
ATOM   775  C "C2'" . U   F 2 3 ? 16.329  -9.702  -0.909  1.00 48.04 ? 10  U   F "C2'" 1 
ATOM   776  O "O2'" . U   F 2 3 ? 16.651  -11.050 -1.189  1.00 58.55 ? 10  U   F "O2'" 1 
ATOM   777  C "C1'" . U   F 2 3 ? 17.113  -9.242  0.327   1.00 42.39 ? 10  U   F "C1'" 1 
ATOM   778  N N1    . U   F 2 3 ? 16.414  -8.294  1.226   1.00 36.13 ? 10  U   F N1    1 
ATOM   779  C C2    . U   F 2 3 ? 15.381  -8.782  2.030   1.00 36.63 ? 10  U   F C2    1 
ATOM   780  O O2    . U   F 2 3 ? 15.074  -9.962  2.059   1.00 32.79 ? 10  U   F O2    1 
ATOM   781  N N3    . U   F 2 3 ? 14.750  -7.833  2.808   1.00 37.97 ? 10  U   F N3    1 
ATOM   782  C C4    . U   F 2 3 ? 15.023  -6.472  2.852   1.00 42.51 ? 10  U   F C4    1 
ATOM   783  O O4    . U   F 2 3 ? 14.383  -5.737  3.619   1.00 40.45 ? 10  U   F O4    1 
ATOM   784  C C5    . U   F 2 3 ? 16.088  -6.051  1.984   1.00 43.49 ? 10  U   F C5    1 
ATOM   785  C C6    . U   F 2 3 ? 16.728  -6.952  1.220   1.00 39.20 ? 10  U   F C6    1 
ATOM   786  P P     . G   F 2 4 ? 15.560  -8.321  -4.260  1.00 41.79 ? 11  G   F P     1 
ATOM   787  O OP1   . G   F 2 4 ? 15.670  -8.765  -5.670  1.00 51.70 ? 11  G   F OP1   1 
ATOM   788  O OP2   . G   F 2 4 ? 15.508  -6.886  -3.952  1.00 40.34 ? 11  G   F OP2   1 
ATOM   789  O "O5'" . G   F 2 4 ? 14.158  -8.873  -3.700  1.00 40.23 ? 11  G   F "O5'" 1 
ATOM   790  C "C5'" . G   F 2 4 ? 13.761  -10.221 -3.959  1.00 31.31 ? 11  G   F "C5'" 1 
ATOM   791  C "C4'" . G   F 2 4 ? 12.654  -10.648 -3.039  1.00 27.96 ? 11  G   F "C4'" 1 
ATOM   792  O "O4'" . G   F 2 4 ? 13.123  -10.493 -1.688  1.00 33.01 ? 11  G   F "O4'" 1 
ATOM   793  C "C3'" . G   F 2 4 ? 11.388  -9.815  -3.083  1.00 26.00 ? 11  G   F "C3'" 1 
ATOM   794  O "O3'" . G   F 2 4 ? 10.545  -10.344 -4.080  1.00 31.51 ? 11  G   F "O3'" 1 
ATOM   795  C "C2'" . G   F 2 4 ? 10.792  -10.205 -1.733  1.00 28.03 ? 11  G   F "C2'" 1 
ATOM   796  O "O2'" . G   F 2 4 ? 10.433  -11.567 -1.689  1.00 27.42 ? 11  G   F "O2'" 1 
ATOM   797  C "C1'" . G   F 2 4 ? 12.039  -10.204 -0.842  1.00 29.44 ? 11  G   F "C1'" 1 
ATOM   798  N N9    . G   F 2 4 ? 12.274  -8.913  -0.218  1.00 28.44 ? 11  G   F N9    1 
ATOM   799  C C8    . G   F 2 4 ? 13.152  -7.929  -0.607  1.00 27.13 ? 11  G   F C8    1 
ATOM   800  N N7    . G   F 2 4 ? 13.054  -6.846  0.114   1.00 34.82 ? 11  G   F N7    1 
ATOM   801  C C5    . G   F 2 4 ? 12.069  -7.141  1.047   1.00 30.68 ? 11  G   F C5    1 
ATOM   802  C C6    . G   F 2 4 ? 11.522  -6.349  2.098   1.00 35.96 ? 11  G   F C6    1 
ATOM   803  O O6    . G   F 2 4 ? 11.826  -5.198  2.436   1.00 39.95 ? 11  G   F O6    1 
ATOM   804  N N1    . G   F 2 4 ? 10.514  -7.029  2.778   1.00 32.58 ? 11  G   F N1    1 
ATOM   805  C C2    . G   F 2 4 ? 10.082  -8.296  2.485   1.00 28.28 ? 11  G   F C2    1 
ATOM   806  N N2    . G   F 2 4 ? 9.134   -8.809  3.296   1.00 29.28 ? 11  G   F N2    1 
ATOM   807  N N3    . G   F 2 4 ? 10.593  -9.049  1.521   1.00 29.59 ? 11  G   F N3    1 
ATOM   808  C C4    . G   F 2 4 ? 11.565  -8.405  0.842   1.00 28.52 ? 11  G   F C4    1 
ATOM   809  P P     . C   F 2 5 ? 9.551   -9.348  -4.770  1.00 33.79 ? 12  C   F P     1 
ATOM   810  O OP1   . C   F 2 5 ? 8.956   -9.910  -6.027  1.00 38.59 ? 12  C   F OP1   1 
ATOM   811  O OP2   . C   F 2 5 ? 10.222  -8.043  -4.732  1.00 28.50 ? 12  C   F OP2   1 
ATOM   812  O "O5'" . C   F 2 5 ? 8.403   -9.274  -3.657  1.00 35.55 ? 12  C   F "O5'" 1 
ATOM   813  C "C5'" . C   F 2 5 ? 7.675   -10.487 -3.347  1.00 31.83 ? 12  C   F "C5'" 1 
ATOM   814  C "C4'" . C   F 2 5 ? 6.757   -10.294 -2.176  1.00 36.92 ? 12  C   F "C4'" 1 
ATOM   815  O "O4'" . C   F 2 5 ? 7.536   -9.902  -1.015  1.00 39.04 ? 12  C   F "O4'" 1 
ATOM   816  C "C3'" . C   F 2 5 ? 5.755   -9.162  -2.339  1.00 40.56 ? 12  C   F "C3'" 1 
ATOM   817  O "O3'" . C   F 2 5 ? 4.615   -9.540  -3.133  1.00 38.58 ? 12  C   F "O3'" 1 
ATOM   818  C "C2'" . C   F 2 5 ? 5.423   -8.851  -0.885  1.00 37.44 ? 12  C   F "C2'" 1 
ATOM   819  O "O2'" . C   F 2 5 ? 4.591   -9.857  -0.330  1.00 30.50 ? 12  C   F "O2'" 1 
ATOM   820  C "C1'" . C   F 2 5 ? 6.791   -8.981  -0.240  1.00 30.38 ? 12  C   F "C1'" 1 
ATOM   821  N N1    . C   F 2 5 ? 7.548   -7.736  -0.106  1.00 31.72 ? 12  C   F N1    1 
ATOM   822  C C2    . C   F 2 5 ? 7.206   -6.874  0.934   1.00 30.07 ? 12  C   F C2    1 
ATOM   823  O O2    . C   F 2 5 ? 6.258   -7.188  1.682   1.00 28.02 ? 12  C   F O2    1 
ATOM   824  N N3    . C   F 2 5 ? 7.890   -5.719  1.087   1.00 31.84 ? 12  C   F N3    1 
ATOM   825  C C4    . C   F 2 5 ? 8.894   -5.421  0.260   1.00 33.53 ? 12  C   F C4    1 
ATOM   826  N N4    . C   F 2 5 ? 9.546   -4.270  0.452   1.00 34.00 ? 12  C   F N4    1 
ATOM   827  C C5    . C   F 2 5 ? 9.281   -6.297  -0.803  1.00 32.71 ? 12  C   F C5    1 
ATOM   828  C C6    . C   F 2 5 ? 8.565   -7.415  -0.967  1.00 34.32 ? 12  C   F C6    1 
ATOM   829  P P     . U   F 2 6 ? 3.994   -8.390  -4.049  1.00 41.21 ? 13  U   F P     1 
ATOM   830  O OP1   . U   F 2 6 ? 2.907   -9.046  -4.847  1.00 46.61 ? 13  U   F OP1   1 
ATOM   831  O OP2   . U   F 2 6 ? 5.034   -7.594  -4.707  1.00 40.89 ? 13  U   F OP2   1 
ATOM   832  O "O5'" . U   F 2 6 ? 3.288   -7.421  -3.001  1.00 36.28 ? 13  U   F "O5'" 1 
ATOM   833  C "C5'" . U   F 2 6 ? 2.213   -7.944  -2.214  1.00 39.65 ? 13  U   F "C5'" 1 
ATOM   834  C "C4'" . U   F 2 6 ? 1.872   -6.942  -1.140  1.00 34.69 ? 13  U   F "C4'" 1 
ATOM   835  O "O4'" . U   F 2 6 ? 3.013   -6.694  -0.282  1.00 35.80 ? 13  U   F "O4'" 1 
ATOM   836  C "C3'" . U   F 2 6 ? 1.466   -5.557  -1.621  1.00 41.03 ? 13  U   F "C3'" 1 
ATOM   837  O "O3'" . U   F 2 6 ? 0.110   -5.635  -2.071  1.00 38.34 ? 13  U   F "O3'" 1 
ATOM   838  C "C2'" . U   F 2 6 ? 1.711   -4.708  -0.368  1.00 33.78 ? 13  U   F "C2'" 1 
ATOM   839  O "O2'" . U   F 2 6 ? 0.728   -4.864  0.619   1.00 37.54 ? 13  U   F "O2'" 1 
ATOM   840  C "C1'" . U   F 2 6 ? 2.967   -5.365  0.193   1.00 33.46 ? 13  U   F "C1'" 1 
ATOM   841  N N1    . U   F 2 6 ? 4.197   -4.671  -0.232  1.00 27.10 ? 13  U   F N1    1 
ATOM   842  C C2    . U   F 2 6 ? 4.549   -3.534  0.468   1.00 28.09 ? 13  U   F C2    1 
ATOM   843  O O2    . U   F 2 6 ? 3.863   -3.067  1.366   1.00 32.73 ? 13  U   F O2    1 
ATOM   844  N N3    . U   F 2 6 ? 5.691   -2.916  0.026   1.00 31.85 ? 13  U   F N3    1 
ATOM   845  C C4    . U   F 2 6 ? 6.513   -3.320  -1.001  1.00 36.37 ? 13  U   F C4    1 
ATOM   846  O O4    . U   F 2 6 ? 7.521   -2.668  -1.252  1.00 37.14 ? 13  U   F O4    1 
ATOM   847  C C5    . U   F 2 6 ? 6.088   -4.512  -1.675  1.00 34.62 ? 13  U   F C5    1 
ATOM   848  C C6    . U   F 2 6 ? 4.969   -5.129  -1.282  1.00 28.54 ? 13  U   F C6    1 
ATOM   849  P P     . A   F 2 7 ? -0.347  -4.579  -3.187  1.00 41.23 ? 14  A   F P     1 
ATOM   850  O OP1   . A   F 2 7 ? -1.743  -5.067  -3.461  1.00 45.89 ? 14  A   F OP1   1 
ATOM   851  O OP2   . A   F 2 7 ? 0.640   -4.452  -4.310  1.00 36.25 ? 14  A   F OP2   1 
ATOM   852  O "O5'" . A   F 2 7 ? -0.363  -3.147  -2.484  1.00 38.52 ? 14  A   F "O5'" 1 
ATOM   853  C "C5'" . A   F 2 7 ? -1.247  -2.958  -1.366  1.00 36.42 ? 14  A   F "C5'" 1 
ATOM   854  C "C4'" . A   F 2 7 ? -0.890  -1.673  -0.683  1.00 40.89 ? 14  A   F "C4'" 1 
ATOM   855  O "O4'" . A   F 2 7 ? 0.461   -1.738  -0.139  1.00 32.21 ? 14  A   F "O4'" 1 
ATOM   856  C "C3'" . A   F 2 7 ? -0.854  -0.453  -1.592  1.00 38.49 ? 14  A   F "C3'" 1 
ATOM   857  O "O3'" . A   F 2 7 ? -2.214  -0.083  -1.891  1.00 36.08 ? 14  A   F "O3'" 1 
ATOM   858  C "C2'" . A   F 2 7 ? -0.019  0.512   -0.755  1.00 36.23 ? 14  A   F "C2'" 1 
ATOM   859  O "O2'" . A   F 2 7 ? -0.747  1.187   0.268   1.00 37.06 ? 14  A   F "O2'" 1 
ATOM   860  C "C1'" . A   F 2 7 ? 1.002   -0.444  -0.109  1.00 31.39 ? 14  A   F "C1'" 1 
ATOM   861  N N9    . A   F 2 7 ? 2.245   -0.509  -0.867  1.00 34.39 ? 14  A   F N9    1 
ATOM   862  C C8    . A   F 2 7 ? 2.652   -1.495  -1.727  1.00 34.83 ? 14  A   F C8    1 
ATOM   863  N N7    . A   F 2 7 ? 3.843   -1.290  -2.238  1.00 37.76 ? 14  A   F N7    1 
ATOM   864  C C5    . A   F 2 7 ? 4.264   -0.113  -1.632  1.00 31.06 ? 14  A   F C5    1 
ATOM   865  C C6    . A   F 2 7 ? 5.467   0.609   -1.701  1.00 34.08 ? 14  A   F C6    1 
ATOM   866  N N6    . A   F 2 7 ? 6.489   0.274   -2.486  1.00 30.99 ? 14  A   F N6    1 
ATOM   867  N N1    . A   F 2 7 ? 5.552   1.752   -0.989  1.00 36.11 ? 14  A   F N1    1 
ATOM   868  C C2    . A   F 2 7 ? 4.522   2.107   -0.220  1.00 33.87 ? 14  A   F C2    1 
ATOM   869  N N3    . A   F 2 7 ? 3.367   1.473   -0.013  1.00 35.50 ? 14  A   F N3    1 
ATOM   870  C C4    . A   F 2 7 ? 3.311   0.346   -0.745  1.00 31.76 ? 14  A   F C4    1 
ATOM   871  O "O5'" . U   G 1 1 ? 2.674   0.590   -6.008  1.00 45.36 ? 1   U   G "O5'" 1 
ATOM   872  C "C5'" . U   G 1 1 ? 1.372   0.390   -5.400  1.00 40.80 ? 1   U   G "C5'" 1 
ATOM   873  C "C4'" . U   G 1 1 ? 1.047   1.511   -4.432  1.00 36.54 ? 1   U   G "C4'" 1 
ATOM   874  O "O4'" . U   G 1 1 ? 2.088   1.600   -3.431  1.00 36.05 ? 1   U   G "O4'" 1 
ATOM   875  C "C3'" . U   G 1 1 ? 0.963   2.917   -5.010  1.00 35.63 ? 1   U   G "C3'" 1 
ATOM   876  O "O3'" . U   G 1 1 ? -0.279  3.157   -5.660  1.00 37.45 ? 1   U   G "O3'" 1 
ATOM   877  C "C2'" . U   G 1 1 ? 1.198   3.774   -3.764  1.00 39.73 ? 1   U   G "C2'" 1 
ATOM   878  O "O2'" . U   G 1 1 ? 0.038   3.885   -2.934  1.00 35.02 ? 1   U   G "O2'" 1 
ATOM   879  C "C1'" . U   G 1 1 ? 2.251   2.941   -3.018  1.00 33.74 ? 1   U   G "C1'" 1 
ATOM   880  N N1    . U   G 1 1 ? 3.641   3.346   -3.283  1.00 33.74 ? 1   U   G N1    1 
ATOM   881  C C2    . U   G 1 1 ? 4.115   4.468   -2.615  1.00 38.54 ? 1   U   G C2    1 
ATOM   882  O O2    . U   G 1 1 ? 3.440   5.102   -1.817  1.00 40.48 ? 1   U   G O2    1 
ATOM   883  N N3    . U   G 1 1 ? 5.421   4.803   -2.901  1.00 39.02 ? 1   U   G N3    1 
ATOM   884  C C4    . U   G 1 1 ? 6.257   4.189   -3.809  1.00 37.22 ? 1   U   G C4    1 
ATOM   885  O O4    . U   G 1 1 ? 7.389   4.652   -3.999  1.00 33.47 ? 1   U   G O4    1 
ATOM   886  C C5    . U   G 1 1 ? 5.700   3.018   -4.440  1.00 28.95 ? 1   U   G C5    1 
ATOM   887  C C6    . U   G 1 1 ? 4.443   2.652   -4.171  1.00 31.29 ? 1   U   G C6    1 
ATOM   888  P P     . A   G 1 2 ? -0.254  4.288   -6.846  1.00 35.66 ? 2   A   G P     1 
ATOM   889  O OP1   . A   G 1 2 ? -1.702  4.369   -7.335  1.00 38.78 ? 2   A   G OP1   1 
ATOM   890  O OP2   . A   G 1 2 ? 0.919   4.069   -7.824  1.00 30.65 ? 2   A   G OP2   1 
ATOM   891  O "O5'" . A   G 1 2 ? 0.129   5.636   -6.092  1.00 32.81 ? 2   A   G "O5'" 1 
ATOM   892  C "C5'" . A   G 1 2 ? -0.869  6.233   -5.213  1.00 34.13 ? 2   A   G "C5'" 1 
ATOM   893  C "C4'" . A   G 1 2 ? -0.261  7.414   -4.493  1.00 32.60 ? 2   A   G "C4'" 1 
ATOM   894  O "O4'" . A   G 1 2 ? 0.950   7.000   -3.802  1.00 35.31 ? 2   A   G "O4'" 1 
ATOM   895  C "C3'" . A   G 1 2 ? 0.188   8.588   -5.366  1.00 34.25 ? 2   A   G "C3'" 1 
ATOM   896  O "O3'" . A   G 1 2 ? -0.911  9.387   -5.788  1.00 38.19 ? 2   A   G "O3'" 1 
ATOM   897  C "C2'" . A   G 1 2 ? 1.172   9.300   -4.441  1.00 34.17 ? 2   A   G "C2'" 1 
ATOM   898  O "O2'" . A   G 1 2 ? 0.555   10.225  -3.540  1.00 37.16 ? 2   A   G "O2'" 1 
ATOM   899  C "C1'" . A   G 1 2 ? 1.855   8.109   -3.755  1.00 31.32 ? 2   A   G "C1'" 1 
ATOM   900  N N9    . A   G 1 2 ? 3.081   7.746   -4.463  1.00 30.45 ? 2   A   G N9    1 
ATOM   901  C C8    . A   G 1 2 ? 3.315   6.645   -5.257  1.00 34.04 ? 2   A   G C8    1 
ATOM   902  N N7    . A   G 1 2 ? 4.529   6.600   -5.751  1.00 34.34 ? 2   A   G N7    1 
ATOM   903  C C5    . A   G 1 2 ? 5.122   7.766   -5.280  1.00 30.09 ? 2   A   G C5    1 
ATOM   904  C C6    . A   G 1 2 ? 6.386   8.329   -5.494  1.00 29.00 ? 2   A   G C6    1 
ATOM   905  N N6    . A   G 1 2 ? 7.324   7.757   -6.244  1.00 37.90 ? 2   A   G N6    1 
ATOM   906  N N1    . A   G 1 2 ? 6.673   9.497   -4.868  1.00 30.37 ? 2   A   G N1    1 
ATOM   907  C C2    . A   G 1 2 ? 5.739   10.051  -4.090  1.00 31.21 ? 2   A   G C2    1 
ATOM   908  N N3    . A   G 1 2 ? 4.484   9.649   -3.863  1.00 36.85 ? 2   A   G N3    1 
ATOM   909  C C4    . A   G 1 2 ? 4.243   8.477   -4.482  1.00 28.21 ? 2   A   G C4    1 
ATOM   910  P P     . G   G 1 3 ? -0.762  10.251  -7.092  1.00 39.79 ? 3   G   G P     1 
ATOM   911  O OP1   . G   G 1 3 ? -2.104  10.832  -7.502  1.00 39.19 ? 3   G   G OP1   1 
ATOM   912  O OP2   . G   G 1 3 ? 0.099   9.531   -8.058  1.00 31.86 ? 3   G   G OP2   1 
ATOM   913  O "O5'" . G   G 1 3 ? 0.188   11.385  -6.497  1.00 35.86 ? 3   G   G "O5'" 1 
ATOM   914  C "C5'" . G   G 1 3 ? -0.340  12.367  -5.579  1.00 37.61 ? 3   G   G "C5'" 1 
ATOM   915  C "C4'" . G   G 1 3 ? 0.636   13.505  -5.413  1.00 35.37 ? 3   G   G "C4'" 1 
ATOM   916  O "O4'" . G   G 1 3 ? 1.850   12.961  -4.853  1.00 37.49 ? 3   G   G "O4'" 1 
ATOM   917  C "C3'" . G   G 1 3 ? 1.104   14.206  -6.689  1.00 37.35 ? 3   G   G "C3'" 1 
ATOM   918  O "O3'" . G   G 1 3 ? 0.240   15.213  -7.142  1.00 35.42 ? 3   G   G "O3'" 1 
ATOM   919  C "C2'" . G   G 1 3 ? 2.438   14.799  -6.248  1.00 37.13 ? 3   G   G "C2'" 1 
ATOM   920  O "O2'" . G   G 1 3 ? 2.366   15.990  -5.492  1.00 39.28 ? 3   G   G "O2'" 1 
ATOM   921  C "C1'" . G   G 1 3 ? 2.971   13.660  -5.389  1.00 34.82 ? 3   G   G "C1'" 1 
ATOM   922  N N9    . G   G 1 3 ? 3.724   12.697  -6.161  1.00 32.58 ? 3   G   G N9    1 
ATOM   923  C C8    . G   G 1 3 ? 3.268   11.492  -6.633  1.00 26.74 ? 3   G   G C8    1 
ATOM   924  N N7    . G   G 1 3 ? 4.175   10.819  -7.278  1.00 36.04 ? 3   G   G N7    1 
ATOM   925  C C5    . G   G 1 3 ? 5.295   11.632  -7.241  1.00 35.82 ? 3   G   G C5    1 
ATOM   926  C C6    . G   G 1 3 ? 6.568   11.420  -7.765  1.00 33.74 ? 3   G   G C6    1 
ATOM   927  O O6    . G   G 1 3 ? 6.975   10.442  -8.395  1.00 38.90 ? 3   G   G O6    1 
ATOM   928  N N1    . G   G 1 3 ? 7.415   12.494  -7.503  1.00 37.74 ? 3   G   G N1    1 
ATOM   929  C C2    . G   G 1 3 ? 7.065   13.625  -6.799  1.00 44.52 ? 3   G   G C2    1 
ATOM   930  N N2    . G   G 1 3 ? 8.023   14.562  -6.641  1.00 46.44 ? 3   G   G N2    1 
ATOM   931  N N3    . G   G 1 3 ? 5.864   13.820  -6.282  1.00 37.59 ? 3   G   G N3    1 
ATOM   932  C C4    . G   G 1 3 ? 5.035   12.795  -6.550  1.00 36.61 ? 3   G   G C4    1 
ATOM   933  P P     . C   G 1 4 ? 0.031   15.469  -8.684  1.00 37.13 ? 4   C   G P     1 
ATOM   934  O OP1   . C   G 1 4 ? -1.013  16.532  -8.890  1.00 38.45 ? 4   C   G OP1   1 
ATOM   935  O OP2   . C   G 1 4 ? -0.054  14.177  -9.396  1.00 38.86 ? 4   C   G OP2   1 
ATOM   936  O "O5'" . C   G 1 4 ? 1.454   16.070  -9.081  1.00 32.84 ? 4   C   G "O5'" 1 
ATOM   937  C "C5'" . C   G 1 4 ? 1.828   17.400  -8.641  1.00 31.43 ? 4   C   G "C5'" 1 
ATOM   938  C "C4'" . C   G 1 4 ? 3.200   17.760  -9.164  1.00 31.32 ? 4   C   G "C4'" 1 
ATOM   939  O "O4'" . C   G 1 4 ? 4.180   16.854  -8.589  1.00 34.42 ? 4   C   G "O4'" 1 
ATOM   940  C "C3'" . C   G 1 4 ? 3.429   17.634  -10.663 1.00 32.00 ? 4   C   G "C3'" 1 
ATOM   941  O "O3'" . C   G 1 4 ? 2.906   18.744  -11.393 1.00 36.47 ? 4   C   G "O3'" 1 
ATOM   942  C "C2'" . C   G 1 4 ? 4.949   17.521  -10.740 1.00 31.58 ? 4   C   G "C2'" 1 
ATOM   943  O "O2'" . C   G 1 4 ? 5.580   18.769  -10.636 1.00 33.64 ? 4   C   G "O2'" 1 
ATOM   944  C "C1'" . C   G 1 4 ? 5.250   16.656  -9.513  1.00 33.57 ? 4   C   G "C1'" 1 
ATOM   945  N N1    . C   G 1 4 ? 5.331   15.229  -9.842  1.00 32.06 ? 4   C   G N1    1 
ATOM   946  C C2    . C   G 1 4 ? 6.534   14.725  -10.350 1.00 37.15 ? 4   C   G C2    1 
ATOM   947  O O2    . C   G 1 4 ? 7.516   15.469  -10.404 1.00 39.97 ? 4   C   G O2    1 
ATOM   948  N N3    . C   G 1 4 ? 6.616   13.413  -10.672 1.00 41.65 ? 4   C   G N3    1 
ATOM   949  C C4    . C   G 1 4 ? 5.530   12.638  -10.606 1.00 41.14 ? 4   C   G C4    1 
ATOM   950  N N4    . C   G 1 4 ? 5.654   11.360  -10.970 1.00 42.27 ? 4   C   G N4    1 
ATOM   951  C C5    . C   G 1 4 ? 4.262   13.149  -10.184 1.00 41.93 ? 4   C   G C5    1 
ATOM   952  C C6    . C   G 1 4 ? 4.205   14.445  -9.833  1.00 34.69 ? 4   C   G C6    1 
ATOM   953  P P     . U   G 1 5 ? 2.420   18.478  -12.897 1.00 36.35 ? 5   U   G P     1 
ATOM   954  O OP1   . U   G 1 5 ? 1.760   19.716  -13.355 1.00 38.53 ? 5   U   G OP1   1 
ATOM   955  O OP2   . U   G 1 5 ? 1.713   17.142  -12.975 1.00 43.53 ? 5   U   G OP2   1 
ATOM   956  O "O5'" . U   G 1 5 ? 3.839   18.240  -13.596 1.00 35.79 ? 5   U   G "O5'" 1 
ATOM   957  C "C5'" . U   G 1 5 ? 4.415   19.269  -14.361 1.00 32.05 ? 5   U   G "C5'" 1 
ATOM   958  C "C4'" . U   G 1 5 ? 5.879   18.976  -14.627 1.00 32.55 ? 5   U   G "C4'" 1 
ATOM   959  O "O4'" . U   G 1 5 ? 6.402   17.929  -13.759 1.00 35.71 ? 5   U   G "O4'" 1 
ATOM   960  C "C3'" . U   G 1 5 ? 6.210   18.442  -16.006 1.00 36.22 ? 5   U   G "C3'" 1 
ATOM   961  O "O3'" . U   G 1 5 ? 6.139   19.443  -17.023 1.00 34.80 ? 5   U   G "O3'" 1 
ATOM   962  C "C2'" . U   G 1 5 ? 7.629   17.922  -15.791 1.00 36.48 ? 5   U   G "C2'" 1 
ATOM   963  O "O2'" . U   G 1 5 ? 8.665   18.882  -15.854 1.00 42.89 ? 5   U   G "O2'" 1 
ATOM   964  C "C1'" . U   G 1 5 ? 7.519   17.315  -14.393 1.00 37.76 ? 5   U   G "C1'" 1 
ATOM   965  N N1    . U   G 1 5 ? 7.313   15.856  -14.398 1.00 31.60 ? 5   U   G N1    1 
ATOM   966  C C2    . U   G 1 5 ? 8.359   15.040  -14.819 1.00 38.39 ? 5   U   G C2    1 
ATOM   967  O O2    . U   G 1 5 ? 9.441   15.472  -15.190 1.00 40.98 ? 5   U   G O2    1 
ATOM   968  N N3    . U   G 1 5 ? 8.091   13.696  -14.774 1.00 37.07 ? 5   U   G N3    1 
ATOM   969  C C4    . U   G 1 5 ? 6.927   13.090  -14.368 1.00 37.93 ? 5   U   G C4    1 
ATOM   970  O O4    . U   G 1 5 ? 6.860   11.860  -14.356 1.00 54.23 ? 5   U   G O4    1 
ATOM   971  C C5    . U   G 1 5 ? 5.906   13.993  -13.934 1.00 41.03 ? 5   U   G C5    1 
ATOM   972  C C6    . U   G 1 5 ? 6.134   15.312  -13.949 1.00 33.23 ? 5   U   G C6    1 
ATOM   973  P P     . C   G 1 6 ? 5.651   18.969  -18.493 1.00 34.80 ? 6   C   G P     1 
ATOM   974  O OP1   . C   G 1 6 ? 5.449   20.150  -19.432 1.00 34.76 ? 6   C   G OP1   1 
ATOM   975  O OP2   . C   G 1 6 ? 4.494   18.041  -18.276 1.00 35.41 ? 6   C   G OP2   1 
ATOM   976  O "O5'" . C   G 1 6 ? 6.787   17.923  -18.939 1.00 30.78 ? 6   C   G "O5'" 1 
ATOM   977  C "C5'" . C   G 1 6 ? 8.086   18.425  -19.317 1.00 33.28 ? 6   C   G "C5'" 1 
ATOM   978  C "C4'" . C   G 1 6 ? 8.925   17.298  -19.814 1.00 29.71 ? 6   C   G "C4'" 1 
ATOM   979  O "O4'" . C   G 1 6 ? 9.141   16.337  -18.737 1.00 29.85 ? 6   C   G "O4'" 1 
ATOM   980  C "C3'" . C   G 1 6 ? 8.332   16.460  -20.943 1.00 34.26 ? 6   C   G "C3'" 1 
ATOM   981  O "O3'" . C   G 1 6 ? 8.565   17.067  -22.223 1.00 43.54 ? 6   C   G "O3'" 1 
ATOM   982  C "C2'" . C   G 1 6 ? 9.145   15.175  -20.813 1.00 33.70 ? 6   C   G "C2'" 1 
ATOM   983  O "O2'" . C   G 1 6 ? 10.476  15.280  -21.337 1.00 34.66 ? 6   C   G "O2'" 1 
ATOM   984  C "C1'" . C   G 1 6 ? 9.190   15.030  -19.294 1.00 32.25 ? 6   C   G "C1'" 1 
ATOM   985  N N1    . C   G 1 6 ? 8.099   14.209  -18.753 1.00 34.31 ? 6   C   G N1    1 
ATOM   986  C C2    . C   G 1 6 ? 8.247   12.818  -18.796 1.00 34.62 ? 6   C   G C2    1 
ATOM   987  O O2    . C   G 1 6 ? 9.294   12.337  -19.288 1.00 39.12 ? 6   C   G O2    1 
ATOM   988  N N3    . C   G 1 6 ? 7.269   12.030  -18.283 1.00 30.18 ? 6   C   G N3    1 
ATOM   989  C C4    . C   G 1 6 ? 6.177   12.585  -17.748 1.00 27.52 ? 6   C   G C4    1 
ATOM   990  N N4    . C   G 1 6 ? 5.248   11.774  -17.257 1.00 33.04 ? 6   C   G N4    1 
ATOM   991  C C5    . C   G 1 6 ? 5.981   14.003  -17.731 1.00 31.72 ? 6   C   G C5    1 
ATOM   992  C C6    . C   G 1 6 ? 6.952   14.770  -18.246 1.00 29.34 ? 6   C   G C6    1 
ATOM   993  P P     . C   G 1 7 ? 7.452   16.850  -23.402 1.00 38.46 ? 7   C   G P     1 
ATOM   994  O OP1   . C   G 1 7 ? 7.799   17.830  -24.486 1.00 36.01 ? 7   C   G OP1   1 
ATOM   995  O OP2   . C   G 1 7 ? 6.093   16.821  -22.825 1.00 35.71 ? 7   C   G OP2   1 
ATOM   996  O "O5'" . C   G 1 7 ? 7.698   15.299  -23.703 1.00 33.66 ? 7   C   G "O5'" 1 
ATOM   997  C "C5'" . C   G 1 7 ? 8.815   14.902  -24.536 1.00 35.89 ? 7   C   G "C5'" 1 
ATOM   998  C "C4'" . C   G 1 7 ? 8.819   13.412  -24.694 1.00 42.62 ? 7   C   G "C4'" 1 
ATOM   999  O "O4'" . C   G 1 7 ? 8.854   12.768  -23.390 1.00 35.17 ? 7   C   G "O4'" 1 
ATOM   1000 C "C3'" . C   G 1 7 ? 7.597   12.796  -25.365 1.00 39.07 ? 7   C   G "C3'" 1 
ATOM   1001 O "O3'" . C   G 1 7 ? 7.692   12.895  -26.774 1.00 54.22 ? 7   C   G "O3'" 1 
ATOM   1002 C "C2'" . C   G 1 7 ? 7.689   11.346  -24.887 1.00 43.25 ? 7   C   G "C2'" 1 
ATOM   1003 O "O2'" . C   G 1 7 ? 8.622   10.441  -25.470 1.00 35.87 ? 7   C   G "O2'" 1 
ATOM   1004 C "C1'" . C   G 1 7 ? 8.184   11.525  -23.454 1.00 33.03 ? 7   C   G "C1'" 1 
ATOM   1005 N N1    . C   G 1 7 ? 7.074   11.527  -22.480 1.00 31.15 ? 7   C   G N1    1 
ATOM   1006 C C2    . C   G 1 7 ? 6.572   10.303  -22.005 1.00 34.41 ? 7   C   G C2    1 
ATOM   1007 O O2    . C   G 1 7 ? 7.082   9.247   -22.410 1.00 46.56 ? 7   C   G O2    1 
ATOM   1008 N N3    . C   G 1 7 ? 5.531   10.306  -21.131 1.00 33.98 ? 7   C   G N3    1 
ATOM   1009 C C4    . C   G 1 7 ? 4.991   11.469  -20.746 1.00 33.03 ? 7   C   G C4    1 
ATOM   1010 N N4    . C   G 1 7 ? 3.977   11.430  -19.879 1.00 36.30 ? 7   C   G N4    1 
ATOM   1011 C C5    . C   G 1 7 ? 5.507   12.723  -21.183 1.00 37.48 ? 7   C   G C5    1 
ATOM   1012 C C6    . C   G 1 7 ? 6.515   12.706  -22.071 1.00 34.55 ? 7   C   G C6    1 
ATOM   1013 O "O5'" . G   H 2 1 ? 1.739   1.702   -17.214 1.00 59.49 ? 8   G   H "O5'" 1 
ATOM   1014 C "C5'" . G   H 2 1 ? 2.199   0.508   -17.890 1.00 46.88 ? 8   G   H "C5'" 1 
ATOM   1015 C "C4'" . G   H 2 1 ? 3.182   0.864   -18.978 1.00 49.45 ? 8   G   H "C4'" 1 
ATOM   1016 O "O4'" . G   H 2 1 ? 2.623   1.889   -19.837 1.00 48.32 ? 8   G   H "O4'" 1 
ATOM   1017 C "C3'" . G   H 2 1 ? 4.505   1.453   -18.518 1.00 48.83 ? 8   G   H "C3'" 1 
ATOM   1018 O "O3'" . G   H 2 1 ? 5.480   0.450   -18.262 1.00 57.28 ? 8   G   H "O3'" 1 
ATOM   1019 C "C2'" . G   H 2 1 ? 4.973   2.211   -19.748 1.00 40.45 ? 8   G   H "C2'" 1 
ATOM   1020 O "O2'" . G   H 2 1 ? 5.585   1.358   -20.679 1.00 40.70 ? 8   G   H "O2'" 1 
ATOM   1021 C "C1'" . G   H 2 1 ? 3.655   2.752   -20.289 1.00 39.64 ? 8   G   H "C1'" 1 
ATOM   1022 N N9    . G   H 2 1 ? 3.344   4.115   -19.858 1.00 38.70 ? 8   G   H N9    1 
ATOM   1023 C C8    . G   H 2 1 ? 2.367   4.516   -18.978 1.00 36.95 ? 8   G   H C8    1 
ATOM   1024 N N7    . G   H 2 1 ? 2.316   5.811   -18.823 1.00 40.22 ? 8   G   H N7    1 
ATOM   1025 C C5    . G   H 2 1 ? 3.355   6.292   -19.612 1.00 38.00 ? 8   G   H C5    1 
ATOM   1026 C C6    . G   H 2 1 ? 3.794   7.628   -19.848 1.00 39.58 ? 8   G   H C6    1 
ATOM   1027 O O6    . G   H 2 1 ? 3.368   8.679   -19.352 1.00 36.54 ? 8   G   H O6    1 
ATOM   1028 N N1    . G   H 2 1 ? 4.865   7.666   -20.742 1.00 43.39 ? 8   G   H N1    1 
ATOM   1029 C C2    . G   H 2 1 ? 5.426   6.564   -21.353 1.00 41.98 ? 8   G   H C2    1 
ATOM   1030 N N2    . G   H 2 1 ? 6.457   6.804   -22.184 1.00 43.93 ? 8   G   H N2    1 
ATOM   1031 N N3    . G   H 2 1 ? 5.037   5.313   -21.124 1.00 40.63 ? 8   G   H N3    1 
ATOM   1032 C C4    . G   H 2 1 ? 3.989   5.257   -20.269 1.00 33.78 ? 8   G   H C4    1 
ATOM   1033 P P     . G   H 2 2 ? 6.516   0.762   -17.097 1.00 48.19 ? 9   G   H P     1 
ATOM   1034 O OP1   . G   H 2 2 ? 7.312   -0.495  -16.819 1.00 59.81 ? 9   G   H OP1   1 
ATOM   1035 O OP2   . G   H 2 2 ? 5.885   1.547   -15.997 1.00 52.39 ? 9   G   H OP2   1 
ATOM   1036 O "O5'" . G   H 2 2 ? 7.529   1.743   -17.820 1.00 47.91 ? 9   G   H "O5'" 1 
ATOM   1037 C "C5'" . G   H 2 2 ? 8.308   1.245   -18.904 1.00 40.82 ? 9   G   H "C5'" 1 
ATOM   1038 C "C4'" . G   H 2 2 ? 9.122   2.367   -19.486 1.00 45.71 ? 9   G   H "C4'" 1 
ATOM   1039 O "O4'" . G   H 2 2 ? 8.204   3.332   -20.058 1.00 43.70 ? 9   G   H "O4'" 1 
ATOM   1040 C "C3'" . G   H 2 2 ? 9.922   3.201   -18.499 1.00 43.29 ? 9   G   H "C3'" 1 
ATOM   1041 O "O3'" . G   H 2 2 ? 11.160  2.612   -18.121 1.00 44.00 ? 9   G   H "O3'" 1 
ATOM   1042 C "C2'" . G   H 2 2 ? 10.116  4.483   -19.291 1.00 43.47 ? 9   G   H "C2'" 1 
ATOM   1043 O "O2'" . G   H 2 2 ? 11.048  4.420   -20.348 1.00 46.88 ? 9   G   H "O2'" 1 
ATOM   1044 C "C1'" . G   H 2 2 ? 8.737   4.641   -19.914 1.00 46.24 ? 9   G   H "C1'" 1 
ATOM   1045 N N9    . G   H 2 2 ? 7.827   5.452   -19.095 1.00 36.96 ? 9   G   H N9    1 
ATOM   1046 C C8    . G   H 2 2 ? 6.864   5.026   -18.209 1.00 38.99 ? 9   G   H C8    1 
ATOM   1047 N N7    . G   H 2 2 ? 6.222   6.012   -17.637 1.00 35.42 ? 9   G   H N7    1 
ATOM   1048 C C5    . G   H 2 2 ? 6.832   7.157   -18.133 1.00 33.44 ? 9   G   H C5    1 
ATOM   1049 C C6    . G   H 2 2 ? 6.532   8.543   -17.921 1.00 39.02 ? 9   G   H C6    1 
ATOM   1050 O O6    . G   H 2 2 ? 5.684   9.050   -17.179 1.00 37.54 ? 9   G   H O6    1 
ATOM   1051 N N1    . G   H 2 2 ? 7.373   9.366   -18.664 1.00 40.06 ? 9   G   H N1    1 
ATOM   1052 C C2    . G   H 2 2 ? 8.367   8.923   -19.514 1.00 41.45 ? 9   G   H C2    1 
ATOM   1053 N N2    . G   H 2 2 ? 9.066   9.870   -20.161 1.00 42.66 ? 9   G   H N2    1 
ATOM   1054 N N3    . G   H 2 2 ? 8.606   7.649   -19.770 1.00 35.85 ? 9   G   H N3    1 
ATOM   1055 C C4    . G   H 2 2 ? 7.822   6.828   -19.040 1.00 36.06 ? 9   G   H C4    1 
ATOM   1056 P P     . U   H 2 3 ? 11.710  2.903   -16.617 1.00 50.01 ? 10  U   H P     1 
ATOM   1057 O OP1   . U   H 2 3 ? 12.906  2.043   -16.393 1.00 55.35 ? 10  U   H OP1   1 
ATOM   1058 O OP2   . U   H 2 3 ? 10.605  2.847   -15.639 1.00 53.51 ? 10  U   H OP2   1 
ATOM   1059 O "O5'" . U   H 2 3 ? 12.206  4.416   -16.729 1.00 37.67 ? 10  U   H "O5'" 1 
ATOM   1060 C "C5'" . U   H 2 3 ? 13.273  4.813   -17.605 1.00 41.10 ? 10  U   H "C5'" 1 
ATOM   1061 C "C4'" . U   H 2 3 ? 13.383  6.316   -17.697 1.00 39.52 ? 10  U   H "C4'" 1 
ATOM   1062 O "O4'" . U   H 2 3 ? 12.142  6.913   -18.191 1.00 36.81 ? 10  U   H "O4'" 1 
ATOM   1063 C "C3'" . U   H 2 3 ? 13.700  7.086   -16.421 1.00 47.27 ? 10  U   H "C3'" 1 
ATOM   1064 O "O3'" . U   H 2 3 ? 15.084  7.164   -16.074 1.00 52.98 ? 10  U   H "O3'" 1 
ATOM   1065 C "C2'" . U   H 2 3 ? 13.224  8.491   -16.764 1.00 43.71 ? 10  U   H "C2'" 1 
ATOM   1066 O "O2'" . U   H 2 3 ? 14.179  9.290   -17.443 1.00 50.23 ? 10  U   H "O2'" 1 
ATOM   1067 C "C1'" . U   H 2 3 ? 11.966  8.199   -17.595 1.00 45.13 ? 10  U   H "C1'" 1 
ATOM   1068 N N1    . U   H 2 3 ? 10.739  8.213   -16.775 1.00 40.22 ? 10  U   H N1    1 
ATOM   1069 C C2    . U   H 2 3 ? 10.154  9.442   -16.479 1.00 39.97 ? 10  U   H C2    1 
ATOM   1070 O O2    . U   H 2 3 ? 10.595  10.505  -16.873 1.00 40.98 ? 10  U   H O2    1 
ATOM   1071 N N3    . U   H 2 3 ? 9.058   9.377   -15.661 1.00 39.11 ? 10  U   H N3    1 
ATOM   1072 C C4    . U   H 2 3 ? 8.475   8.244   -15.131 1.00 42.24 ? 10  U   H C4    1 
ATOM   1073 O O4    . U   H 2 3 ? 7.470   8.354   -14.419 1.00 52.98 ? 10  U   H O4    1 
ATOM   1074 C C5    . U   H 2 3 ? 9.127   7.014   -15.484 1.00 41.20 ? 10  U   H C5    1 
ATOM   1075 C C6    . U   H 2 3 ? 10.212  7.039   -16.275 1.00 44.03 ? 10  U   H C6    1 
ATOM   1076 P P     . G   H 2 4 ? 15.414  7.079   -14.490 1.00 52.11 ? 11  G   H P     1 
ATOM   1077 O OP1   . G   H 2 4 ? 16.879  6.796   -14.516 1.00 62.53 ? 11  G   H OP1   1 
ATOM   1078 O OP2   . G   H 2 4 ? 14.501  6.133   -13.782 1.00 51.28 ? 11  G   H OP2   1 
ATOM   1079 O "O5'" . G   H 2 4 ? 15.240  8.569   -13.958 1.00 48.74 ? 11  G   H "O5'" 1 
ATOM   1080 C "C5'" . G   H 2 4 ? 16.025  9.602   -14.576 1.00 50.51 ? 11  G   H "C5'" 1 
ATOM   1081 C "C4'" . G   H 2 4 ? 15.521  10.973  -14.227 1.00 47.33 ? 11  G   H "C4'" 1 
ATOM   1082 O "O4'" . G   H 2 4 ? 14.210  11.185  -14.799 1.00 44.34 ? 11  G   H "O4'" 1 
ATOM   1083 C "C3'" . G   H 2 4 ? 15.317  11.263  -12.747 1.00 42.03 ? 11  G   H "C3'" 1 
ATOM   1084 O "O3'" . G   H 2 4 ? 16.567  11.580  -12.145 1.00 54.07 ? 11  G   H "O3'" 1 
ATOM   1085 C "C2'" . G   H 2 4 ? 14.408  12.477  -12.814 1.00 40.74 ? 11  G   H "C2'" 1 
ATOM   1086 O "O2'" . G   H 2 4 ? 15.097  13.681  -13.148 1.00 43.98 ? 11  G   H "O2'" 1 
ATOM   1087 C "C1'" . G   H 2 4 ? 13.471  12.072  -13.959 1.00 34.84 ? 11  G   H "C1'" 1 
ATOM   1088 N N9    . G   H 2 4 ? 12.295  11.358  -13.475 1.00 34.97 ? 11  G   H N9    1 
ATOM   1089 C C8    . G   H 2 4 ? 12.096  9.998   -13.483 1.00 36.23 ? 11  G   H C8    1 
ATOM   1090 N N7    . G   H 2 4 ? 10.959  9.643   -12.948 1.00 38.85 ? 11  G   H N7    1 
ATOM   1091 C C5    . G   H 2 4 ? 10.365  10.843  -12.570 1.00 40.02 ? 11  G   H C5    1 
ATOM   1092 C C6    . G   H 2 4 ? 9.103   11.093  -11.979 1.00 36.78 ? 11  G   H C6    1 
ATOM   1093 O O6    . G   H 2 4 ? 8.236   10.277  -11.646 1.00 57.36 ? 11  G   H O6    1 
ATOM   1094 N N1    . G   H 2 4 ? 8.938   12.440  -11.675 1.00 37.35 ? 11  G   H N1    1 
ATOM   1095 C C2    . G   H 2 4 ? 9.807   13.441  -12.030 1.00 35.87 ? 11  G   H C2    1 
ATOM   1096 N N2    . G   H 2 4 ? 9.407   14.691  -11.752 1.00 31.07 ? 11  G   H N2    1 
ATOM   1097 N N3    . G   H 2 4 ? 10.973  13.229  -12.635 1.00 34.54 ? 11  G   H N3    1 
ATOM   1098 C C4    . G   H 2 4 ? 11.186  11.911  -12.865 1.00 34.49 ? 11  G   H C4    1 
ATOM   1099 P P     . C   H 2 5 ? 16.773  11.348  -10.569 1.00 42.97 ? 12  C   H P     1 
ATOM   1100 O OP1   . C   H 2 5 ? 18.203  11.629  -10.255 1.00 46.73 ? 12  C   H OP1   1 
ATOM   1101 O OP2   . C   H 2 5 ? 16.164  10.035  -10.188 1.00 43.15 ? 12  C   H OP2   1 
ATOM   1102 O "O5'" . C   H 2 5 ? 15.794  12.444  -9.922  1.00 46.88 ? 12  C   H "O5'" 1 
ATOM   1103 C "C5'" . C   H 2 5 ? 16.177  13.830  -9.925  1.00 45.32 ? 12  C   H "C5'" 1 
ATOM   1104 C "C4'" . C   H 2 5 ? 15.122  14.701  -9.277  1.00 41.68 ? 12  C   H "C4'" 1 
ATOM   1105 O "O4'" . C   H 2 5 ? 13.865  14.611  -9.999  1.00 46.39 ? 12  C   H "O4'" 1 
ATOM   1106 C "C3'" . C   H 2 5 ? 14.738  14.360  -7.856  1.00 41.72 ? 12  C   H "C3'" 1 
ATOM   1107 O "O3'" . C   H 2 5 ? 15.744  14.814  -6.955  1.00 49.38 ? 12  C   H "O3'" 1 
ATOM   1108 C "C2'" . C   H 2 5 ? 13.400  15.082  -7.740  1.00 37.56 ? 12  C   H "C2'" 1 
ATOM   1109 O "O2'" . C   H 2 5 ? 13.550  16.486  -7.810  1.00 43.02 ? 12  C   H "O2'" 1 
ATOM   1110 C "C1'" . C   H 2 5 ? 12.779  14.718  -9.085  1.00 39.35 ? 12  C   H "C1'" 1 
ATOM   1111 N N1    . C   H 2 5 ? 12.047  13.444  -9.073  1.00 38.12 ? 12  C   H N1    1 
ATOM   1112 C C2    . C   H 2 5 ? 10.714  13.439  -8.639  1.00 44.69 ? 12  C   H C2    1 
ATOM   1113 O O2    . C   H 2 5 ? 10.202  14.506  -8.250  1.00 47.53 ? 12  C   H O2    1 
ATOM   1114 N N3    . C   H 2 5 ? 10.009  12.286  -8.690  1.00 39.18 ? 12  C   H N3    1 
ATOM   1115 C C4    . C   H 2 5 ? 10.607  11.157  -9.078  1.00 36.78 ? 12  C   H C4    1 
ATOM   1116 N N4    . C   H 2 5 ? 9.898   10.024  -9.039  1.00 38.23 ? 12  C   H N4    1 
ATOM   1117 C C5    . C   H 2 5 ? 11.960  11.135  -9.527  1.00 31.83 ? 12  C   H C5    1 
ATOM   1118 C C6    . C   H 2 5 ? 12.634  12.288  -9.512  1.00 39.36 ? 12  C   H C6    1 
ATOM   1119 P P     . U   H 2 6 ? 15.880  13.850  -5.690  1.00 53.20 ? 13  U   H P     1 
ATOM   1120 O OP1   . U   H 2 6 ? 16.986  14.441  -4.879  1.00 65.84 ? 13  U   H OP1   1 
ATOM   1121 O OP2   . U   H 2 6 ? 15.944  12.420  -6.162  1.00 49.05 ? 13  U   H OP2   1 
ATOM   1122 O "O5'" . U   H 2 6 ? 14.471  13.926  -4.921  1.00 43.85 ? 13  U   H "O5'" 1 
ATOM   1123 C "C5'" . U   H 2 6 ? 14.072  15.118  -4.209  1.00 43.52 ? 13  U   H "C5'" 1 
ATOM   1124 C "C4'" . U   H 2 6 ? 12.654  14.981  -3.740  1.00 40.05 ? 13  U   H "C4'" 1 
ATOM   1125 O "O4'" . U   H 2 6 ? 11.853  14.408  -4.802  1.00 39.45 ? 13  U   H "O4'" 1 
ATOM   1126 C "C3'" . U   H 2 6 ? 12.404  14.005  -2.606  1.00 40.18 ? 13  U   H "C3'" 1 
ATOM   1127 O "O3'" . U   H 2 6 ? 12.851  14.506  -1.340  1.00 47.22 ? 13  U   H "O3'" 1 
ATOM   1128 C "C2'" . U   H 2 6 ? 10.882  13.806  -2.716  1.00 41.08 ? 13  U   H "C2'" 1 
ATOM   1129 O "O2'" . U   H 2 6 ? 10.139  14.899  -2.183  1.00 42.35 ? 13  U   H "O2'" 1 
ATOM   1130 C "C1'" . U   H 2 6 ? 10.679  13.829  -4.239  1.00 39.21 ? 13  U   H "C1'" 1 
ATOM   1131 N N1    . U   H 2 6 ? 10.488  12.471  -4.787  1.00 41.83 ? 13  U   H N1    1 
ATOM   1132 C C2    . U   H 2 6 ? 9.226   11.888  -4.655  1.00 39.84 ? 13  U   H C2    1 
ATOM   1133 O O2    . U   H 2 6 ? 8.271   12.464  -4.152  1.00 33.82 ? 13  U   H O2    1 
ATOM   1134 N N3    . U   H 2 6 ? 9.128   10.615  -5.159  1.00 35.42 ? 13  U   H N3    1 
ATOM   1135 C C4    . U   H 2 6 ? 10.127  9.872   -5.758  1.00 31.96 ? 13  U   H C4    1 
ATOM   1136 O O4    . U   H 2 6 ? 9.875   8.740   -6.152  1.00 43.41 ? 13  U   H O4    1 
ATOM   1137 C C5    . U   H 2 6 ? 11.406  10.523  -5.826  1.00 32.27 ? 13  U   H C5    1 
ATOM   1138 C C6    . U   H 2 6 ? 11.543  11.766  -5.339  1.00 36.54 ? 13  U   H C6    1 
ATOM   1139 P P     . A   H 2 7 ? 12.883  13.424  -0.188  1.00 46.97 ? 14  A   H P     1 
ATOM   1140 O OP1   . A   H 2 7 ? 13.302  14.197  0.940   1.00 67.46 ? 14  A   H OP1   1 
ATOM   1141 O OP2   . A   H 2 7 ? 13.606  12.221  -0.536  1.00 55.05 ? 14  A   H OP2   1 
ATOM   1142 O "O5'" . A   H 2 7 ? 11.392  12.985  0.094   1.00 44.98 ? 14  A   H "O5'" 1 
ATOM   1143 C "C5'" . A   H 2 7 ? 10.625  13.660  1.058   1.00 39.17 ? 14  A   H "C5'" 1 
ATOM   1144 C "C4'" . A   H 2 7 ? 9.298   12.981  1.219   1.00 41.37 ? 14  A   H "C4'" 1 
ATOM   1145 O "O4'" . A   H 2 7 ? 8.719   12.686  -0.072  1.00 46.16 ? 14  A   H "O4'" 1 
ATOM   1146 C "C3'" . A   H 2 7 ? 9.312   11.639  1.925   1.00 36.37 ? 14  A   H "C3'" 1 
ATOM   1147 O "O3'" . A   H 2 7 ? 9.403   11.789  3.322   1.00 39.85 ? 14  A   H "O3'" 1 
ATOM   1148 C "C2'" . A   H 2 7 ? 7.996   11.036  1.457   1.00 42.31 ? 14  A   H "C2'" 1 
ATOM   1149 O "O2'" . A   H 2 7 ? 6.794   11.483  2.026   1.00 45.76 ? 14  A   H "O2'" 1 
ATOM   1150 C "C1'" . A   H 2 7 ? 7.965   11.496  0.008   1.00 40.90 ? 14  A   H "C1'" 1 
ATOM   1151 N N9    . A   H 2 7 ? 8.550   10.494  -0.871  1.00 34.31 ? 14  A   H N9    1 
ATOM   1152 C C8    . A   H 2 7 ? 9.788   10.455  -1.444  1.00 26.99 ? 14  A   H C8    1 
ATOM   1153 N N7    . A   H 2 7 ? 9.999   9.393   -2.172  1.00 31.84 ? 14  A   H N7    1 
ATOM   1154 C C5    . A   H 2 7 ? 8.811   8.689   -2.083  1.00 31.72 ? 14  A   H C5    1 
ATOM   1155 C C6    . A   H 2 7 ? 8.381   7.495   -2.663  1.00 35.10 ? 14  A   H C6    1 
ATOM   1156 N N6    . A   H 2 7 ? 9.153   6.729   -3.436  1.00 35.83 ? 14  A   H N6    1 
ATOM   1157 N N1    . A   H 2 7 ? 7.133   7.076   -2.381  1.00 43.89 ? 14  A   H N1    1 
ATOM   1158 C C2    . A   H 2 7 ? 6.378   7.822   -1.569  1.00 42.30 ? 14  A   H C2    1 
ATOM   1159 N N3    . A   H 2 7 ? 6.662   8.972   -0.981  1.00 35.44 ? 14  A   H N3    1 
ATOM   1160 C C4    . A   H 2 7 ? 7.913   9.352   -1.279  1.00 31.30 ? 14  A   H C4    1 
HETATM 1161 O O     . HOH I 3 . ? -16.593 12.258  -7.119  1.00 69.64 ? 101 HOH A O     1 
HETATM 1162 O O     . HOH I 3 . ? -11.226 7.310   -14.780 1.00 45.21 ? 102 HOH A O     1 
HETATM 1163 O O     . HOH I 3 . ? -21.367 2.459   -8.531  1.00 29.61 ? 103 HOH A O     1 
HETATM 1164 O O     . HOH I 3 . ? -11.215 4.174   -14.740 1.00 39.61 ? 104 HOH A O     1 
HETATM 1165 O O     . HOH I 3 . ? -14.587 9.562   -6.686  1.00 44.31 ? 105 HOH A O     1 
HETATM 1166 O O     . HOH I 3 . ? -12.861 7.418   -7.242  1.00 40.29 ? 106 HOH A O     1 
HETATM 1167 O O     . HOH I 3 . ? -15.355 9.656   -9.410  1.00 41.96 ? 107 HOH A O     1 
HETATM 1168 O O     . HOH J 3 . ? -12.347 11.997  -0.607  1.00 69.70 ? 101 HOH B O     1 
HETATM 1169 O O     . HOH J 3 . ? -14.162 7.401   -2.742  1.00 33.49 ? 102 HOH B O     1 
HETATM 1170 O O     . HOH J 3 . ? -16.377 2.813   0.660   1.00 54.45 ? 103 HOH B O     1 
HETATM 1171 O O     . HOH J 3 . ? -14.085 3.932   -0.287  1.00 46.14 ? 104 HOH B O     1 
HETATM 1172 O O     . HOH K 3 . ? -10.550 -17.455 18.988  1.00 51.23 ? 101 HOH C O     1 
HETATM 1173 O O     . HOH K 3 . ? -1.740  -17.687 15.030  1.00 33.83 ? 102 HOH C O     1 
HETATM 1174 O O     . HOH K 3 . ? 0.356   -3.982  13.573  1.00 38.75 ? 103 HOH C O     1 
HETATM 1175 O O     . HOH K 3 . ? -6.009  -11.493 21.001  1.00 36.41 ? 104 HOH C O     1 
HETATM 1176 O O     . HOH K 3 . ? -0.894  -15.229 13.754  1.00 36.57 ? 105 HOH C O     1 
HETATM 1177 O O     . HOH K 3 . ? -0.670  -12.057 7.954   1.00 47.19 ? 106 HOH C O     1 
HETATM 1178 O O     . HOH K 3 . ? -3.555  -11.132 9.252   1.00 39.59 ? 107 HOH C O     1 
HETATM 1179 O O     . HOH K 3 . ? 1.291   -14.404 15.055  1.00 32.86 ? 108 HOH C O     1 
HETATM 1180 O O     . HOH K 3 . ? 2.003   -4.200  10.754  1.00 51.47 ? 109 HOH C O     1 
HETATM 1181 O O     . HOH L 3 . ? -10.081 -11.101 21.268  1.00 44.19 ? 101 HOH D O     1 
HETATM 1182 O O     . HOH L 3 . ? -4.580  -17.668 10.701  1.00 56.01 ? 102 HOH D O     1 
HETATM 1183 O O     . HOH L 3 . ? -10.632 -14.580 18.486  1.00 70.84 ? 103 HOH D O     1 
HETATM 1184 O O     . HOH L 3 . ? -5.756  -12.100 11.028  1.00 44.51 ? 104 HOH D O     1 
HETATM 1185 O O     . HOH L 3 . ? -6.661  -9.446  10.598  1.00 51.92 ? 105 HOH D O     1 
HETATM 1186 O O     . HOH L 3 . ? -4.707  -15.290 10.579  1.00 50.30 ? 106 HOH D O     1 
HETATM 1187 O O     . HOH L 3 . ? -10.786 -5.914  14.629  1.00 37.98 ? 107 HOH D O     1 
HETATM 1188 O O     . HOH M 3 . ? 8.509   -14.741 8.079   1.00 43.24 ? 101 HOH E O     1 
HETATM 1189 O O     . HOH M 3 . ? 13.379  -13.938 13.163  1.00 53.43 ? 102 HOH E O     1 
HETATM 1190 O O     . HOH M 3 . ? 11.735  -8.770  10.568  1.00 39.40 ? 103 HOH E O     1 
HETATM 1191 O O     . HOH M 3 . ? 13.585  -6.582  9.835   1.00 39.04 ? 104 HOH E O     1 
HETATM 1192 O O     . HOH N 3 . ? 22.720  2.755   0.065   1.00 50.65 ? 101 HOH F O     1 
HETATM 1193 O O     . HOH N 3 . ? 4.041   -5.095  -4.843  1.00 53.95 ? 102 HOH F O     1 
HETATM 1194 O O     . HOH N 3 . ? 14.401  -3.158  3.443   1.00 54.94 ? 103 HOH F O     1 
HETATM 1195 O O     . HOH N 3 . ? 15.939  -3.245  7.832   1.00 43.57 ? 104 HOH F O     1 
HETATM 1196 O O     . HOH O 3 . ? 7.216   10.480  -28.041 1.00 35.06 ? 101 HOH G O     1 
HETATM 1197 O O     . HOH O 3 . ? 11.308  17.571  -22.824 1.00 37.61 ? 102 HOH G O     1 
HETATM 1198 O O     . HOH O 3 . ? 5.229   14.510  -27.423 1.00 37.26 ? 103 HOH G O     1 
HETATM 1199 O O     . HOH O 3 . ? 2.547   12.524  -16.411 1.00 44.17 ? 104 HOH G O     1 
HETATM 1200 O O     . HOH P 3 . ? 17.696  14.192  -13.492 1.00 45.15 ? 101 HOH H O     1 
HETATM 1201 O O     . HOH P 3 . ? 5.199   8.197   -13.663 1.00 57.15 ? 102 HOH H O     1 
# 
loop_
_pdbx_poly_seq_scheme.asym_id 
_pdbx_poly_seq_scheme.entity_id 
_pdbx_poly_seq_scheme.seq_id 
_pdbx_poly_seq_scheme.mon_id 
_pdbx_poly_seq_scheme.ndb_seq_num 
_pdbx_poly_seq_scheme.pdb_seq_num 
_pdbx_poly_seq_scheme.auth_seq_num 
_pdbx_poly_seq_scheme.pdb_mon_id 
_pdbx_poly_seq_scheme.auth_mon_id 
_pdbx_poly_seq_scheme.pdb_strand_id 
_pdbx_poly_seq_scheme.pdb_ins_code 
_pdbx_poly_seq_scheme.hetero 
A 1 1 U 1 1  1  U U A . n 
A 1 2 A 2 2  2  A A A . n 
A 1 3 G 3 3  3  G G A . n 
A 1 4 C 4 4  4  C C A . n 
A 1 5 U 5 5  5  U U A . n 
A 1 6 C 6 6  6  C C A . n 
A 1 7 C 7 7  7  C C A . n 
B 2 1 G 1 8  8  G G B . n 
B 2 2 G 2 9  9  G G B . n 
B 2 3 U 3 10 10 U U B . n 
B 2 4 G 4 11 11 G G B . n 
B 2 5 C 5 12 12 C C B . n 
B 2 6 U 6 13 13 U U B . n 
B 2 7 A 7 14 14 A A B . n 
C 1 1 U 1 1  1  U U C . n 
C 1 2 A 2 2  2  A A C . n 
C 1 3 G 3 3  3  G G C . n 
C 1 4 C 4 4  4  C C C . n 
C 1 5 U 5 5  5  U U C . n 
C 1 6 C 6 6  6  C C C . n 
C 1 7 C 7 7  7  C C C . n 
D 2 1 G 1 8  8  G G D . n 
D 2 2 G 2 9  9  G G D . n 
D 2 3 U 3 10 10 U U D . n 
D 2 4 G 4 11 11 G G D . n 
D 2 5 C 5 12 12 C C D . n 
D 2 6 U 6 13 13 U U D . n 
D 2 7 A 7 14 14 A A D . n 
E 1 1 U 1 1  1  U U E . n 
E 1 2 A 2 2  2  A A E . n 
E 1 3 G 3 3  3  G G E . n 
E 1 4 C 4 4  4  C C E . n 
E 1 5 U 5 5  5  U U E . n 
E 1 6 C 6 6  6  C C E . n 
E 1 7 C 7 7  7  C C E . n 
F 2 1 G 1 8  8  G G F . n 
F 2 2 G 2 9  9  G G F . n 
F 2 3 U 3 10 10 U U F . n 
F 2 4 G 4 11 11 G G F . n 
F 2 5 C 5 12 12 C C F . n 
F 2 6 U 6 13 13 U U F . n 
F 2 7 A 7 14 14 A A F . n 
G 1 1 U 1 1  1  U U G . n 
G 1 2 A 2 2  2  A A G . n 
G 1 3 G 3 3  3  G G G . n 
G 1 4 C 4 4  4  C C G . n 
G 1 5 U 5 5  5  U U G . n 
G 1 6 C 6 6  6  C C G . n 
G 1 7 C 7 7  7  C C G . n 
H 2 1 G 1 8  8  G G H . n 
H 2 2 G 2 9  9  G G H . n 
H 2 3 U 3 10 10 U U H . n 
H 2 4 G 4 11 11 G G H . n 
H 2 5 C 5 12 12 C C H . n 
H 2 6 U 6 13 13 U U H . n 
H 2 7 A 7 14 14 A A H . n 
# 
loop_
_pdbx_nonpoly_scheme.asym_id 
_pdbx_nonpoly_scheme.entity_id 
_pdbx_nonpoly_scheme.mon_id 
_pdbx_nonpoly_scheme.ndb_seq_num 
_pdbx_nonpoly_scheme.pdb_seq_num 
_pdbx_nonpoly_scheme.auth_seq_num 
_pdbx_nonpoly_scheme.pdb_mon_id 
_pdbx_nonpoly_scheme.auth_mon_id 
_pdbx_nonpoly_scheme.pdb_strand_id 
_pdbx_nonpoly_scheme.pdb_ins_code 
I 3 HOH 1 101 36 HOH HOH A . 
I 3 HOH 2 102 38 HOH HOH A . 
I 3 HOH 3 103 5  HOH HOH A . 
I 3 HOH 4 104 39 HOH HOH A . 
I 3 HOH 5 105 22 HOH HOH A . 
I 3 HOH 6 106 34 HOH HOH A . 
I 3 HOH 7 107 35 HOH HOH A . 
J 3 HOH 1 101 2  HOH HOH B . 
J 3 HOH 2 102 6  HOH HOH B . 
J 3 HOH 3 103 25 HOH HOH B . 
J 3 HOH 4 104 26 HOH HOH B . 
K 3 HOH 1 101 21 HOH HOH C . 
K 3 HOH 2 102 12 HOH HOH C . 
K 3 HOH 3 103 4  HOH HOH C . 
K 3 HOH 4 104 18 HOH HOH C . 
K 3 HOH 5 105 11 HOH HOH C . 
K 3 HOH 6 106 14 HOH HOH C . 
K 3 HOH 7 107 19 HOH HOH C . 
K 3 HOH 8 108 27 HOH HOH C . 
K 3 HOH 9 109 43 HOH HOH C . 
L 3 HOH 1 101 29 HOH HOH D . 
L 3 HOH 2 102 28 HOH HOH D . 
L 3 HOH 3 103 40 HOH HOH D . 
L 3 HOH 4 104 16 HOH HOH D . 
L 3 HOH 5 105 20 HOH HOH D . 
L 3 HOH 6 106 24 HOH HOH D . 
L 3 HOH 7 107 30 HOH HOH D . 
M 3 HOH 1 101 23 HOH HOH E . 
M 3 HOH 2 102 1  HOH HOH E . 
M 3 HOH 3 103 9  HOH HOH E . 
M 3 HOH 4 104 13 HOH HOH E . 
N 3 HOH 1 101 33 HOH HOH F . 
N 3 HOH 2 102 7  HOH HOH F . 
N 3 HOH 3 103 15 HOH HOH F . 
N 3 HOH 4 104 31 HOH HOH F . 
O 3 HOH 1 101 8  HOH HOH G . 
O 3 HOH 2 102 42 HOH HOH G . 
O 3 HOH 3 103 32 HOH HOH G . 
O 3 HOH 4 104 3  HOH HOH G . 
P 3 HOH 1 101 17 HOH HOH H . 
P 3 HOH 2 102 10 HOH HOH H . 
# 
loop_
_pdbx_struct_assembly.id 
_pdbx_struct_assembly.details 
_pdbx_struct_assembly.method_details 
_pdbx_struct_assembly.oligomeric_details 
_pdbx_struct_assembly.oligomeric_count 
1 author_and_software_defined_assembly PISA dimeric 2 
2 author_and_software_defined_assembly PISA dimeric 2 
3 author_and_software_defined_assembly PISA dimeric 2 
4 author_and_software_defined_assembly PISA dimeric 2 
# 
loop_
_pdbx_struct_assembly_gen.assembly_id 
_pdbx_struct_assembly_gen.oper_expression 
_pdbx_struct_assembly_gen.asym_id_list 
1 1 A,B,I,J 
2 1 C,D,K,L 
3 1 E,F,M,N 
4 1 G,H,O,P 
# 
loop_
_pdbx_struct_assembly_prop.biol_id 
_pdbx_struct_assembly_prop.type 
_pdbx_struct_assembly_prop.value 
_pdbx_struct_assembly_prop.details 
1 'ABSA (A^2)' 680  ? 
1 MORE         -6   ? 
1 'SSA (A^2)'  2760 ? 
2 'ABSA (A^2)' 680  ? 
2 MORE         -6   ? 
2 'SSA (A^2)'  2750 ? 
3 'ABSA (A^2)' 660  ? 
3 MORE         -5   ? 
3 'SSA (A^2)'  2730 ? 
4 'ABSA (A^2)' 670  ? 
4 MORE         -6   ? 
4 'SSA (A^2)'  2770 ? 
# 
_pdbx_struct_oper_list.id                   1 
_pdbx_struct_oper_list.type                 'identity operation' 
_pdbx_struct_oper_list.name                 1_555 
_pdbx_struct_oper_list.symmetry_operation   x,y,z 
_pdbx_struct_oper_list.matrix[1][1]         1.0000000000 
_pdbx_struct_oper_list.matrix[1][2]         0.0000000000 
_pdbx_struct_oper_list.matrix[1][3]         0.0000000000 
_pdbx_struct_oper_list.vector[1]            0.0000000000 
_pdbx_struct_oper_list.matrix[2][1]         0.0000000000 
_pdbx_struct_oper_list.matrix[2][2]         1.0000000000 
_pdbx_struct_oper_list.matrix[2][3]         0.0000000000 
_pdbx_struct_oper_list.vector[2]            0.0000000000 
_pdbx_struct_oper_list.matrix[3][1]         0.0000000000 
_pdbx_struct_oper_list.matrix[3][2]         0.0000000000 
_pdbx_struct_oper_list.matrix[3][3]         1.0000000000 
_pdbx_struct_oper_list.vector[3]            0.0000000000 
# 
loop_
_pdbx_audit_revision_history.ordinal 
_pdbx_audit_revision_history.data_content_type 
_pdbx_audit_revision_history.major_revision 
_pdbx_audit_revision_history.minor_revision 
_pdbx_audit_revision_history.revision_date 
1 'Structure model' 1 0 2014-08-13 
2 'Structure model' 1 1 2014-09-17 
3 'Structure model' 1 2 2014-10-01 
4 'Structure model' 1 3 2014-10-15 
5 'Structure model' 1 4 2015-01-14 
6 'Structure model' 1 5 2015-08-26 
7 'Structure model' 1 6 2017-09-27 
8 'Structure model' 1 7 2019-11-20 
9 'Structure model' 1 8 2023-09-27 
# 
_pdbx_audit_revision_details.ordinal             1 
_pdbx_audit_revision_details.revision_ordinal    1 
_pdbx_audit_revision_details.data_content_type   'Structure model' 
_pdbx_audit_revision_details.provider            repository 
_pdbx_audit_revision_details.type                'Initial release' 
_pdbx_audit_revision_details.description         ? 
_pdbx_audit_revision_details.details             ? 
# 
loop_
_pdbx_audit_revision_group.ordinal 
_pdbx_audit_revision_group.revision_ordinal 
_pdbx_audit_revision_group.data_content_type 
_pdbx_audit_revision_group.group 
1  2 'Structure model' 'Database references'        
2  3 'Structure model' 'Database references'        
3  4 'Structure model' 'Database references'        
4  5 'Structure model' 'Database references'        
5  6 'Structure model' 'Data collection'            
6  7 'Structure model' 'Derived calculations'       
7  7 'Structure model' 'Refinement description'     
8  8 'Structure model' 'Author supporting evidence' 
9  9 'Structure model' 'Data collection'            
10 9 'Structure model' 'Database references'        
11 9 'Structure model' 'Refinement description'     
# 
loop_
_pdbx_audit_revision_category.ordinal 
_pdbx_audit_revision_category.revision_ordinal 
_pdbx_audit_revision_category.data_content_type 
_pdbx_audit_revision_category.category 
1 7 'Structure model' pdbx_struct_oper_list         
2 7 'Structure model' software                      
3 8 'Structure model' pdbx_audit_support            
4 9 'Structure model' chem_comp_atom                
5 9 'Structure model' chem_comp_bond                
6 9 'Structure model' database_2                    
7 9 'Structure model' pdbx_initial_refinement_model 
# 
loop_
_pdbx_audit_revision_item.ordinal 
_pdbx_audit_revision_item.revision_ordinal 
_pdbx_audit_revision_item.data_content_type 
_pdbx_audit_revision_item.item 
1 7 'Structure model' '_pdbx_struct_oper_list.symmetry_operation' 
2 7 'Structure model' '_software.classification'                  
3 8 'Structure model' '_pdbx_audit_support.funding_organization'  
4 9 'Structure model' '_database_2.pdbx_DOI'                      
5 9 'Structure model' '_database_2.pdbx_database_accession'       
# 
loop_
_software.citation_id 
_software.classification 
_software.compiler_name 
_software.compiler_version 
_software.contact_author 
_software.contact_author_email 
_software.date 
_software.description 
_software.dependencies 
_software.hardware 
_software.language 
_software.location 
_software.mods 
_software.name 
_software.os 
_software.os_version 
_software.type 
_software.version 
_software.pdbx_ordinal 
? 'data scaling' ? ? ? ? ? ? ? ? ? ? ? HKL-2000 ? ? ? .        1 
? refinement     ? ? ? ? ? ? ? ? ? ? ? REFMAC   ? ? ? 5.6.0117 2 
# 
loop_
_pdbx_validate_rmsd_bond.id 
_pdbx_validate_rmsd_bond.PDB_model_num 
_pdbx_validate_rmsd_bond.auth_atom_id_1 
_pdbx_validate_rmsd_bond.auth_asym_id_1 
_pdbx_validate_rmsd_bond.auth_comp_id_1 
_pdbx_validate_rmsd_bond.auth_seq_id_1 
_pdbx_validate_rmsd_bond.PDB_ins_code_1 
_pdbx_validate_rmsd_bond.label_alt_id_1 
_pdbx_validate_rmsd_bond.auth_atom_id_2 
_pdbx_validate_rmsd_bond.auth_asym_id_2 
_pdbx_validate_rmsd_bond.auth_comp_id_2 
_pdbx_validate_rmsd_bond.auth_seq_id_2 
_pdbx_validate_rmsd_bond.PDB_ins_code_2 
_pdbx_validate_rmsd_bond.label_alt_id_2 
_pdbx_validate_rmsd_bond.bond_value 
_pdbx_validate_rmsd_bond.bond_target_value 
_pdbx_validate_rmsd_bond.bond_deviation 
_pdbx_validate_rmsd_bond.bond_standard_deviation 
_pdbx_validate_rmsd_bond.linker_flag 
1 1 "O3'" A C 6  ? ? P A C 7  ? ? 1.522 1.607 -0.085 0.012 Y 
2 1 "O3'" C C 4  ? ? P C U 5  ? ? 1.519 1.607 -0.088 0.012 Y 
3 1 "O3'" D U 10 ? ? P D G 11 ? ? 1.527 1.607 -0.080 0.012 Y 
# 
loop_
_pdbx_validate_rmsd_angle.id 
_pdbx_validate_rmsd_angle.PDB_model_num 
_pdbx_validate_rmsd_angle.auth_atom_id_1 
_pdbx_validate_rmsd_angle.auth_asym_id_1 
_pdbx_validate_rmsd_angle.auth_comp_id_1 
_pdbx_validate_rmsd_angle.auth_seq_id_1 
_pdbx_validate_rmsd_angle.PDB_ins_code_1 
_pdbx_validate_rmsd_angle.label_alt_id_1 
_pdbx_validate_rmsd_angle.auth_atom_id_2 
_pdbx_validate_rmsd_angle.auth_asym_id_2 
_pdbx_validate_rmsd_angle.auth_comp_id_2 
_pdbx_validate_rmsd_angle.auth_seq_id_2 
_pdbx_validate_rmsd_angle.PDB_ins_code_2 
_pdbx_validate_rmsd_angle.label_alt_id_2 
_pdbx_validate_rmsd_angle.auth_atom_id_3 
_pdbx_validate_rmsd_angle.auth_asym_id_3 
_pdbx_validate_rmsd_angle.auth_comp_id_3 
_pdbx_validate_rmsd_angle.auth_seq_id_3 
_pdbx_validate_rmsd_angle.PDB_ins_code_3 
_pdbx_validate_rmsd_angle.label_alt_id_3 
_pdbx_validate_rmsd_angle.angle_value 
_pdbx_validate_rmsd_angle.angle_target_value 
_pdbx_validate_rmsd_angle.angle_deviation 
_pdbx_validate_rmsd_angle.angle_standard_deviation 
_pdbx_validate_rmsd_angle.linker_flag 
1 1 "O5'" C C 6  ? ? P     C C 6  ? ? OP2 C C 6  ? ? 96.06  105.70 -9.64 0.90 N 
2 1 "C3'" H C 12 ? ? "O3'" H C 12 ? ? P   H U 13 ? ? 111.60 119.70 -8.10 1.20 Y 
# 
loop_
_chem_comp_atom.comp_id 
_chem_comp_atom.atom_id 
_chem_comp_atom.type_symbol 
_chem_comp_atom.pdbx_aromatic_flag 
_chem_comp_atom.pdbx_stereo_config 
_chem_comp_atom.pdbx_ordinal 
A   OP3    O N N 1   
A   P      P N N 2   
A   OP1    O N N 3   
A   OP2    O N N 4   
A   "O5'"  O N N 5   
A   "C5'"  C N N 6   
A   "C4'"  C N R 7   
A   "O4'"  O N N 8   
A   "C3'"  C N S 9   
A   "O3'"  O N N 10  
A   "C2'"  C N R 11  
A   "O2'"  O N N 12  
A   "C1'"  C N R 13  
A   N9     N Y N 14  
A   C8     C Y N 15  
A   N7     N Y N 16  
A   C5     C Y N 17  
A   C6     C Y N 18  
A   N6     N N N 19  
A   N1     N Y N 20  
A   C2     C Y N 21  
A   N3     N Y N 22  
A   C4     C Y N 23  
A   HOP3   H N N 24  
A   HOP2   H N N 25  
A   "H5'"  H N N 26  
A   "H5''" H N N 27  
A   "H4'"  H N N 28  
A   "H3'"  H N N 29  
A   "HO3'" H N N 30  
A   "H2'"  H N N 31  
A   "HO2'" H N N 32  
A   "H1'"  H N N 33  
A   H8     H N N 34  
A   H61    H N N 35  
A   H62    H N N 36  
A   H2     H N N 37  
C   OP3    O N N 38  
C   P      P N N 39  
C   OP1    O N N 40  
C   OP2    O N N 41  
C   "O5'"  O N N 42  
C   "C5'"  C N N 43  
C   "C4'"  C N R 44  
C   "O4'"  O N N 45  
C   "C3'"  C N S 46  
C   "O3'"  O N N 47  
C   "C2'"  C N R 48  
C   "O2'"  O N N 49  
C   "C1'"  C N R 50  
C   N1     N N N 51  
C   C2     C N N 52  
C   O2     O N N 53  
C   N3     N N N 54  
C   C4     C N N 55  
C   N4     N N N 56  
C   C5     C N N 57  
C   C6     C N N 58  
C   HOP3   H N N 59  
C   HOP2   H N N 60  
C   "H5'"  H N N 61  
C   "H5''" H N N 62  
C   "H4'"  H N N 63  
C   "H3'"  H N N 64  
C   "HO3'" H N N 65  
C   "H2'"  H N N 66  
C   "HO2'" H N N 67  
C   "H1'"  H N N 68  
C   H41    H N N 69  
C   H42    H N N 70  
C   H5     H N N 71  
C   H6     H N N 72  
G   OP3    O N N 73  
G   P      P N N 74  
G   OP1    O N N 75  
G   OP2    O N N 76  
G   "O5'"  O N N 77  
G   "C5'"  C N N 78  
G   "C4'"  C N R 79  
G   "O4'"  O N N 80  
G   "C3'"  C N S 81  
G   "O3'"  O N N 82  
G   "C2'"  C N R 83  
G   "O2'"  O N N 84  
G   "C1'"  C N R 85  
G   N9     N Y N 86  
G   C8     C Y N 87  
G   N7     N Y N 88  
G   C5     C Y N 89  
G   C6     C N N 90  
G   O6     O N N 91  
G   N1     N N N 92  
G   C2     C N N 93  
G   N2     N N N 94  
G   N3     N N N 95  
G   C4     C Y N 96  
G   HOP3   H N N 97  
G   HOP2   H N N 98  
G   "H5'"  H N N 99  
G   "H5''" H N N 100 
G   "H4'"  H N N 101 
G   "H3'"  H N N 102 
G   "HO3'" H N N 103 
G   "H2'"  H N N 104 
G   "HO2'" H N N 105 
G   "H1'"  H N N 106 
G   H8     H N N 107 
G   H1     H N N 108 
G   H21    H N N 109 
G   H22    H N N 110 
HOH O      O N N 111 
HOH H1     H N N 112 
HOH H2     H N N 113 
U   OP3    O N N 114 
U   P      P N N 115 
U   OP1    O N N 116 
U   OP2    O N N 117 
U   "O5'"  O N N 118 
U   "C5'"  C N N 119 
U   "C4'"  C N R 120 
U   "O4'"  O N N 121 
U   "C3'"  C N S 122 
U   "O3'"  O N N 123 
U   "C2'"  C N R 124 
U   "O2'"  O N N 125 
U   "C1'"  C N R 126 
U   N1     N N N 127 
U   C2     C N N 128 
U   O2     O N N 129 
U   N3     N N N 130 
U   C4     C N N 131 
U   O4     O N N 132 
U   C5     C N N 133 
U   C6     C N N 134 
U   HOP3   H N N 135 
U   HOP2   H N N 136 
U   "H5'"  H N N 137 
U   "H5''" H N N 138 
U   "H4'"  H N N 139 
U   "H3'"  H N N 140 
U   "HO3'" H N N 141 
U   "H2'"  H N N 142 
U   "HO2'" H N N 143 
U   "H1'"  H N N 144 
U   H3     H N N 145 
U   H5     H N N 146 
U   H6     H N N 147 
# 
loop_
_chem_comp_bond.comp_id 
_chem_comp_bond.atom_id_1 
_chem_comp_bond.atom_id_2 
_chem_comp_bond.value_order 
_chem_comp_bond.pdbx_aromatic_flag 
_chem_comp_bond.pdbx_stereo_config 
_chem_comp_bond.pdbx_ordinal 
A   OP3   P      sing N N 1   
A   OP3   HOP3   sing N N 2   
A   P     OP1    doub N N 3   
A   P     OP2    sing N N 4   
A   P     "O5'"  sing N N 5   
A   OP2   HOP2   sing N N 6   
A   "O5'" "C5'"  sing N N 7   
A   "C5'" "C4'"  sing N N 8   
A   "C5'" "H5'"  sing N N 9   
A   "C5'" "H5''" sing N N 10  
A   "C4'" "O4'"  sing N N 11  
A   "C4'" "C3'"  sing N N 12  
A   "C4'" "H4'"  sing N N 13  
A   "O4'" "C1'"  sing N N 14  
A   "C3'" "O3'"  sing N N 15  
A   "C3'" "C2'"  sing N N 16  
A   "C3'" "H3'"  sing N N 17  
A   "O3'" "HO3'" sing N N 18  
A   "C2'" "O2'"  sing N N 19  
A   "C2'" "C1'"  sing N N 20  
A   "C2'" "H2'"  sing N N 21  
A   "O2'" "HO2'" sing N N 22  
A   "C1'" N9     sing N N 23  
A   "C1'" "H1'"  sing N N 24  
A   N9    C8     sing Y N 25  
A   N9    C4     sing Y N 26  
A   C8    N7     doub Y N 27  
A   C8    H8     sing N N 28  
A   N7    C5     sing Y N 29  
A   C5    C6     sing Y N 30  
A   C5    C4     doub Y N 31  
A   C6    N6     sing N N 32  
A   C6    N1     doub Y N 33  
A   N6    H61    sing N N 34  
A   N6    H62    sing N N 35  
A   N1    C2     sing Y N 36  
A   C2    N3     doub Y N 37  
A   C2    H2     sing N N 38  
A   N3    C4     sing Y N 39  
C   OP3   P      sing N N 40  
C   OP3   HOP3   sing N N 41  
C   P     OP1    doub N N 42  
C   P     OP2    sing N N 43  
C   P     "O5'"  sing N N 44  
C   OP2   HOP2   sing N N 45  
C   "O5'" "C5'"  sing N N 46  
C   "C5'" "C4'"  sing N N 47  
C   "C5'" "H5'"  sing N N 48  
C   "C5'" "H5''" sing N N 49  
C   "C4'" "O4'"  sing N N 50  
C   "C4'" "C3'"  sing N N 51  
C   "C4'" "H4'"  sing N N 52  
C   "O4'" "C1'"  sing N N 53  
C   "C3'" "O3'"  sing N N 54  
C   "C3'" "C2'"  sing N N 55  
C   "C3'" "H3'"  sing N N 56  
C   "O3'" "HO3'" sing N N 57  
C   "C2'" "O2'"  sing N N 58  
C   "C2'" "C1'"  sing N N 59  
C   "C2'" "H2'"  sing N N 60  
C   "O2'" "HO2'" sing N N 61  
C   "C1'" N1     sing N N 62  
C   "C1'" "H1'"  sing N N 63  
C   N1    C2     sing N N 64  
C   N1    C6     sing N N 65  
C   C2    O2     doub N N 66  
C   C2    N3     sing N N 67  
C   N3    C4     doub N N 68  
C   C4    N4     sing N N 69  
C   C4    C5     sing N N 70  
C   N4    H41    sing N N 71  
C   N4    H42    sing N N 72  
C   C5    C6     doub N N 73  
C   C5    H5     sing N N 74  
C   C6    H6     sing N N 75  
G   OP3   P      sing N N 76  
G   OP3   HOP3   sing N N 77  
G   P     OP1    doub N N 78  
G   P     OP2    sing N N 79  
G   P     "O5'"  sing N N 80  
G   OP2   HOP2   sing N N 81  
G   "O5'" "C5'"  sing N N 82  
G   "C5'" "C4'"  sing N N 83  
G   "C5'" "H5'"  sing N N 84  
G   "C5'" "H5''" sing N N 85  
G   "C4'" "O4'"  sing N N 86  
G   "C4'" "C3'"  sing N N 87  
G   "C4'" "H4'"  sing N N 88  
G   "O4'" "C1'"  sing N N 89  
G   "C3'" "O3'"  sing N N 90  
G   "C3'" "C2'"  sing N N 91  
G   "C3'" "H3'"  sing N N 92  
G   "O3'" "HO3'" sing N N 93  
G   "C2'" "O2'"  sing N N 94  
G   "C2'" "C1'"  sing N N 95  
G   "C2'" "H2'"  sing N N 96  
G   "O2'" "HO2'" sing N N 97  
G   "C1'" N9     sing N N 98  
G   "C1'" "H1'"  sing N N 99  
G   N9    C8     sing Y N 100 
G   N9    C4     sing Y N 101 
G   C8    N7     doub Y N 102 
G   C8    H8     sing N N 103 
G   N7    C5     sing Y N 104 
G   C5    C6     sing N N 105 
G   C5    C4     doub Y N 106 
G   C6    O6     doub N N 107 
G   C6    N1     sing N N 108 
G   N1    C2     sing N N 109 
G   N1    H1     sing N N 110 
G   C2    N2     sing N N 111 
G   C2    N3     doub N N 112 
G   N2    H21    sing N N 113 
G   N2    H22    sing N N 114 
G   N3    C4     sing N N 115 
HOH O     H1     sing N N 116 
HOH O     H2     sing N N 117 
U   OP3   P      sing N N 118 
U   OP3   HOP3   sing N N 119 
U   P     OP1    doub N N 120 
U   P     OP2    sing N N 121 
U   P     "O5'"  sing N N 122 
U   OP2   HOP2   sing N N 123 
U   "O5'" "C5'"  sing N N 124 
U   "C5'" "C4'"  sing N N 125 
U   "C5'" "H5'"  sing N N 126 
U   "C5'" "H5''" sing N N 127 
U   "C4'" "O4'"  sing N N 128 
U   "C4'" "C3'"  sing N N 129 
U   "C4'" "H4'"  sing N N 130 
U   "O4'" "C1'"  sing N N 131 
U   "C3'" "O3'"  sing N N 132 
U   "C3'" "C2'"  sing N N 133 
U   "C3'" "H3'"  sing N N 134 
U   "O3'" "HO3'" sing N N 135 
U   "C2'" "O2'"  sing N N 136 
U   "C2'" "C1'"  sing N N 137 
U   "C2'" "H2'"  sing N N 138 
U   "O2'" "HO2'" sing N N 139 
U   "C1'" N1     sing N N 140 
U   "C1'" "H1'"  sing N N 141 
U   N1    C2     sing N N 142 
U   N1    C6     sing N N 143 
U   C2    O2     doub N N 144 
U   C2    N3     sing N N 145 
U   N3    C4     sing N N 146 
U   N3    H3     sing N N 147 
U   C4    O4     doub N N 148 
U   C4    C5     sing N N 149 
U   C5    C6     doub N N 150 
U   C5    H5     sing N N 151 
U   C6    H6     sing N N 152 
# 
loop_
_ndb_struct_conf_na.entry_id 
_ndb_struct_conf_na.feature 
4U38 'double helix'        
4U38 'a-form double helix' 
# 
loop_
_ndb_struct_na_base_pair.model_number 
_ndb_struct_na_base_pair.i_label_asym_id 
_ndb_struct_na_base_pair.i_label_comp_id 
_ndb_struct_na_base_pair.i_label_seq_id 
_ndb_struct_na_base_pair.i_symmetry 
_ndb_struct_na_base_pair.j_label_asym_id 
_ndb_struct_na_base_pair.j_label_comp_id 
_ndb_struct_na_base_pair.j_label_seq_id 
_ndb_struct_na_base_pair.j_symmetry 
_ndb_struct_na_base_pair.shear 
_ndb_struct_na_base_pair.stretch 
_ndb_struct_na_base_pair.stagger 
_ndb_struct_na_base_pair.buckle 
_ndb_struct_na_base_pair.propeller 
_ndb_struct_na_base_pair.opening 
_ndb_struct_na_base_pair.pair_number 
_ndb_struct_na_base_pair.pair_name 
_ndb_struct_na_base_pair.i_auth_asym_id 
_ndb_struct_na_base_pair.i_auth_seq_id 
_ndb_struct_na_base_pair.i_PDB_ins_code 
_ndb_struct_na_base_pair.j_auth_asym_id 
_ndb_struct_na_base_pair.j_auth_seq_id 
_ndb_struct_na_base_pair.j_PDB_ins_code 
_ndb_struct_na_base_pair.hbond_type_28 
_ndb_struct_na_base_pair.hbond_type_12 
1 B G 1 1_555 A C 7 1_555 -0.334 -0.190 -0.270 -2.865  -1.276  0.968  1  B_G8:C7_A  B 8  ? A 7  ? 19 1 
1 B G 2 1_555 A C 6 1_555 -0.329 -0.217 -0.460 -13.569 -18.072 2.374  2  B_G9:C6_A  B 9  ? A 6  ? 19 1 
1 B U 3 1_555 A U 5 1_555 2.449  -1.657 0.184  -11.532 -9.360  7.099  3  B_U10:U5_A B 10 ? A 5  ? 16 1 
1 B G 4 1_555 A C 4 1_555 -0.770 -0.046 -0.231 -4.146  -18.536 -0.833 4  B_G11:C4_A B 11 ? A 4  ? 19 1 
1 B C 5 1_555 A G 3 1_555 0.302  -0.170 -0.127 1.003   -12.967 -1.536 5  B_C12:G3_A B 12 ? A 3  ? 19 1 
1 B U 6 1_555 A A 2 1_555 -0.162 -0.022 -0.113 -0.915  -8.254  3.109  6  B_U13:A2_A B 13 ? A 2  ? 20 1 
1 B A 7 1_555 A U 1 1_555 0.335  -0.066 -0.334 -6.682  -15.015 3.710  7  B_A14:U1_A B 14 ? A 1  ? 20 1 
1 C U 1 1_555 D A 7 1_555 0.019  -0.223 -0.243 1.391   -10.010 -0.434 8  C_U1:A14_D C 1  ? D 14 ? 20 1 
1 C A 2 1_555 D U 6 1_555 -0.021 -0.144 -0.179 1.700   -8.835  -0.174 9  C_A2:U13_D C 2  ? D 13 ? 20 1 
1 C G 3 1_555 D C 5 1_555 -0.388 -0.131 0.083  2.220   -11.002 1.510  10 C_G3:C12_D C 3  ? D 12 ? 19 1 
1 C C 4 1_555 D G 4 1_555 0.390  -0.229 -0.266 14.857  -21.054 2.910  11 C_C4:G11_D C 4  ? D 11 ? 19 1 
1 C U 5 1_555 D U 3 1_555 2.085  -1.797 0.424  0.572   -20.792 9.191  12 C_U5:U10_D C 5  ? D 10 ? 16 1 
1 C C 6 1_555 D G 2 1_555 0.180  -0.227 -0.112 8.116   -16.772 2.705  13 C_C6:G9_D  C 6  ? D 9  ? 19 1 
1 C C 7 1_555 D G 1 1_555 0.515  -0.202 0.109  0.495   -6.398  3.141  14 C_C7:G8_D  C 7  ? D 8  ? 19 1 
1 F G 1 1_555 E C 7 1_555 -0.170 -0.178 -0.310 -8.141  -5.753  -0.382 15 F_G8:C7_E  F 8  ? E 7  ? 19 1 
1 F G 2 1_555 E C 6 1_555 -0.118 -0.199 0.104  -2.809  -11.628 3.699  16 F_G9:C6_E  F 9  ? E 6  ? 19 1 
1 F U 3 1_555 E U 5 1_555 -0.682 -1.358 0.211  -1.809  -13.278 -4.621 17 F_U10:U5_E F 10 ? E 5  ? ?  ? 
1 F G 4 1_555 E C 4 1_555 -0.342 -0.133 -0.221 -3.324  -12.730 3.025  18 F_G11:C4_E F 11 ? E 4  ? 19 1 
1 F C 5 1_555 E G 3 1_555 0.248  -0.306 -0.174 0.599   -11.664 1.762  19 F_C12:G3_E F 12 ? E 3  ? 19 1 
1 F U 6 1_555 E A 2 1_555 0.100  -0.358 0.001  -1.158  -13.359 2.803  20 F_U13:A2_E F 13 ? E 2  ? 20 1 
1 F A 7 1_555 E U 1 1_555 0.295  -0.236 0.073  -2.742  -6.812  1.983  21 F_A14:U1_E F 14 ? E 1  ? 20 1 
1 G U 1 1_555 H A 7 1_555 -1.020 -0.143 -0.287 5.567   -1.993  -4.660 22 G_U1:A14_H G 1  ? H 14 ? 20 1 
1 G A 2 1_555 H U 6 1_555 -0.031 -0.264 0.040  -0.379  -10.481 -2.298 23 G_A2:U13_H G 2  ? H 13 ? 20 1 
1 G G 3 1_555 H C 5 1_555 -0.359 -0.189 -0.061 0.914   -14.957 2.779  24 G_G3:C12_H G 3  ? H 12 ? 19 1 
1 G C 4 1_555 H G 4 1_555 0.033  -0.250 0.042  6.382   -13.864 3.701  25 G_C4:G11_H G 4  ? H 11 ? 19 1 
1 G C 6 1_555 H G 2 1_555 0.058  -0.295 -0.174 2.198   -15.692 2.224  26 G_C6:G9_H  G 6  ? H 9  ? 19 1 
1 G C 7 1_555 H G 1 1_555 0.661  -0.355 -0.101 5.207   -3.658  2.637  27 G_C7:G8_H  G 7  ? H 8  ? 19 1 
# 
loop_
_ndb_struct_na_base_pair_step.model_number 
_ndb_struct_na_base_pair_step.i_label_asym_id_1 
_ndb_struct_na_base_pair_step.i_label_comp_id_1 
_ndb_struct_na_base_pair_step.i_label_seq_id_1 
_ndb_struct_na_base_pair_step.i_symmetry_1 
_ndb_struct_na_base_pair_step.j_label_asym_id_1 
_ndb_struct_na_base_pair_step.j_label_comp_id_1 
_ndb_struct_na_base_pair_step.j_label_seq_id_1 
_ndb_struct_na_base_pair_step.j_symmetry_1 
_ndb_struct_na_base_pair_step.i_label_asym_id_2 
_ndb_struct_na_base_pair_step.i_label_comp_id_2 
_ndb_struct_na_base_pair_step.i_label_seq_id_2 
_ndb_struct_na_base_pair_step.i_symmetry_2 
_ndb_struct_na_base_pair_step.j_label_asym_id_2 
_ndb_struct_na_base_pair_step.j_label_comp_id_2 
_ndb_struct_na_base_pair_step.j_label_seq_id_2 
_ndb_struct_na_base_pair_step.j_symmetry_2 
_ndb_struct_na_base_pair_step.shift 
_ndb_struct_na_base_pair_step.slide 
_ndb_struct_na_base_pair_step.rise 
_ndb_struct_na_base_pair_step.tilt 
_ndb_struct_na_base_pair_step.roll 
_ndb_struct_na_base_pair_step.twist 
_ndb_struct_na_base_pair_step.x_displacement 
_ndb_struct_na_base_pair_step.y_displacement 
_ndb_struct_na_base_pair_step.helical_rise 
_ndb_struct_na_base_pair_step.inclination 
_ndb_struct_na_base_pair_step.tip 
_ndb_struct_na_base_pair_step.helical_twist 
_ndb_struct_na_base_pair_step.step_number 
_ndb_struct_na_base_pair_step.step_name 
_ndb_struct_na_base_pair_step.i_auth_asym_id_1 
_ndb_struct_na_base_pair_step.i_auth_seq_id_1 
_ndb_struct_na_base_pair_step.i_PDB_ins_code_1 
_ndb_struct_na_base_pair_step.j_auth_asym_id_1 
_ndb_struct_na_base_pair_step.j_auth_seq_id_1 
_ndb_struct_na_base_pair_step.j_PDB_ins_code_1 
_ndb_struct_na_base_pair_step.i_auth_asym_id_2 
_ndb_struct_na_base_pair_step.i_auth_seq_id_2 
_ndb_struct_na_base_pair_step.i_PDB_ins_code_2 
_ndb_struct_na_base_pair_step.j_auth_asym_id_2 
_ndb_struct_na_base_pair_step.j_auth_seq_id_2 
_ndb_struct_na_base_pair_step.j_PDB_ins_code_2 
1 B G 1 1_555 A C 7 1_555 B G 2 1_555 A C 6 1_555 -0.101 -1.660 3.580 1.434  9.467  32.349  -4.441 0.414  2.983 16.546  -2.507  
33.700  1  BB_G8G9:C6C7_AA   B 8  ? A 7  ? B 9  ? A 6  ? 
1 B G 2 1_555 A C 6 1_555 B U 3 1_555 A U 5 1_555 0.303  -0.943 3.372 -4.807 7.345  45.021  -1.852 -0.808 3.142 9.485   6.208   
45.826  2  BB_G9U10:U5C6_AA  B 9  ? A 6  ? B 10 ? A 5  ? 
1 B U 3 1_555 A U 5 1_555 B G 4 1_555 A C 4 1_555 0.358  -1.691 2.800 10.241 19.039 16.153  -6.864 0.971  0.638 47.250  -25.416 
26.929  3  BB_U10G11:C4U5_AA B 10 ? A 5  ? B 11 ? A 4  ? 
1 B G 4 1_555 A C 4 1_555 B C 5 1_555 A G 3 1_555 0.103  -1.548 3.227 -0.646 4.830  33.382  -3.415 -0.278 2.977 8.354   1.116   
33.726  4  BB_G11C12:G3C4_AA B 11 ? A 4  ? B 12 ? A 3  ? 
1 B C 5 1_555 A G 3 1_555 B U 6 1_555 A A 2 1_555 0.549  -1.715 3.260 0.566  6.119  30.529  -4.304 -0.920 2.879 11.474  -1.061  
31.127  5  BB_C12U13:A2G3_AA B 12 ? A 3  ? B 13 ? A 2  ? 
1 B U 6 1_555 A A 2 1_555 B A 7 1_555 A U 1 1_555 -0.221 -0.991 3.502 2.594  8.101  35.201  -2.777 0.734  3.180 13.159  -4.213  
36.182  6  BB_U13A14:U1A2_AA B 13 ? A 2  ? B 14 ? A 1  ? 
1 B A 7 1_555 A U 1 1_555 C U 1 1_555 D A 7 1_555 -0.331 -2.148 3.310 -1.141 5.967  -21.423 3.099  -1.330 3.740 -15.651 -2.992  
-22.258 7  BC_A14U1:A14U1_DA B 14 ? A 1  ? C 1  ? D 14 ? 
1 C U 1 1_555 D A 7 1_555 C A 2 1_555 D U 6 1_555 0.100  -1.083 3.353 0.204  10.205 30.977  -3.666 -0.143 2.862 18.489  -0.370  
32.576  8  CC_U1A2:U13A14_DD C 1  ? D 14 ? C 2  ? D 13 ? 
1 C A 2 1_555 D U 6 1_555 C G 3 1_555 D C 5 1_555 0.418  -2.419 3.177 -3.208 5.542  25.680  -6.592 -1.668 2.537 12.228  7.079   
26.453  9  CC_A2G3:C12U13_DD C 2  ? D 13 ? C 3  ? D 12 ? 
1 C G 3 1_555 D C 5 1_555 C C 4 1_555 D G 4 1_555 -0.956 -1.571 2.934 -1.779 4.407  33.245  -3.351 1.400  2.755 7.654   3.090   
33.573  10 CC_G3C4:G11C12_DD C 3  ? D 12 ? C 4  ? D 11 ? 
1 C C 4 1_555 D G 4 1_555 C U 5 1_555 D U 3 1_555 0.190  -1.103 3.581 -2.636 12.052 41.040  -2.778 -0.537 3.133 16.739  3.662   
42.777  11 CC_C4U5:U10G11_DD C 4  ? D 11 ? C 5  ? D 10 ? 
1 C U 5 1_555 D U 3 1_555 C C 6 1_555 D G 2 1_555 -0.166 -1.295 2.907 9.316  6.160  22.949  -4.401 2.593  2.253 14.436  -21.831 
25.490  12 CC_U5C6:G9U10_DD  C 5  ? D 10 ? C 6  ? D 9  ? 
1 C C 6 1_555 D G 2 1_555 C C 7 1_555 D G 1 1_555 0.184  -1.847 3.406 -0.122 5.586  33.916  -3.998 -0.330 3.071 9.496   0.208   
34.360  13 CC_C6C7:G8G9_DD   C 6  ? D 9  ? C 7  ? D 8  ? 
1 F G 1 1_555 E C 7 1_555 F G 2 1_555 E C 6 1_555 -0.393 -1.823 3.100 -5.911 4.676  30.560  -4.167 -0.292 2.822 8.707   11.005  
31.454  14 FF_G8G9:C6C7_EE   F 8  ? E 7  ? F 9  ? E 6  ? 
1 F G 2 1_555 E C 6 1_555 F U 3 1_555 E U 5 1_555 -0.270 -1.713 3.123 -2.646 5.040  29.640  -4.229 0.025  2.813 9.738   5.113   
30.169  15 FF_G9U10:U5C6_EE  F 9  ? E 6  ? F 10 ? E 5  ? 
1 F U 3 1_555 E U 5 1_555 F G 4 1_555 E C 4 1_555 0.378  -1.395 3.185 3.312  12.569 33.648  -3.880 -0.185 2.543 20.776  -5.474  
36.004  16 FF_U10G11:C4U5_EE F 10 ? E 5  ? F 11 ? E 4  ? 
1 F G 4 1_555 E C 4 1_555 F C 5 1_555 E G 3 1_555 -0.563 -1.602 3.156 -1.673 5.470  30.446  -3.980 0.755  2.858 10.301  3.151   
30.966  17 FF_G11C12:G3C4_EE F 11 ? E 4  ? F 12 ? E 3  ? 
1 F C 5 1_555 E G 3 1_555 F U 6 1_555 E A 2 1_555 0.536  -1.303 3.231 0.331  8.126  33.722  -3.365 -0.852 2.855 13.760  -0.561  
34.661  18 FF_C12U13:A2G3_EE F 12 ? E 3  ? F 13 ? E 2  ? 
1 F U 6 1_555 E A 2 1_555 F A 7 1_555 E U 1 1_555 0.014  -1.333 3.258 -0.413 7.853  32.990  -3.488 -0.087 2.873 13.590  0.715   
33.889  19 FF_U13A14:U1A2_EE F 13 ? E 2  ? F 14 ? E 1  ? 
1 F A 7 1_555 E U 1 1_555 G U 1 1_555 H A 7 1_555 -0.601 -3.896 3.155 1.477  -1.170 -23.793 9.780  -0.999 2.994 2.832   3.576   
-23.866 20 FG_A14U1:A14U1_HE F 14 ? E 1  ? G 1  ? H 14 ? 
1 G U 1 1_555 H A 7 1_555 G A 2 1_555 H U 6 1_555 0.348  -1.632 3.503 -2.966 7.419  34.896  -3.744 -1.001 3.064 12.175  4.867   
35.772  21 GG_U1A2:U13A14_HH G 1  ? H 14 ? G 2  ? H 13 ? 
1 G A 2 1_555 H U 6 1_555 G G 3 1_555 H C 5 1_555 -0.765 -1.860 3.235 -1.936 7.018  29.322  -4.899 1.103  2.769 13.602  3.752   
30.193  22 GG_A2G3:C12U13_HH G 2  ? H 13 ? G 3  ? H 12 ? 
1 G G 3 1_555 H C 5 1_555 G C 4 1_555 H G 4 1_555 0.261  -1.451 3.051 -0.263 9.078  34.199  -3.565 -0.464 2.591 15.109  0.438   
35.350  23 GG_G3C4:G11C12_HH G 3  ? H 12 ? G 4  ? H 11 ? 
1 G C 4 1_555 H G 4 1_555 G C 6 1_555 H G 2 1_555 -0.186 -3.236 6.361 1.987  17.488 64.481  -4.222 0.314  5.419 16.079  -1.827  
66.590  24 GG_C4C6:G9G11_HH  G 4  ? H 11 ? G 6  ? H 9  ? 
1 G C 6 1_555 H G 2 1_555 G C 7 1_555 H G 1 1_555 0.183  -1.358 3.170 -0.461 6.541  35.278  -3.079 -0.359 2.878 10.678  0.752   
35.863  25 GG_C6C7:G8G9_HH   G 6  ? H 9  ? G 7  ? H 8  ? 
# 
_pdbx_audit_support.funding_organization   'Howard Hughes Medical Institute (HHMI)' 
_pdbx_audit_support.country                'United States' 
_pdbx_audit_support.grant_number           ? 
_pdbx_audit_support.ordinal                1 
# 
_pdbx_entity_nonpoly.entity_id   3 
_pdbx_entity_nonpoly.name        water 
_pdbx_entity_nonpoly.comp_id     HOH 
# 
_pdbx_initial_refinement_model.id               1 
_pdbx_initial_refinement_model.entity_id_list   ? 
_pdbx_initial_refinement_model.type             'experimental model' 
_pdbx_initial_refinement_model.source_name      PDB 
_pdbx_initial_refinement_model.accession_code   434D 
_pdbx_initial_refinement_model.details          ? 
# 
loop_
_pdbx_reflns_twin.domain_id 
_pdbx_reflns_twin.crystal_id 
_pdbx_reflns_twin.diffrn_id 
_pdbx_reflns_twin.type 
_pdbx_reflns_twin.operator 
_pdbx_reflns_twin.fraction 
1 1 1 ? 'H, K, L'     0.670 
2 1 1 ? '-H, -K, H+L' 0.330 
# 
